data_6TZ6
#
_entry.id   6TZ6
#
_cell.length_a   62.470
_cell.length_b   142.850
_cell.length_c   175.610
_cell.angle_alpha   90.00
_cell.angle_beta   90.00
_cell.angle_gamma   90.00
#
_symmetry.space_group_name_H-M   'P 21 21 21'
#
loop_
_entity.id
_entity.type
_entity.pdbx_description
1 polymer 'Serine/threonine-protein phosphatase'
2 polymer 'Calcineurin subunit B'
3 polymer 'FK506-binding protein 1'
4 non-polymer 'PHOSPHATE ION'
5 non-polymer 'ZINC ION'
6 non-polymer 'FE (III) ION'
7 non-polymer 1,2-ETHANEDIOL
8 non-polymer 'CALCIUM ION'
9 non-polymer 8-DEETHYL-8-[BUT-3-ENYL]-ASCOMYCIN
10 water water
#
loop_
_entity_poly.entity_id
_entity_poly.type
_entity_poly.pdbx_seq_one_letter_code
_entity_poly.pdbx_strand_id
1 'polypeptide(L)'
;MGSSHHHHHHSSGLVPRGSTDDGEKYSTVERAVKSVDPPATFKPKDEQVFYPNGKPNHQFLKQHFIHEGRLHEHQAIQIL
KQATHLLSKEPNLLSVPAPVTICGDVHGQYYDLMKLFEVGGDPASTKYLFLGDYVDRGSFSIECLLYLYSLKINYPDTFW
MLRGNHECRHLTEYFTFKNECLHKYSEELYEECLVSFNALPLAAIMNEQFFCVHGGLSPQLTSLDSLRKLHRFREPPTKG
LMCDLLWADPIEEYDDDNLDQEYVTNVVRGCSFAFTYKAACKFLDRTKLLSVIRAHEAQNAGYRMYKRTKTMGFPSLLTM
FSAPNYLDSYNNKAAVLKYENNVMNIRQFNASPHPYWLPHFMDVFTWSLPFVGEKVTDMLVSILNVCTEEELDEDLPFSE
AEIGVTPTTTT
;
A,D
2 'polypeptide(L)'
;MGANASILDGFIEDTNFSIEEIDRLRKRFMKLDKDGSGQIDKQEFLSIPGISSNPLATRLMDVFDKDGDGSIDFEEFITG
LSAFSGKSDNLNKLRFAFNIYDIDRDGYIGNGELFIVMKMMVGKNLKDEELQQIVDKTLMEADLDGDGKLNFEEFKNAVN
TDTIANTLTLNMF
;
B,E
3 'polypeptide(L)'
;GSHMSEELPQIEIVQEGDNTTFAKPGDTVTIHYDGKLTNGKEFDSSRKRGKPFTCTVGVGQVIKGWDISLTNNYGKGGAN
LPKISKGTKAILTIPPNLAYGPRGIPPIIGPNETLVFEVELLGVNGQ
;
C,F
#
loop_
_chem_comp.id
_chem_comp.type
_chem_comp.name
_chem_comp.formula
CA non-polymer 'CALCIUM ION' 'Ca 2'
EDO non-polymer 1,2-ETHANEDIOL 'C2 H6 O2'
FE non-polymer 'FE (III) ION' 'Fe 3'
FK5 non-polymer 8-DEETHYL-8-[BUT-3-ENYL]-ASCOMYCIN 'C44 H69 N O12'
PO4 non-polymer 'PHOSPHATE ION' 'O4 P -3'
ZN non-polymer 'ZINC ION' 'Zn 2'
#
# COMPACT_ATOMS: atom_id res chain seq x y z
N THR A 28 -25.80 -6.50 33.22
CA THR A 28 -24.49 -7.11 33.17
C THR A 28 -24.43 -8.05 31.96
N VAL A 29 -25.46 -8.88 31.79
CA VAL A 29 -25.59 -9.73 30.62
C VAL A 29 -26.70 -9.26 29.69
N GLU A 30 -27.72 -8.58 30.22
CA GLU A 30 -28.70 -7.89 29.40
C GLU A 30 -28.07 -6.62 28.82
N ARG A 31 -28.79 -6.00 27.89
CA ARG A 31 -28.29 -4.81 27.23
C ARG A 31 -28.63 -3.58 28.05
N ALA A 32 -27.63 -2.73 28.26
CA ALA A 32 -27.81 -1.53 29.08
C ALA A 32 -28.73 -0.50 28.44
N VAL A 33 -28.77 -0.44 27.11
CA VAL A 33 -29.61 0.52 26.40
C VAL A 33 -30.58 -0.29 25.54
N LYS A 34 -31.74 -0.65 26.10
CA LYS A 34 -32.64 -1.58 25.44
C LYS A 34 -33.43 -0.93 24.31
N SER A 35 -33.53 0.40 24.28
CA SER A 35 -34.21 1.10 23.19
C SER A 35 -33.44 1.04 21.87
N VAL A 36 -32.22 0.50 21.89
CA VAL A 36 -31.39 0.36 20.68
C VAL A 36 -31.63 -1.02 20.10
N ASP A 37 -32.04 -1.08 18.83
CA ASP A 37 -32.16 -2.35 18.14
C ASP A 37 -30.79 -3.03 17.99
N PRO A 38 -30.71 -4.34 18.20
CA PRO A 38 -29.43 -5.06 17.98
C PRO A 38 -29.24 -5.43 16.52
N PRO A 39 -28.00 -5.68 16.10
CA PRO A 39 -27.78 -6.09 14.70
C PRO A 39 -28.35 -7.46 14.40
N ALA A 40 -28.78 -7.63 13.15
CA ALA A 40 -29.17 -8.93 12.63
C ALA A 40 -27.94 -9.83 12.44
N THR A 41 -28.18 -11.07 12.05
CA THR A 41 -27.12 -12.09 11.98
C THR A 41 -26.10 -11.78 10.88
N PHE A 42 -24.86 -12.15 11.16
CA PHE A 42 -23.77 -12.08 10.20
C PHE A 42 -23.69 -13.32 9.32
N LYS A 43 -24.71 -14.20 9.35
CA LYS A 43 -24.67 -15.47 8.62
C LYS A 43 -26.08 -15.97 8.30
N PRO A 44 -26.77 -15.32 7.37
CA PRO A 44 -28.01 -15.91 6.85
C PRO A 44 -27.75 -17.13 5.97
N LYS A 45 -28.77 -17.97 5.86
CA LYS A 45 -28.62 -19.14 5.04
C LYS A 45 -28.72 -18.74 3.57
N ASP A 46 -28.19 -19.60 2.70
CA ASP A 46 -28.27 -19.35 1.26
C ASP A 46 -29.73 -19.16 0.82
N GLU A 47 -30.65 -19.96 1.37
CA GLU A 47 -32.05 -19.91 0.96
C GLU A 47 -32.70 -18.57 1.30
N GLN A 48 -32.14 -17.79 2.21
CA GLN A 48 -32.69 -16.46 2.46
C GLN A 48 -32.06 -15.41 1.56
N VAL A 49 -30.75 -15.48 1.29
CA VAL A 49 -30.11 -14.44 0.51
C VAL A 49 -30.47 -14.51 -0.98
N PHE A 50 -30.80 -15.68 -1.49
CA PHE A 50 -31.04 -15.84 -2.93
C PHE A 50 -32.41 -16.44 -3.16
N TYR A 51 -33.07 -15.98 -4.21
CA TYR A 51 -34.31 -16.60 -4.65
C TYR A 51 -33.98 -17.97 -5.23
N PRO A 52 -35.00 -18.83 -5.39
CA PRO A 52 -34.74 -20.15 -6.00
C PRO A 52 -34.06 -20.07 -7.36
N ASN A 53 -34.25 -18.97 -8.09
CA ASN A 53 -33.62 -18.83 -9.39
C ASN A 53 -32.16 -18.44 -9.29
N GLY A 54 -31.61 -18.24 -8.08
CA GLY A 54 -30.23 -17.87 -7.90
C GLY A 54 -29.94 -16.38 -7.90
N LYS A 55 -30.89 -15.54 -8.28
CA LYS A 55 -30.70 -14.10 -8.13
C LYS A 55 -30.85 -13.67 -6.68
N PRO A 56 -30.09 -12.66 -6.26
CA PRO A 56 -30.19 -12.17 -4.89
C PRO A 56 -31.59 -11.70 -4.56
N ASN A 57 -32.02 -12.00 -3.34
CA ASN A 57 -33.34 -11.62 -2.81
C ASN A 57 -33.20 -10.22 -2.25
N HIS A 58 -33.54 -9.23 -3.07
CA HIS A 58 -33.31 -7.85 -2.68
C HIS A 58 -34.25 -7.40 -1.56
N GLN A 59 -35.43 -7.99 -1.46
CA GLN A 59 -36.34 -7.62 -0.36
C GLN A 59 -35.80 -8.08 0.98
N PHE A 60 -35.22 -9.29 1.02
CA PHE A 60 -34.49 -9.72 2.20
C PHE A 60 -33.29 -8.84 2.50
N LEU A 61 -32.44 -8.57 1.50
CA LEU A 61 -31.21 -7.81 1.75
C LEU A 61 -31.52 -6.39 2.21
N LYS A 62 -32.60 -5.79 1.69
CA LYS A 62 -32.99 -4.45 2.13
C LYS A 62 -33.23 -4.40 3.63
N GLN A 63 -34.09 -5.29 4.16
CA GLN A 63 -34.37 -5.30 5.60
CA GLN A 63 -34.37 -5.29 5.59
C GLN A 63 -33.17 -5.77 6.39
N HIS A 64 -32.45 -6.77 5.86
CA HIS A 64 -31.31 -7.31 6.57
C HIS A 64 -30.23 -6.25 6.75
N PHE A 65 -30.00 -5.44 5.71
CA PHE A 65 -29.01 -4.38 5.86
C PHE A 65 -29.51 -3.22 6.70
N ILE A 66 -30.82 -2.99 6.75
CA ILE A 66 -31.33 -1.96 7.65
C ILE A 66 -30.92 -2.29 9.08
N HIS A 67 -30.92 -3.57 9.44
CA HIS A 67 -30.52 -3.98 10.78
C HIS A 67 -29.06 -4.40 10.89
N GLU A 68 -28.21 -3.93 9.98
CA GLU A 68 -26.77 -4.06 10.09
C GLU A 68 -26.33 -5.51 10.04
N GLY A 69 -27.17 -6.37 9.48
CA GLY A 69 -26.77 -7.74 9.20
C GLY A 69 -25.68 -7.80 8.15
N ARG A 70 -24.92 -8.89 8.19
CA ARG A 70 -23.90 -9.17 7.18
C ARG A 70 -24.21 -10.49 6.50
N LEU A 71 -23.54 -10.68 5.37
CA LEU A 71 -23.59 -11.90 4.56
C LEU A 71 -22.38 -12.78 4.87
N HIS A 72 -22.51 -14.09 4.59
CA HIS A 72 -21.34 -14.92 4.38
C HIS A 72 -20.55 -14.33 3.21
N GLU A 73 -19.23 -14.42 3.29
CA GLU A 73 -18.43 -13.82 2.22
C GLU A 73 -18.80 -14.41 0.85
N HIS A 74 -19.00 -15.74 0.78
CA HIS A 74 -19.26 -16.34 -0.52
C HIS A 74 -20.56 -15.82 -1.11
N GLN A 75 -21.54 -15.49 -0.26
CA GLN A 75 -22.79 -14.92 -0.78
C GLN A 75 -22.55 -13.54 -1.37
N ALA A 76 -21.74 -12.72 -0.70
CA ALA A 76 -21.51 -11.37 -1.18
C ALA A 76 -20.69 -11.40 -2.46
N ILE A 77 -19.69 -12.27 -2.52
CA ILE A 77 -18.92 -12.44 -3.76
C ILE A 77 -19.83 -12.90 -4.90
N GLN A 78 -20.79 -13.77 -4.60
CA GLN A 78 -21.73 -14.19 -5.64
C GLN A 78 -22.49 -13.01 -6.21
N ILE A 79 -22.93 -12.08 -5.36
CA ILE A 79 -23.65 -10.91 -5.86
C ILE A 79 -22.73 -10.02 -6.69
N LEU A 80 -21.51 -9.80 -6.21
CA LEU A 80 -20.52 -9.06 -6.99
C LEU A 80 -20.30 -9.69 -8.37
N LYS A 81 -20.18 -11.02 -8.42
CA LYS A 81 -19.88 -11.66 -9.71
C LYS A 81 -21.05 -11.60 -10.69
N GLN A 82 -22.30 -11.68 -10.20
CA GLN A 82 -23.44 -11.59 -11.11
C GLN A 82 -23.60 -10.16 -11.64
N ALA A 83 -23.41 -9.16 -10.78
CA ALA A 83 -23.44 -7.78 -11.26
C ALA A 83 -22.33 -7.50 -12.27
N THR A 84 -21.10 -7.97 -12.00
CA THR A 84 -20.00 -7.79 -12.96
C THR A 84 -20.33 -8.39 -14.32
N HIS A 85 -20.97 -9.55 -14.32
CA HIS A 85 -21.30 -10.20 -15.58
C HIS A 85 -22.30 -9.36 -16.37
N LEU A 86 -23.35 -8.86 -15.71
CA LEU A 86 -24.31 -8.00 -16.40
C LEU A 86 -23.67 -6.69 -16.85
N LEU A 87 -22.90 -6.05 -15.97
CA LEU A 87 -22.33 -4.75 -16.30
C LEU A 87 -21.34 -4.85 -17.45
N SER A 88 -20.49 -5.89 -17.43
CA SER A 88 -19.45 -6.03 -18.44
C SER A 88 -20.01 -6.18 -19.86
N LYS A 89 -21.28 -6.60 -20.02
CA LYS A 89 -21.95 -6.69 -21.33
C LYS A 89 -22.56 -5.36 -21.79
N GLU A 90 -22.71 -4.38 -20.91
CA GLU A 90 -23.33 -3.14 -21.32
C GLU A 90 -22.30 -2.26 -22.05
N PRO A 91 -22.75 -1.30 -22.83
CA PRO A 91 -21.81 -0.39 -23.50
C PRO A 91 -21.34 0.72 -22.57
N ASN A 92 -20.23 1.35 -22.98
CA ASN A 92 -19.72 2.54 -22.30
C ASN A 92 -20.80 3.60 -22.13
N LEU A 93 -21.65 3.77 -23.14
CA LEU A 93 -22.65 4.85 -23.21
C LEU A 93 -24.01 4.19 -23.28
N LEU A 94 -24.73 4.15 -22.15
CA LEU A 94 -26.03 3.52 -22.11
C LEU A 94 -27.06 4.34 -22.89
N SER A 95 -28.22 3.72 -23.17
CA SER A 95 -29.41 4.41 -23.67
C SER A 95 -30.55 4.22 -22.68
N VAL A 96 -30.99 5.29 -22.02
CA VAL A 96 -31.97 5.14 -20.94
C VAL A 96 -33.28 5.86 -21.28
N PRO A 97 -34.38 5.14 -21.45
CA PRO A 97 -35.63 5.77 -21.87
C PRO A 97 -36.36 6.42 -20.71
N ALA A 98 -37.16 7.40 -21.04
CA ALA A 98 -38.03 7.99 -20.03
C ALA A 98 -39.32 7.19 -19.95
N PRO A 99 -40.03 7.23 -18.81
CA PRO A 99 -39.73 7.92 -17.55
C PRO A 99 -38.62 7.23 -16.76
N VAL A 100 -37.82 7.98 -16.02
CA VAL A 100 -36.70 7.43 -15.25
C VAL A 100 -36.41 8.35 -14.07
N THR A 101 -36.03 7.76 -12.93
CA THR A 101 -35.54 8.51 -11.80
C THR A 101 -34.00 8.58 -11.87
N ILE A 102 -33.43 9.78 -11.86
CA ILE A 102 -31.97 9.96 -11.88
C ILE A 102 -31.48 10.39 -10.51
N CYS A 103 -30.40 9.76 -10.03
CA CYS A 103 -29.89 9.95 -8.68
C CYS A 103 -28.41 10.30 -8.69
N GLY A 104 -28.04 11.21 -7.81
CA GLY A 104 -26.66 11.57 -7.60
C GLY A 104 -26.03 10.75 -6.51
N ASP A 105 -25.04 11.35 -5.85
CA ASP A 105 -24.13 10.59 -4.97
C ASP A 105 -24.86 9.95 -3.81
N VAL A 106 -24.34 8.83 -3.34
CA VAL A 106 -24.86 8.15 -2.16
C VAL A 106 -23.81 8.09 -1.05
N HIS A 107 -22.56 7.77 -1.39
CA HIS A 107 -21.44 7.69 -0.44
C HIS A 107 -21.77 6.85 0.81
N GLY A 108 -22.23 5.62 0.57
CA GLY A 108 -22.46 4.67 1.65
C GLY A 108 -23.45 5.12 2.71
N GLN A 109 -24.30 6.10 2.41
CA GLN A 109 -25.31 6.55 3.37
C GLN A 109 -26.58 5.71 3.18
N TYR A 110 -26.45 4.44 3.56
CA TYR A 110 -27.48 3.44 3.29
C TYR A 110 -28.86 3.84 3.83
N TYR A 111 -28.91 4.49 4.98
CA TYR A 111 -30.20 4.84 5.54
C TYR A 111 -30.82 6.02 4.81
N ASP A 112 -30.02 6.83 4.13
CA ASP A 112 -30.64 7.78 3.22
C ASP A 112 -30.99 7.14 1.90
N LEU A 113 -30.32 6.03 1.53
CA LEU A 113 -30.70 5.34 0.31
C LEU A 113 -32.10 4.72 0.43
N MET A 114 -32.45 4.23 1.62
CA MET A 114 -33.80 3.72 1.84
C MET A 114 -34.84 4.80 1.55
N LYS A 115 -34.60 6.01 2.05
CA LYS A 115 -35.52 7.11 1.81
C LYS A 115 -35.59 7.43 0.31
N LEU A 116 -34.44 7.44 -0.36
CA LEU A 116 -34.38 7.73 -1.78
C LEU A 116 -35.35 6.87 -2.59
N PHE A 117 -35.38 5.56 -2.32
CA PHE A 117 -36.30 4.69 -3.04
C PHE A 117 -37.77 5.01 -2.74
N GLU A 118 -38.07 5.37 -1.49
CA GLU A 118 -39.41 5.85 -1.14
C GLU A 118 -39.79 7.05 -2.00
N VAL A 119 -38.87 8.01 -2.14
CA VAL A 119 -39.15 9.21 -2.89
C VAL A 119 -39.14 8.94 -4.39
N GLY A 120 -38.24 8.08 -4.86
CA GLY A 120 -38.06 7.92 -6.30
C GLY A 120 -38.98 6.92 -6.96
N GLY A 121 -39.61 6.02 -6.19
CA GLY A 121 -40.49 5.00 -6.72
C GLY A 121 -39.94 3.59 -6.49
N ASP A 122 -40.84 2.61 -6.49
CA ASP A 122 -40.48 1.18 -6.32
C ASP A 122 -39.75 0.66 -7.55
N PRO A 123 -38.54 0.14 -7.40
CA PRO A 123 -37.80 -0.38 -8.57
C PRO A 123 -38.53 -1.46 -9.36
N ALA A 124 -39.61 -2.04 -8.84
CA ALA A 124 -40.38 -3.02 -9.61
C ALA A 124 -41.17 -2.38 -10.72
N SER A 125 -41.35 -1.07 -10.68
CA SER A 125 -42.08 -0.39 -11.74
C SER A 125 -41.54 1.00 -12.02
N THR A 126 -40.33 1.33 -11.54
CA THR A 126 -39.69 2.61 -11.77
C THR A 126 -38.31 2.38 -12.36
N LYS A 127 -38.05 2.97 -13.52
CA LYS A 127 -36.69 3.01 -14.06
C LYS A 127 -35.79 3.85 -13.18
N TYR A 128 -34.52 3.43 -13.04
CA TYR A 128 -33.52 4.14 -12.26
C TYR A 128 -32.22 4.32 -13.04
N LEU A 129 -31.60 5.49 -12.87
CA LEU A 129 -30.25 5.78 -13.35
C LEU A 129 -29.49 6.46 -12.23
N PHE A 130 -28.50 5.75 -11.65
CA PHE A 130 -27.59 6.31 -10.66
C PHE A 130 -26.35 6.84 -11.37
N LEU A 131 -25.80 7.94 -10.87
CA LEU A 131 -24.69 8.63 -11.48
C LEU A 131 -23.35 8.35 -10.79
N GLY A 132 -23.27 7.33 -9.92
CA GLY A 132 -22.00 6.95 -9.33
C GLY A 132 -21.78 7.53 -7.94
N ASP A 133 -20.57 7.26 -7.42
CA ASP A 133 -20.15 7.57 -6.05
C ASP A 133 -21.04 6.88 -5.00
N TYR A 134 -21.13 5.56 -5.15
CA TYR A 134 -21.87 4.71 -4.21
C TYR A 134 -21.13 4.53 -2.89
N VAL A 135 -19.79 4.66 -2.89
CA VAL A 135 -18.96 4.17 -1.79
C VAL A 135 -18.15 5.31 -1.22
N ASP A 136 -17.41 5.02 -0.14
CA ASP A 136 -16.56 5.97 0.59
C ASP A 136 -17.36 6.95 1.44
N ARG A 137 -16.78 7.27 2.61
CA ARG A 137 -17.21 8.33 3.53
C ARG A 137 -18.30 7.86 4.50
N GLY A 138 -19.43 7.35 4.01
CA GLY A 138 -20.37 6.68 4.89
C GLY A 138 -19.88 5.30 5.28
N SER A 139 -20.36 4.79 6.41
CA SER A 139 -19.91 3.52 6.95
C SER A 139 -20.73 2.33 6.45
N PHE A 140 -21.57 2.53 5.44
CA PHE A 140 -22.40 1.47 4.91
C PHE A 140 -22.30 1.42 3.39
N SER A 141 -21.06 1.56 2.87
CA SER A 141 -20.83 1.51 1.42
C SER A 141 -21.10 0.12 0.85
N ILE A 142 -20.61 -0.94 1.51
CA ILE A 142 -20.77 -2.27 0.95
C ILE A 142 -22.25 -2.68 1.00
N GLU A 143 -23.00 -2.24 2.02
CA GLU A 143 -24.46 -2.45 1.98
C GLU A 143 -25.09 -1.71 0.79
N CYS A 144 -24.75 -0.42 0.61
CA CYS A 144 -25.26 0.31 -0.55
C CYS A 144 -24.91 -0.43 -1.84
N LEU A 145 -23.65 -0.80 -2.01
CA LEU A 145 -23.26 -1.43 -3.26
C LEU A 145 -23.93 -2.80 -3.48
N LEU A 146 -23.97 -3.64 -2.45
CA LEU A 146 -24.55 -4.97 -2.67
C LEU A 146 -26.04 -4.86 -2.93
N TYR A 147 -26.72 -3.92 -2.24
CA TYR A 147 -28.16 -3.71 -2.42
C TYR A 147 -28.48 -3.16 -3.81
N LEU A 148 -27.76 -2.13 -4.24
CA LEU A 148 -27.95 -1.60 -5.59
C LEU A 148 -27.69 -2.67 -6.64
N TYR A 149 -26.67 -3.51 -6.44
CA TYR A 149 -26.37 -4.52 -7.45
C TYR A 149 -27.47 -5.57 -7.47
N SER A 150 -28.06 -5.87 -6.30
CA SER A 150 -29.12 -6.88 -6.29
C SER A 150 -30.37 -6.37 -7.01
N LEU A 151 -30.61 -5.05 -7.01
CA LEU A 151 -31.65 -4.44 -7.85
C LEU A 151 -31.28 -4.54 -9.33
N LYS A 152 -30.05 -4.12 -9.68
CA LYS A 152 -29.53 -4.28 -11.03
C LYS A 152 -29.76 -5.70 -11.55
N ILE A 153 -29.37 -6.71 -10.78
CA ILE A 153 -29.51 -8.10 -11.21
C ILE A 153 -30.97 -8.49 -11.41
N ASN A 154 -31.85 -8.07 -10.50
CA ASN A 154 -33.26 -8.40 -10.65
C ASN A 154 -33.99 -7.51 -11.66
N TYR A 155 -33.45 -6.35 -11.99
CA TYR A 155 -34.13 -5.44 -12.91
C TYR A 155 -33.15 -4.91 -13.94
N PRO A 156 -32.44 -5.81 -14.64
CA PRO A 156 -31.32 -5.36 -15.50
C PRO A 156 -31.75 -4.47 -16.64
N ASP A 157 -32.99 -4.58 -17.12
CA ASP A 157 -33.50 -3.72 -18.21
C ASP A 157 -34.14 -2.42 -17.75
N THR A 158 -34.28 -2.15 -16.45
CA THR A 158 -34.91 -0.90 -16.03
C THR A 158 -34.12 -0.19 -14.95
N PHE A 159 -32.91 -0.67 -14.64
CA PHE A 159 -32.14 -0.18 -13.51
C PHE A 159 -30.70 -0.06 -13.99
N TRP A 160 -30.10 1.13 -13.86
CA TRP A 160 -28.78 1.37 -14.44
C TRP A 160 -27.89 2.18 -13.50
N MET A 161 -26.58 1.90 -13.59
CA MET A 161 -25.60 2.48 -12.67
C MET A 161 -24.38 2.95 -13.44
N LEU A 162 -24.03 4.22 -13.32
CA LEU A 162 -22.81 4.72 -13.91
C LEU A 162 -21.65 4.64 -12.91
N ARG A 163 -20.43 4.69 -13.43
CA ARG A 163 -19.27 4.81 -12.58
C ARG A 163 -19.07 6.26 -12.16
N GLY A 164 -18.79 6.47 -10.88
CA GLY A 164 -18.30 7.73 -10.38
C GLY A 164 -16.81 7.63 -10.05
N ASN A 165 -16.25 8.75 -9.64
CA ASN A 165 -14.79 8.75 -9.51
C ASN A 165 -14.33 7.98 -8.28
N HIS A 166 -15.22 7.72 -7.31
CA HIS A 166 -14.87 6.90 -6.15
C HIS A 166 -14.87 5.41 -6.41
N GLU A 167 -15.49 4.95 -7.51
CA GLU A 167 -15.50 3.53 -7.86
C GLU A 167 -14.20 3.14 -8.56
N CYS A 168 -13.11 3.16 -7.80
CA CYS A 168 -11.80 2.79 -8.34
C CYS A 168 -10.88 2.49 -7.15
N ARG A 169 -9.70 1.94 -7.45
CA ARG A 169 -8.81 1.49 -6.38
CA ARG A 169 -8.81 1.50 -6.37
C ARG A 169 -8.18 2.68 -5.64
N HIS A 170 -7.69 3.66 -6.39
CA HIS A 170 -6.97 4.78 -5.76
C HIS A 170 -7.80 5.48 -4.66
N LEU A 171 -9.06 5.85 -4.96
CA LEU A 171 -9.87 6.59 -4.00
C LEU A 171 -10.37 5.70 -2.84
N THR A 172 -10.85 4.49 -3.15
CA THR A 172 -11.29 3.59 -2.08
C THR A 172 -10.13 3.24 -1.13
N GLU A 173 -8.89 3.20 -1.64
CA GLU A 173 -7.73 3.02 -0.76
C GLU A 173 -7.55 4.24 0.14
N TYR A 174 -7.70 5.43 -0.45
CA TYR A 174 -7.40 6.68 0.23
C TYR A 174 -8.47 7.05 1.22
N PHE A 175 -9.74 6.70 0.95
CA PHE A 175 -10.83 7.06 1.84
C PHE A 175 -11.21 5.86 2.72
N THR A 176 -12.47 5.40 2.70
CA THR A 176 -12.93 4.42 3.69
C THR A 176 -13.30 3.04 3.16
N PHE A 177 -13.62 2.91 1.87
CA PHE A 177 -14.30 1.71 1.41
C PHE A 177 -13.44 0.47 1.52
N LYS A 178 -12.12 0.60 1.31
CA LYS A 178 -11.24 -0.56 1.45
C LYS A 178 -11.16 -1.00 2.91
N ASN A 179 -10.99 -0.06 3.84
CA ASN A 179 -11.04 -0.41 5.26
C ASN A 179 -12.38 -1.08 5.60
N GLU A 180 -13.46 -0.64 4.96
CA GLU A 180 -14.77 -1.24 5.21
C GLU A 180 -14.82 -2.69 4.73
N CYS A 181 -14.44 -2.95 3.47
CA CYS A 181 -14.43 -4.33 2.98
C CYS A 181 -13.51 -5.21 3.81
N LEU A 182 -12.32 -4.70 4.16
CA LEU A 182 -11.40 -5.52 4.95
C LEU A 182 -11.95 -5.81 6.34
N HIS A 183 -12.71 -4.88 6.92
CA HIS A 183 -13.21 -5.14 8.25
C HIS A 183 -14.41 -6.09 8.24
N LYS A 184 -15.33 -5.87 7.31
CA LYS A 184 -16.60 -6.58 7.29
C LYS A 184 -16.49 -7.92 6.54
N TYR A 185 -15.54 -8.01 5.60
CA TYR A 185 -15.36 -9.16 4.71
C TYR A 185 -13.86 -9.42 4.58
N SER A 186 -13.29 -9.22 3.41
CA SER A 186 -11.87 -9.50 3.19
C SER A 186 -11.36 -8.69 2.02
N GLU A 187 -10.05 -8.81 1.77
CA GLU A 187 -9.44 -8.19 0.60
C GLU A 187 -9.88 -8.86 -0.69
N GLU A 188 -10.14 -10.17 -0.66
CA GLU A 188 -10.68 -10.81 -1.85
C GLU A 188 -11.98 -10.14 -2.30
N LEU A 189 -12.89 -9.88 -1.36
CA LEU A 189 -14.11 -9.18 -1.72
C LEU A 189 -13.81 -7.79 -2.24
N TYR A 190 -12.88 -7.08 -1.59
CA TYR A 190 -12.50 -5.76 -2.07
C TYR A 190 -12.03 -5.80 -3.52
N GLU A 191 -11.13 -6.74 -3.84
CA GLU A 191 -10.72 -6.95 -5.24
C GLU A 191 -11.91 -7.24 -6.14
N GLU A 192 -12.89 -8.03 -5.68
CA GLU A 192 -14.02 -8.33 -6.56
C GLU A 192 -14.85 -7.07 -6.84
N CYS A 193 -14.99 -6.18 -5.84
CA CYS A 193 -15.68 -4.92 -6.05
C CYS A 193 -14.97 -4.09 -7.13
N LEU A 194 -13.63 -4.01 -7.05
CA LEU A 194 -12.87 -3.30 -8.07
C LEU A 194 -13.20 -3.85 -9.46
N VAL A 195 -13.26 -5.18 -9.61
CA VAL A 195 -13.62 -5.73 -10.91
C VAL A 195 -14.98 -5.20 -11.34
N SER A 196 -15.94 -5.14 -10.41
CA SER A 196 -17.26 -4.63 -10.76
C SER A 196 -17.24 -3.13 -11.07
N PHE A 197 -16.44 -2.33 -10.34
CA PHE A 197 -16.29 -0.90 -10.67
C PHE A 197 -15.76 -0.68 -12.09
N ASN A 198 -14.69 -1.41 -12.46
CA ASN A 198 -14.12 -1.30 -13.80
C ASN A 198 -15.11 -1.71 -14.87
N ALA A 199 -16.15 -2.46 -14.53
CA ALA A 199 -17.13 -2.83 -15.52
C ALA A 199 -18.28 -1.83 -15.62
N LEU A 200 -18.41 -0.90 -14.66
CA LEU A 200 -19.49 0.10 -14.71
C LEU A 200 -19.43 0.96 -15.98
N PRO A 201 -20.53 1.15 -16.68
CA PRO A 201 -20.60 2.11 -17.79
C PRO A 201 -20.21 3.52 -17.37
N LEU A 202 -19.81 4.32 -18.37
CA LEU A 202 -19.29 5.66 -18.08
C LEU A 202 -20.35 6.76 -18.17
N ALA A 203 -21.42 6.57 -18.92
CA ALA A 203 -22.31 7.67 -19.25
C ALA A 203 -23.60 7.11 -19.86
N ALA A 204 -24.59 7.98 -20.05
CA ALA A 204 -25.83 7.57 -20.67
C ALA A 204 -26.41 8.73 -21.47
N ILE A 205 -27.09 8.37 -22.56
CA ILE A 205 -28.02 9.25 -23.24
C ILE A 205 -29.41 8.90 -22.73
N MET A 206 -30.04 9.85 -22.03
CA MET A 206 -31.36 9.64 -21.45
C MET A 206 -32.42 10.26 -22.33
N ASN A 207 -33.34 9.43 -22.79
CA ASN A 207 -34.49 9.87 -23.61
C ASN A 207 -34.04 10.60 -24.88
N GLU A 208 -32.84 10.29 -25.38
CA GLU A 208 -32.28 10.94 -26.56
C GLU A 208 -32.26 12.46 -26.40
N GLN A 209 -32.21 12.93 -25.16
CA GLN A 209 -32.21 14.37 -24.87
C GLN A 209 -31.09 14.81 -23.95
N PHE A 210 -30.53 13.92 -23.12
CA PHE A 210 -29.62 14.34 -22.05
C PHE A 210 -28.36 13.50 -22.02
N PHE A 211 -27.23 14.16 -21.84
CA PHE A 211 -25.98 13.47 -21.59
C PHE A 211 -25.82 13.35 -20.08
N CYS A 212 -25.77 12.12 -19.58
CA CYS A 212 -25.69 11.84 -18.16
C CYS A 212 -24.33 11.25 -17.84
N VAL A 213 -23.66 11.80 -16.84
CA VAL A 213 -22.30 11.37 -16.51
C VAL A 213 -22.03 11.77 -15.06
N HIS A 214 -21.01 11.17 -14.45
CA HIS A 214 -20.76 11.52 -13.05
C HIS A 214 -20.17 12.91 -12.91
N GLY A 215 -19.14 13.24 -13.71
CA GLY A 215 -18.42 14.50 -13.54
C GLY A 215 -18.83 15.58 -14.53
N GLY A 216 -18.35 15.46 -15.75
CA GLY A 216 -18.86 16.33 -16.79
C GLY A 216 -18.13 16.18 -18.10
N LEU A 217 -17.88 17.30 -18.74
CA LEU A 217 -17.42 17.31 -20.10
C LEU A 217 -15.90 17.18 -20.12
N SER A 218 -15.31 17.10 -21.34
CA SER A 218 -13.87 16.87 -21.56
C SER A 218 -13.37 17.52 -22.85
N PRO A 219 -12.15 18.07 -22.88
CA PRO A 219 -11.64 18.57 -24.17
C PRO A 219 -11.52 17.49 -25.23
N GLN A 220 -11.39 16.22 -24.83
CA GLN A 220 -11.32 15.07 -25.73
C GLN A 220 -12.67 14.46 -26.07
N LEU A 221 -13.77 15.00 -25.54
CA LEU A 221 -15.10 14.50 -25.88
C LEU A 221 -15.56 15.12 -27.20
N THR A 222 -14.83 14.82 -28.26
CA THR A 222 -15.08 15.48 -29.54
C THR A 222 -16.43 15.05 -30.11
N SER A 223 -16.68 13.74 -30.10
CA SER A 223 -17.97 13.19 -30.46
C SER A 223 -18.36 12.15 -29.41
N LEU A 224 -19.60 11.68 -29.52
CA LEU A 224 -20.02 10.59 -28.65
C LEU A 224 -19.25 9.30 -28.95
N ASP A 225 -18.78 9.12 -30.19
CA ASP A 225 -17.98 7.95 -30.53
C ASP A 225 -16.66 7.90 -29.77
N SER A 226 -16.05 9.06 -29.51
CA SER A 226 -14.84 9.11 -28.66
C SER A 226 -15.06 8.35 -27.38
N LEU A 227 -16.24 8.49 -26.79
CA LEU A 227 -16.62 7.76 -25.59
C LEU A 227 -16.93 6.30 -25.91
N ARG A 228 -17.55 6.04 -27.07
CA ARG A 228 -17.86 4.67 -27.41
C ARG A 228 -16.60 3.84 -27.69
N LYS A 229 -15.49 4.47 -28.08
CA LYS A 229 -14.33 3.68 -28.46
C LYS A 229 -13.39 3.38 -27.28
N LEU A 230 -13.65 3.96 -26.12
CA LEU A 230 -12.77 3.76 -24.95
C LEU A 230 -12.79 2.31 -24.52
N HIS A 231 -11.61 1.81 -24.14
CA HIS A 231 -11.50 0.56 -23.40
C HIS A 231 -11.67 0.89 -21.91
N ARG A 232 -12.83 0.54 -21.35
CA ARG A 232 -13.16 1.06 -20.02
C ARG A 232 -12.81 0.12 -18.88
N PHE A 233 -12.52 -1.15 -19.14
CA PHE A 233 -12.30 -2.11 -18.05
C PHE A 233 -10.88 -1.92 -17.50
N ARG A 234 -10.73 -0.88 -16.69
CA ARG A 234 -9.44 -0.44 -16.19
C ARG A 234 -9.67 0.56 -15.06
N GLU A 235 -8.62 0.75 -14.26
CA GLU A 235 -8.62 1.88 -13.34
C GLU A 235 -8.56 3.18 -14.15
N PRO A 236 -9.24 4.22 -13.72
CA PRO A 236 -9.28 5.46 -14.50
C PRO A 236 -7.89 6.05 -14.66
N PRO A 237 -7.57 6.57 -15.84
CA PRO A 237 -6.24 7.15 -16.06
C PRO A 237 -6.03 8.44 -15.29
N THR A 238 -4.77 8.85 -15.23
CA THR A 238 -4.38 10.13 -14.61
C THR A 238 -5.01 11.33 -15.35
N LYS A 239 -5.25 11.18 -16.65
CA LYS A 239 -5.75 12.27 -17.48
C LYS A 239 -6.33 11.67 -18.76
N GLY A 240 -7.06 12.50 -19.50
CA GLY A 240 -7.75 12.08 -20.70
C GLY A 240 -9.26 11.92 -20.48
N LEU A 241 -9.93 11.50 -21.56
CA LEU A 241 -11.40 11.41 -21.60
C LEU A 241 -11.96 10.73 -20.36
N MET A 242 -11.54 9.49 -20.11
CA MET A 242 -12.12 8.69 -19.03
C MET A 242 -11.94 9.36 -17.67
N CYS A 243 -10.81 10.03 -17.45
CA CYS A 243 -10.63 10.76 -16.20
C CYS A 243 -11.61 11.93 -16.11
N ASP A 244 -11.72 12.71 -17.19
CA ASP A 244 -12.58 13.89 -17.22
C ASP A 244 -14.06 13.55 -16.99
N LEU A 245 -14.57 12.48 -17.59
CA LEU A 245 -15.99 12.14 -17.39
C LEU A 245 -16.30 11.90 -15.92
N LEU A 246 -15.34 11.34 -15.19
CA LEU A 246 -15.49 11.04 -13.79
C LEU A 246 -15.16 12.21 -12.90
N TRP A 247 -14.40 13.20 -13.38
CA TRP A 247 -13.79 14.19 -12.50
C TRP A 247 -14.15 15.64 -12.81
N ALA A 248 -14.63 15.94 -14.01
CA ALA A 248 -14.89 17.32 -14.44
C ALA A 248 -15.98 17.99 -13.60
N ASP A 249 -15.79 19.28 -13.31
CA ASP A 249 -16.78 20.21 -12.76
C ASP A 249 -17.05 21.37 -13.72
N PRO A 250 -18.19 22.04 -13.55
CA PRO A 250 -18.33 23.39 -14.11
C PRO A 250 -17.46 24.39 -13.32
N ILE A 251 -17.00 25.44 -14.02
CA ILE A 251 -16.31 26.52 -13.32
C ILE A 251 -17.25 27.15 -12.31
N GLU A 252 -16.67 27.67 -11.22
CA GLU A 252 -17.45 28.36 -10.19
C GLU A 252 -18.30 29.49 -10.76
N GLU A 253 -17.77 30.21 -11.75
CA GLU A 253 -18.45 31.36 -12.34
C GLU A 253 -19.22 30.97 -13.59
N TYR A 254 -19.67 29.70 -13.64
CA TYR A 254 -20.25 29.15 -14.87
C TYR A 254 -21.45 29.97 -15.34
N ASP A 255 -22.33 30.35 -14.42
CA ASP A 255 -23.52 31.09 -14.79
C ASP A 255 -23.19 32.50 -15.27
N ASP A 256 -22.11 33.10 -14.76
CA ASP A 256 -21.73 34.43 -15.19
C ASP A 256 -21.34 34.45 -16.66
N ASP A 257 -20.86 33.33 -17.20
CA ASP A 257 -20.51 33.19 -18.61
C ASP A 257 -19.59 34.32 -19.07
N ASN A 258 -18.45 34.45 -18.40
CA ASN A 258 -17.49 35.51 -18.68
C ASN A 258 -16.13 34.97 -19.09
N LEU A 259 -16.06 33.71 -19.53
CA LEU A 259 -14.84 33.12 -20.06
C LEU A 259 -15.06 32.76 -21.51
N ASP A 260 -14.05 33.00 -22.33
CA ASP A 260 -14.07 32.59 -23.73
C ASP A 260 -13.54 31.18 -23.94
N GLN A 261 -12.70 30.64 -23.03
CA GLN A 261 -12.23 29.26 -23.18
C GLN A 261 -13.36 28.26 -22.95
N GLU A 262 -13.15 27.07 -23.47
CA GLU A 262 -14.07 26.00 -23.16
C GLU A 262 -13.66 25.28 -21.88
N TYR A 263 -12.36 25.09 -21.69
CA TYR A 263 -11.86 24.23 -20.64
C TYR A 263 -10.70 24.92 -19.93
N VAL A 264 -10.62 24.71 -18.62
CA VAL A 264 -9.63 25.30 -17.74
C VAL A 264 -9.14 24.23 -16.75
N THR A 265 -7.89 24.36 -16.30
CA THR A 265 -7.33 23.39 -15.38
C THR A 265 -8.04 23.40 -14.03
N ASN A 266 -8.46 22.23 -13.58
CA ASN A 266 -9.27 22.10 -12.37
C ASN A 266 -8.34 22.03 -11.18
N VAL A 267 -7.97 23.20 -10.65
CA VAL A 267 -7.03 23.23 -9.53
C VAL A 267 -7.67 22.60 -8.29
N VAL A 268 -8.97 22.84 -8.10
CA VAL A 268 -9.69 22.29 -6.96
C VAL A 268 -9.59 20.78 -6.90
N ARG A 269 -9.92 20.10 -8.01
CA ARG A 269 -9.80 18.65 -8.00
C ARG A 269 -8.34 18.19 -8.03
N GLY A 270 -7.41 19.05 -8.47
CA GLY A 270 -6.03 18.63 -8.63
C GLY A 270 -5.84 17.66 -9.77
N CYS A 271 -6.81 17.54 -10.66
CA CYS A 271 -6.68 16.82 -11.91
C CYS A 271 -7.78 17.35 -12.83
N SER A 272 -7.68 16.99 -14.10
CA SER A 272 -8.82 17.15 -15.00
C SER A 272 -9.06 18.64 -15.29
N PHE A 273 -10.31 18.99 -15.62
CA PHE A 273 -10.67 20.33 -16.09
C PHE A 273 -11.95 20.80 -15.41
N ALA A 274 -12.11 22.13 -15.37
CA ALA A 274 -13.41 22.75 -15.16
C ALA A 274 -13.84 23.31 -16.51
N PHE A 275 -15.12 23.18 -16.83
CA PHE A 275 -15.64 23.57 -18.13
C PHE A 275 -16.63 24.72 -17.98
N THR A 276 -16.78 25.50 -19.04
CA THR A 276 -17.58 26.71 -18.99
C THR A 276 -18.92 26.49 -19.67
N TYR A 277 -19.81 27.50 -19.49
CA TYR A 277 -21.07 27.53 -20.22
C TYR A 277 -20.83 27.40 -21.73
N LYS A 278 -19.76 27.99 -22.24
CA LYS A 278 -19.52 27.89 -23.67
C LYS A 278 -19.19 26.45 -24.08
N ALA A 279 -18.44 25.73 -23.24
CA ALA A 279 -18.14 24.33 -23.56
C ALA A 279 -19.42 23.46 -23.56
N ALA A 280 -20.31 23.68 -22.60
CA ALA A 280 -21.55 22.91 -22.57
C ALA A 280 -22.41 23.18 -23.81
N CYS A 281 -22.55 24.47 -24.18
CA CYS A 281 -23.42 24.82 -25.30
C CYS A 281 -22.88 24.30 -26.62
N LYS A 282 -21.57 24.37 -26.83
CA LYS A 282 -21.04 23.84 -28.07
C LYS A 282 -21.20 22.34 -28.11
N PHE A 283 -21.02 21.68 -26.97
CA PHE A 283 -21.19 20.23 -26.92
C PHE A 283 -22.62 19.83 -27.20
N LEU A 284 -23.58 20.50 -26.55
CA LEU A 284 -25.00 20.16 -26.74
C LEU A 284 -25.42 20.39 -28.18
N ASP A 285 -24.87 21.43 -28.82
CA ASP A 285 -25.21 21.72 -30.21
CA ASP A 285 -25.21 21.72 -30.21
C ASP A 285 -24.69 20.64 -31.14
N ARG A 286 -23.42 20.25 -30.97
CA ARG A 286 -22.79 19.18 -31.73
C ARG A 286 -23.58 17.87 -31.67
N THR A 287 -23.87 17.39 -30.46
CA THR A 287 -24.52 16.10 -30.25
C THR A 287 -26.05 16.17 -30.31
N LYS A 288 -26.64 17.32 -30.63
CA LYS A 288 -28.09 17.49 -30.71
C LYS A 288 -28.79 17.08 -29.42
N LEU A 289 -28.25 17.53 -28.30
CA LEU A 289 -28.80 17.22 -26.99
C LEU A 289 -29.24 18.50 -26.28
N LEU A 290 -30.18 18.34 -25.35
CA LEU A 290 -30.82 19.42 -24.60
C LEU A 290 -30.01 19.86 -23.39
N SER A 291 -29.40 18.93 -22.68
CA SER A 291 -28.81 19.30 -21.40
C SER A 291 -27.83 18.23 -20.97
N VAL A 292 -27.01 18.58 -19.98
CA VAL A 292 -26.09 17.67 -19.31
C VAL A 292 -26.58 17.49 -17.88
N ILE A 293 -26.77 16.24 -17.46
CA ILE A 293 -27.15 15.88 -16.11
C ILE A 293 -25.99 15.12 -15.48
N ARG A 294 -25.52 15.61 -14.33
CA ARG A 294 -24.34 15.07 -13.66
C ARG A 294 -24.51 15.23 -12.14
N ALA A 295 -23.48 14.85 -11.38
CA ALA A 295 -23.50 14.89 -9.92
C ALA A 295 -22.21 15.48 -9.35
N HIS A 296 -21.48 14.71 -8.51
CA HIS A 296 -20.06 14.97 -8.24
C HIS A 296 -19.79 16.15 -7.30
N GLU A 297 -20.72 17.12 -7.19
CA GLU A 297 -20.57 18.27 -6.29
C GLU A 297 -21.77 18.41 -5.34
N ALA A 298 -21.49 18.46 -4.04
CA ALA A 298 -22.53 18.61 -3.03
C ALA A 298 -23.38 19.87 -3.26
N GLN A 299 -24.68 19.75 -3.03
CA GLN A 299 -25.60 20.87 -3.25
C GLN A 299 -26.48 21.03 -2.03
N ASN A 300 -26.51 22.25 -1.49
CA ASN A 300 -27.31 22.45 -0.28
C ASN A 300 -28.77 22.08 -0.52
N ALA A 301 -29.27 22.28 -1.72
CA ALA A 301 -30.66 22.03 -2.08
C ALA A 301 -30.87 20.65 -2.67
N GLY A 302 -29.79 19.88 -2.87
CA GLY A 302 -29.89 18.55 -3.45
C GLY A 302 -29.73 18.52 -4.95
N TYR A 303 -29.82 19.67 -5.60
CA TYR A 303 -29.74 19.78 -7.04
C TYR A 303 -29.39 21.23 -7.35
N ARG A 304 -29.03 21.48 -8.62
CA ARG A 304 -28.76 22.83 -9.06
C ARG A 304 -28.89 22.92 -10.57
N MET A 305 -29.69 23.87 -11.03
CA MET A 305 -29.91 24.10 -12.46
C MET A 305 -29.12 25.31 -12.91
N TYR A 306 -28.33 25.13 -13.97
CA TYR A 306 -27.43 26.20 -14.36
C TYR A 306 -28.00 26.94 -15.58
N LYS A 307 -27.26 27.94 -16.03
CA LYS A 307 -27.70 28.83 -17.09
C LYS A 307 -28.40 28.10 -18.24
N ARG A 308 -29.48 28.69 -18.71
CA ARG A 308 -30.32 28.06 -19.71
C ARG A 308 -29.69 28.15 -21.10
N THR A 309 -29.98 27.14 -21.93
CA THR A 309 -29.40 27.05 -23.27
C THR A 309 -29.95 28.14 -24.16
N LYS A 310 -29.06 28.78 -24.94
CA LYS A 310 -29.54 29.77 -25.90
C LYS A 310 -30.24 29.13 -27.08
N THR A 311 -30.09 27.82 -27.26
CA THR A 311 -30.67 27.13 -28.42
C THR A 311 -32.13 26.74 -28.16
N MET A 312 -32.43 26.15 -27.00
CA MET A 312 -33.77 25.62 -26.75
C MET A 312 -34.39 26.00 -25.40
N GLY A 313 -33.65 26.65 -24.51
CA GLY A 313 -34.22 27.11 -23.25
C GLY A 313 -34.12 26.15 -22.08
N PHE A 314 -33.78 24.88 -22.29
CA PHE A 314 -33.56 23.96 -21.19
C PHE A 314 -32.30 24.39 -20.41
N PRO A 315 -32.20 24.01 -19.12
CA PRO A 315 -30.93 24.17 -18.40
C PRO A 315 -29.78 23.50 -19.14
N SER A 316 -28.67 24.23 -19.27
CA SER A 316 -27.53 23.65 -19.98
C SER A 316 -26.91 22.54 -19.17
N LEU A 317 -27.05 22.64 -17.86
CA LEU A 317 -26.43 21.74 -16.90
C LEU A 317 -27.37 21.58 -15.73
N LEU A 318 -27.38 20.37 -15.18
CA LEU A 318 -28.10 20.04 -13.95
C LEU A 318 -27.19 19.17 -13.09
N THR A 319 -27.00 19.53 -11.82
CA THR A 319 -26.24 18.73 -10.86
C THR A 319 -27.20 18.12 -9.84
N MET A 320 -27.17 16.80 -9.72
CA MET A 320 -27.93 16.06 -8.72
C MET A 320 -27.01 15.56 -7.62
N PHE A 321 -27.54 15.50 -6.41
CA PHE A 321 -26.76 15.08 -5.26
C PHE A 321 -27.72 14.44 -4.27
N SER A 322 -27.57 13.12 -4.07
CA SER A 322 -28.57 12.33 -3.36
C SER A 322 -28.11 11.87 -1.98
N ALA A 323 -27.22 12.63 -1.33
CA ALA A 323 -26.67 12.30 -0.02
C ALA A 323 -27.02 13.42 0.94
N PRO A 324 -28.17 13.34 1.62
CA PRO A 324 -28.55 14.40 2.55
C PRO A 324 -27.68 14.37 3.78
N ASN A 325 -27.66 15.50 4.48
CA ASN A 325 -26.74 15.78 5.58
C ASN A 325 -25.42 15.05 5.34
N TYR A 326 -24.82 15.32 4.18
CA TYR A 326 -23.56 14.76 3.76
C TYR A 326 -22.55 14.77 4.90
N LEU A 327 -21.92 13.62 5.14
CA LEU A 327 -20.85 13.49 6.13
C LEU A 327 -21.32 13.84 7.52
N ASP A 328 -22.63 13.72 7.78
CA ASP A 328 -23.24 14.01 9.07
C ASP A 328 -23.04 15.47 9.51
N SER A 329 -22.53 16.36 8.65
CA SER A 329 -22.26 17.74 9.06
C SER A 329 -22.75 18.83 8.10
N TYR A 330 -23.05 18.55 6.83
CA TYR A 330 -23.42 19.59 5.86
C TYR A 330 -24.84 20.12 6.01
N ASN A 331 -25.75 19.36 6.63
CA ASN A 331 -27.17 19.73 6.80
C ASN A 331 -27.85 20.09 5.47
N ASN A 332 -27.40 19.50 4.38
CA ASN A 332 -27.93 19.76 3.04
C ASN A 332 -29.09 18.83 2.77
N LYS A 333 -30.01 19.31 1.94
CA LYS A 333 -31.03 18.40 1.43
C LYS A 333 -30.44 17.57 0.31
N ALA A 334 -31.13 16.47 0.01
CA ALA A 334 -30.82 15.66 -1.16
C ALA A 334 -31.96 15.75 -2.14
N ALA A 335 -31.70 15.37 -3.38
CA ALA A 335 -32.74 15.38 -4.39
C ALA A 335 -32.49 14.23 -5.36
N VAL A 336 -33.58 13.71 -5.92
CA VAL A 336 -33.54 12.88 -7.11
C VAL A 336 -34.39 13.56 -8.16
N LEU A 337 -34.21 13.15 -9.41
CA LEU A 337 -34.91 13.74 -10.56
C LEU A 337 -35.85 12.69 -11.15
N LYS A 338 -37.15 12.97 -11.09
CA LYS A 338 -38.15 12.09 -11.70
C LYS A 338 -38.53 12.72 -13.04
N TYR A 339 -37.99 12.20 -14.13
CA TYR A 339 -38.17 12.81 -15.43
C TYR A 339 -39.18 12.05 -16.25
N GLU A 340 -40.15 12.78 -16.80
CA GLU A 340 -41.18 12.23 -17.67
C GLU A 340 -41.81 13.38 -18.44
N ASN A 341 -42.60 13.04 -19.46
CA ASN A 341 -43.34 13.98 -20.29
C ASN A 341 -42.62 15.30 -20.54
N ASN A 342 -41.31 15.28 -20.73
CA ASN A 342 -40.53 16.51 -20.86
C ASN A 342 -40.63 17.38 -19.62
N VAL A 343 -40.82 16.76 -18.46
CA VAL A 343 -40.90 17.47 -17.19
C VAL A 343 -39.79 16.96 -16.28
N MET A 344 -39.11 17.89 -15.62
CA MET A 344 -38.11 17.56 -14.62
C MET A 344 -38.71 17.77 -13.22
N ASN A 345 -39.28 16.72 -12.62
CA ASN A 345 -39.81 16.79 -11.26
CA ASN A 345 -39.81 16.81 -11.26
C ASN A 345 -38.67 16.54 -10.29
N ILE A 346 -38.19 17.60 -9.65
CA ILE A 346 -37.15 17.48 -8.63
C ILE A 346 -37.81 17.12 -7.31
N ARG A 347 -37.42 16.00 -6.73
CA ARG A 347 -37.98 15.55 -5.45
CA ARG A 347 -37.98 15.55 -5.45
C ARG A 347 -36.84 15.55 -4.43
N GLN A 348 -36.98 16.40 -3.41
CA GLN A 348 -36.00 16.54 -2.35
C GLN A 348 -36.38 15.68 -1.14
N PHE A 349 -35.38 15.39 -0.31
CA PHE A 349 -35.66 14.72 0.95
C PHE A 349 -34.55 15.06 1.94
N ASN A 350 -34.88 14.96 3.22
CA ASN A 350 -33.93 15.22 4.29
C ASN A 350 -33.23 13.94 4.76
N ALA A 351 -32.23 14.11 5.62
CA ALA A 351 -31.48 12.98 6.15
C ALA A 351 -32.33 12.16 7.12
N SER A 352 -32.02 10.87 7.20
CA SER A 352 -32.61 9.93 8.13
C SER A 352 -31.55 9.45 9.12
N PRO A 353 -31.92 9.02 10.31
CA PRO A 353 -30.90 8.55 11.27
C PRO A 353 -30.26 7.26 10.80
N HIS A 354 -29.04 7.03 11.26
CA HIS A 354 -28.32 5.81 10.96
C HIS A 354 -27.53 5.36 12.18
N PRO A 355 -27.16 4.08 12.27
CA PRO A 355 -26.34 3.62 13.42
C PRO A 355 -24.95 4.23 13.42
N TYR A 356 -24.28 4.08 14.57
CA TYR A 356 -22.93 4.59 14.77
C TYR A 356 -21.83 3.56 14.50
N TRP A 357 -20.75 4.00 13.84
CA TRP A 357 -19.50 3.26 13.67
C TRP A 357 -18.33 4.13 14.13
N LEU A 358 -17.35 3.54 14.81
CA LEU A 358 -16.12 4.26 15.08
C LEU A 358 -15.37 4.55 13.77
N PRO A 359 -14.52 5.58 13.76
CA PRO A 359 -13.65 5.78 12.59
C PRO A 359 -12.80 4.54 12.36
N HIS A 360 -12.56 4.22 11.09
CA HIS A 360 -11.76 3.07 10.69
C HIS A 360 -12.43 1.74 11.07
N PHE A 361 -13.73 1.76 11.37
CA PHE A 361 -14.50 0.58 11.76
C PHE A 361 -13.88 -0.17 12.93
N MET A 362 -13.19 0.54 13.81
CA MET A 362 -12.62 -0.09 14.99
C MET A 362 -13.70 -0.74 15.85
N ASP A 363 -13.39 -1.92 16.40
CA ASP A 363 -14.19 -2.40 17.51
C ASP A 363 -13.78 -1.66 18.78
N VAL A 364 -14.49 -1.93 19.89
CA VAL A 364 -14.25 -1.17 21.11
C VAL A 364 -12.97 -1.61 21.82
N PHE A 365 -12.49 -2.83 21.57
CA PHE A 365 -11.24 -3.27 22.18
C PHE A 365 -10.05 -2.61 21.50
N THR A 366 -10.04 -2.64 20.16
CA THR A 366 -9.05 -1.87 19.42
C THR A 366 -9.11 -0.40 19.81
N TRP A 367 -10.31 0.13 20.04
CA TRP A 367 -10.47 1.56 20.33
C TRP A 367 -9.99 1.90 21.74
N SER A 368 -10.24 1.03 22.72
CA SER A 368 -10.00 1.40 24.12
C SER A 368 -8.70 0.86 24.69
N LEU A 369 -8.15 -0.22 24.14
CA LEU A 369 -6.99 -0.85 24.77
C LEU A 369 -5.76 0.05 24.89
N PRO A 370 -5.42 0.92 23.92
CA PRO A 370 -4.29 1.82 24.19
C PRO A 370 -4.51 2.67 25.42
N PHE A 371 -5.75 3.13 25.63
CA PHE A 371 -6.05 3.99 26.76
C PHE A 371 -6.10 3.20 28.05
N VAL A 372 -6.65 1.98 28.00
CA VAL A 372 -6.60 1.11 29.17
C VAL A 372 -5.17 0.96 29.65
N GLY A 373 -4.26 0.67 28.72
CA GLY A 373 -2.87 0.47 29.09
C GLY A 373 -2.24 1.71 29.70
N GLU A 374 -2.49 2.88 29.10
CA GLU A 374 -2.00 4.12 29.69
C GLU A 374 -2.55 4.30 31.10
N LYS A 375 -3.87 4.22 31.26
CA LYS A 375 -4.46 4.50 32.57
C LYS A 375 -4.03 3.50 33.62
N VAL A 376 -3.99 2.21 33.28
CA VAL A 376 -3.58 1.21 34.26
C VAL A 376 -2.12 1.42 34.66
N THR A 377 -1.24 1.47 33.66
CA THR A 377 0.19 1.68 33.90
C THR A 377 0.45 2.87 34.81
N ASP A 378 -0.18 4.02 34.51
CA ASP A 378 -0.04 5.20 35.36
C ASP A 378 -0.26 4.87 36.83
N MET A 379 -1.32 4.09 37.12
CA MET A 379 -1.55 3.67 38.50
C MET A 379 -0.49 2.69 38.97
N LEU A 380 -0.10 1.74 38.10
CA LEU A 380 0.92 0.79 38.50
C LEU A 380 2.28 1.44 38.71
N VAL A 381 2.50 2.63 38.16
CA VAL A 381 3.76 3.33 38.43
C VAL A 381 3.65 4.18 39.69
N SER A 382 2.47 4.73 39.98
CA SER A 382 2.30 5.45 41.24
C SER A 382 2.44 4.49 42.42
N ILE A 383 1.72 3.38 42.37
CA ILE A 383 1.86 2.34 43.39
C ILE A 383 3.33 1.95 43.56
N LEU A 384 4.09 1.92 42.46
CA LEU A 384 5.48 1.51 42.57
C LEU A 384 6.35 2.62 43.15
N ASN A 385 6.07 3.87 42.79
CA ASN A 385 6.91 4.99 43.23
C ASN A 385 6.53 5.52 44.62
N VAL A 386 5.79 4.76 45.43
CA VAL A 386 5.42 5.23 46.76
C VAL A 386 6.63 5.26 47.70
N CYS A 387 7.72 4.57 47.36
CA CYS A 387 8.90 4.47 48.21
C CYS A 387 10.15 4.97 47.50
N THR A 388 10.97 5.72 48.24
CA THR A 388 12.24 6.24 47.74
C THR A 388 13.16 5.10 47.32
N ILE B 19 13.59 -12.30 44.99
CA ILE B 19 13.18 -12.30 46.39
C ILE B 19 13.48 -10.94 47.03
N GLU B 20 14.50 -10.25 46.49
CA GLU B 20 14.78 -8.90 46.97
C GLU B 20 13.67 -7.95 46.57
N GLU B 21 13.14 -8.10 45.35
CA GLU B 21 12.00 -7.31 44.92
C GLU B 21 10.72 -7.72 45.65
N ILE B 22 10.59 -8.99 46.02
CA ILE B 22 9.39 -9.44 46.74
C ILE B 22 9.35 -8.80 48.12
N ASP B 23 10.50 -8.59 48.75
CA ASP B 23 10.56 -7.82 49.99
C ASP B 23 10.37 -6.34 49.75
N ARG B 24 10.73 -5.86 48.56
CA ARG B 24 10.55 -4.44 48.23
C ARG B 24 9.06 -4.07 48.20
N LEU B 25 8.22 -4.93 47.64
CA LEU B 25 6.79 -4.63 47.60
C LEU B 25 6.15 -4.65 48.98
N ARG B 26 6.75 -5.35 49.96
CA ARG B 26 6.20 -5.38 51.30
C ARG B 26 6.23 -4.00 51.95
N LYS B 27 7.31 -3.24 51.73
CA LYS B 27 7.40 -1.91 52.31
C LYS B 27 6.60 -0.88 51.52
N ARG B 28 6.44 -1.09 50.21
CA ARG B 28 5.50 -0.25 49.45
C ARG B 28 4.08 -0.50 49.93
N PHE B 29 3.68 -1.77 50.04
CA PHE B 29 2.35 -2.11 50.54
C PHE B 29 2.13 -1.56 51.94
N MET B 30 3.14 -1.66 52.80
CA MET B 30 2.98 -1.24 54.18
C MET B 30 2.82 0.27 54.29
N LYS B 31 3.51 1.03 53.45
CA LYS B 31 3.26 2.46 53.40
C LYS B 31 1.89 2.77 52.81
N LEU B 32 1.29 1.85 52.07
CA LEU B 32 -0.04 2.05 51.51
C LEU B 32 -1.10 1.40 52.39
N ILE B 40 -5.25 -3.24 51.45
CA ILE B 40 -5.58 -1.83 51.24
C ILE B 40 -7.08 -1.68 51.00
N ASP B 41 -7.70 -0.77 51.75
CA ASP B 41 -9.14 -0.50 51.62
C ASP B 41 -9.42 0.31 50.36
N LYS B 42 -10.70 0.36 49.97
CA LYS B 42 -11.09 1.18 48.82
C LYS B 42 -10.89 2.66 49.10
N GLN B 43 -10.99 3.08 50.36
CA GLN B 43 -10.69 4.46 50.72
C GLN B 43 -9.19 4.70 50.73
N GLU B 44 -8.42 3.74 51.24
CA GLU B 44 -6.96 3.85 51.22
C GLU B 44 -6.42 3.88 49.79
N PHE B 45 -7.06 3.15 48.87
CA PHE B 45 -6.54 2.96 47.51
C PHE B 45 -6.57 4.26 46.70
N LEU B 46 -7.69 4.99 46.74
CA LEU B 46 -7.80 6.25 46.01
C LEU B 46 -6.83 7.31 46.54
N SER B 47 -6.31 7.13 47.75
CA SER B 47 -5.35 8.09 48.29
C SER B 47 -4.07 8.15 47.47
N ILE B 48 -3.73 7.06 46.77
CA ILE B 48 -2.51 7.03 45.97
C ILE B 48 -2.55 8.17 44.97
N PRO B 49 -1.43 8.87 44.73
CA PRO B 49 -1.47 10.04 43.84
C PRO B 49 -1.90 9.67 42.43
N GLY B 50 -2.82 10.46 41.88
CA GLY B 50 -3.30 10.25 40.53
C GLY B 50 -4.42 9.23 40.39
N ILE B 51 -4.52 8.27 41.31
CA ILE B 51 -5.58 7.27 41.24
C ILE B 51 -6.96 7.91 41.43
N SER B 52 -7.01 9.06 42.11
CA SER B 52 -8.30 9.69 42.39
C SER B 52 -9.01 10.11 41.11
N SER B 53 -8.26 10.56 40.11
CA SER B 53 -8.85 11.07 38.88
C SER B 53 -8.81 10.05 37.75
N ASN B 54 -8.41 8.81 38.03
CA ASN B 54 -8.24 7.80 37.00
C ASN B 54 -9.55 7.09 36.71
N PRO B 55 -10.03 7.05 35.46
CA PRO B 55 -11.34 6.44 35.19
C PRO B 55 -11.38 4.95 35.41
N LEU B 56 -10.24 4.27 35.40
CA LEU B 56 -10.17 2.84 35.67
C LEU B 56 -9.76 2.53 37.10
N ALA B 57 -9.90 3.50 38.01
CA ALA B 57 -9.48 3.28 39.39
C ALA B 57 -10.24 2.11 40.01
N THR B 58 -11.57 2.12 39.92
CA THR B 58 -12.33 1.04 40.54
C THR B 58 -12.11 -0.28 39.80
N ARG B 59 -12.02 -0.26 38.48
CA ARG B 59 -11.76 -1.50 37.74
C ARG B 59 -10.42 -2.13 38.14
N LEU B 60 -9.38 -1.31 38.32
CA LEU B 60 -8.08 -1.87 38.71
C LEU B 60 -8.15 -2.43 40.12
N MET B 61 -8.79 -1.71 41.05
CA MET B 61 -9.01 -2.21 42.41
C MET B 61 -9.62 -3.61 42.39
N ASP B 62 -10.71 -3.77 41.64
CA ASP B 62 -11.43 -5.04 41.60
C ASP B 62 -10.57 -6.17 41.05
N VAL B 63 -9.82 -5.93 39.98
CA VAL B 63 -9.03 -7.00 39.39
C VAL B 63 -7.99 -7.50 40.39
N PHE B 64 -7.28 -6.58 41.06
CA PHE B 64 -6.34 -6.98 42.11
C PHE B 64 -7.09 -7.67 43.25
N ASP B 65 -8.32 -7.22 43.54
CA ASP B 65 -9.16 -7.79 44.60
C ASP B 65 -9.73 -9.11 44.11
N LYS B 66 -8.91 -10.16 44.21
CA LYS B 66 -9.23 -11.41 43.53
C LYS B 66 -10.36 -12.17 44.22
N ASP B 67 -10.53 -11.99 45.54
CA ASP B 67 -11.57 -12.67 46.29
C ASP B 67 -12.80 -11.80 46.54
N GLY B 68 -12.86 -10.62 45.94
CA GLY B 68 -14.06 -9.79 45.99
C GLY B 68 -14.51 -9.41 47.39
N ASP B 69 -13.58 -9.24 48.32
CA ASP B 69 -13.94 -8.84 49.67
C ASP B 69 -13.85 -7.33 49.90
N GLY B 70 -13.40 -6.56 48.91
CA GLY B 70 -13.38 -5.12 49.00
C GLY B 70 -12.05 -4.50 49.37
N SER B 71 -11.03 -5.32 49.64
CA SER B 71 -9.69 -4.82 49.95
C SER B 71 -8.65 -5.73 49.30
N ILE B 72 -7.42 -5.24 49.18
CA ILE B 72 -6.36 -5.94 48.46
C ILE B 72 -5.38 -6.52 49.45
N ASP B 73 -5.17 -7.85 49.37
CA ASP B 73 -4.22 -8.55 50.23
C ASP B 73 -2.79 -8.29 49.78
N PHE B 74 -1.85 -8.64 50.65
CA PHE B 74 -0.45 -8.60 50.22
C PHE B 74 -0.16 -9.70 49.22
N GLU B 75 -0.93 -10.80 49.27
CA GLU B 75 -0.78 -11.84 48.26
C GLU B 75 -1.40 -11.41 46.93
N GLU B 76 -2.56 -10.75 46.99
CA GLU B 76 -3.16 -10.21 45.77
C GLU B 76 -2.31 -9.08 45.19
N PHE B 77 -1.69 -8.28 46.05
CA PHE B 77 -0.81 -7.20 45.62
C PHE B 77 0.34 -7.74 44.79
N ILE B 78 1.07 -8.71 45.33
CA ILE B 78 2.21 -9.26 44.60
C ILE B 78 1.73 -10.01 43.36
N THR B 79 0.71 -10.85 43.53
CA THR B 79 0.25 -11.70 42.43
C THR B 79 -0.22 -10.85 41.24
N GLY B 80 -1.06 -9.85 41.52
CA GLY B 80 -1.53 -9.00 40.44
C GLY B 80 -0.43 -8.18 39.78
N LEU B 81 0.52 -7.68 40.58
CA LEU B 81 1.65 -6.99 39.99
C LEU B 81 2.51 -7.93 39.15
N SER B 82 2.63 -9.19 39.57
CA SER B 82 3.52 -10.14 38.89
C SER B 82 3.16 -10.32 37.43
N ALA B 83 1.96 -9.92 37.01
CA ALA B 83 1.61 -10.00 35.61
C ALA B 83 2.14 -8.81 34.81
N PHE B 84 2.83 -7.87 35.44
CA PHE B 84 3.38 -6.73 34.70
C PHE B 84 4.90 -6.62 34.86
N SER B 88 6.78 -12.53 33.60
CA SER B 88 5.84 -13.63 33.37
C SER B 88 5.49 -13.75 31.89
N ASP B 89 4.86 -14.87 31.52
CA ASP B 89 4.46 -15.09 30.13
C ASP B 89 3.47 -14.02 29.69
N ASN B 90 3.24 -13.97 28.38
CA ASN B 90 2.24 -13.06 27.84
C ASN B 90 0.82 -13.45 28.22
N LEU B 91 0.60 -14.65 28.76
CA LEU B 91 -0.76 -15.10 29.04
C LEU B 91 -1.36 -14.35 30.22
N ASN B 92 -0.55 -14.05 31.23
CA ASN B 92 -1.07 -13.29 32.37
C ASN B 92 -1.42 -11.87 31.97
N LYS B 93 -0.74 -11.31 30.97
CA LYS B 93 -1.07 -9.98 30.51
C LYS B 93 -2.41 -9.98 29.76
N LEU B 94 -2.66 -11.01 28.94
CA LEU B 94 -3.96 -11.13 28.28
C LEU B 94 -5.07 -11.40 29.28
N ARG B 95 -4.79 -12.21 30.32
CA ARG B 95 -5.81 -12.49 31.33
C ARG B 95 -6.20 -11.22 32.09
N PHE B 96 -5.22 -10.38 32.42
CA PHE B 96 -5.54 -9.16 33.13
C PHE B 96 -6.40 -8.23 32.29
N ALA B 97 -6.04 -8.02 31.02
CA ALA B 97 -6.85 -7.15 30.16
C ALA B 97 -8.27 -7.67 30.07
N PHE B 98 -8.44 -8.99 30.00
CA PHE B 98 -9.78 -9.56 29.97
C PHE B 98 -10.55 -9.22 31.24
N ASN B 99 -9.94 -9.45 32.40
CA ASN B 99 -10.57 -9.21 33.70
C ASN B 99 -10.94 -7.74 33.93
N ILE B 100 -10.38 -6.80 33.18
CA ILE B 100 -10.81 -5.42 33.38
C ILE B 100 -12.22 -5.25 32.85
N TYR B 101 -12.57 -6.01 31.81
CA TYR B 101 -13.90 -5.94 31.25
C TYR B 101 -14.88 -6.91 31.90
N ASP B 102 -14.40 -8.00 32.51
CA ASP B 102 -15.26 -9.02 33.11
C ASP B 102 -15.55 -8.66 34.55
N ILE B 103 -16.58 -7.83 34.75
CA ILE B 103 -16.85 -7.24 36.06
C ILE B 103 -17.16 -8.33 37.10
N ASP B 104 -18.23 -9.11 36.87
CA ASP B 104 -18.60 -10.11 37.88
C ASP B 104 -17.63 -11.31 37.97
N ARG B 105 -16.46 -11.34 37.32
CA ARG B 105 -15.46 -12.39 37.48
C ARG B 105 -15.96 -13.77 37.05
N ASP B 106 -16.97 -13.81 36.17
CA ASP B 106 -17.58 -15.08 35.79
C ASP B 106 -16.89 -15.75 34.60
N GLY B 107 -15.90 -15.11 33.99
CA GLY B 107 -15.17 -15.71 32.88
C GLY B 107 -15.70 -15.38 31.50
N TYR B 108 -16.78 -14.62 31.41
CA TYR B 108 -17.30 -14.12 30.14
C TYR B 108 -17.40 -12.61 30.21
N ILE B 109 -17.19 -11.96 29.08
CA ILE B 109 -17.46 -10.54 28.95
C ILE B 109 -18.88 -10.41 28.43
N GLY B 110 -19.78 -9.93 29.28
CA GLY B 110 -21.15 -9.74 28.85
C GLY B 110 -21.36 -8.40 28.17
N ASN B 111 -22.43 -8.35 27.37
CA ASN B 111 -22.74 -7.15 26.61
C ASN B 111 -22.84 -5.93 27.53
N GLY B 112 -23.51 -6.10 28.68
CA GLY B 112 -23.70 -4.98 29.58
C GLY B 112 -22.43 -4.59 30.30
N GLU B 113 -21.62 -5.61 30.65
CA GLU B 113 -20.34 -5.33 31.28
C GLU B 113 -19.49 -4.48 30.37
N LEU B 114 -19.46 -4.84 29.09
CA LEU B 114 -18.68 -4.09 28.12
C LEU B 114 -19.16 -2.66 28.03
N PHE B 115 -20.49 -2.45 28.05
CA PHE B 115 -21.03 -1.10 28.00
C PHE B 115 -20.61 -0.29 29.23
N ILE B 116 -20.72 -0.90 30.41
CA ILE B 116 -20.43 -0.19 31.66
C ILE B 116 -18.97 0.24 31.72
N VAL B 117 -18.04 -0.66 31.38
CA VAL B 117 -16.61 -0.33 31.46
C VAL B 117 -16.23 0.69 30.40
N MET B 118 -16.81 0.57 29.20
CA MET B 118 -16.54 1.58 28.18
C MET B 118 -17.07 2.93 28.62
N LYS B 119 -18.24 2.92 29.28
CA LYS B 119 -18.82 4.17 29.73
C LYS B 119 -17.92 4.86 30.75
N MET B 120 -17.11 4.08 31.48
CA MET B 120 -16.18 4.71 32.43
C MET B 120 -15.10 5.49 31.71
N MET B 121 -14.71 5.07 30.50
CA MET B 121 -13.66 5.76 29.76
C MET B 121 -14.18 6.71 28.68
N VAL B 122 -15.41 6.52 28.19
CA VAL B 122 -15.84 7.31 27.04
C VAL B 122 -16.42 8.65 27.46
N GLY B 123 -16.98 8.73 28.66
CA GLY B 123 -17.46 10.01 29.17
C GLY B 123 -18.69 10.47 28.41
N LYS B 124 -18.76 11.77 28.16
CA LYS B 124 -19.84 12.34 27.36
C LYS B 124 -19.48 12.43 25.87
N ASN B 125 -18.48 11.67 25.42
CA ASN B 125 -18.02 11.79 24.03
C ASN B 125 -18.83 10.96 23.06
N LEU B 126 -19.61 10.00 23.57
CA LEU B 126 -20.59 9.26 22.79
C LEU B 126 -21.93 9.34 23.48
N LYS B 127 -22.99 9.36 22.69
CA LYS B 127 -24.32 9.15 23.25
C LYS B 127 -24.50 7.67 23.56
N ASP B 128 -25.34 7.38 24.57
CA ASP B 128 -25.56 6.00 24.99
C ASP B 128 -26.04 5.12 23.84
N GLU B 129 -26.93 5.63 22.98
CA GLU B 129 -27.33 4.85 21.81
C GLU B 129 -26.11 4.50 20.95
N GLU B 130 -25.21 5.47 20.75
CA GLU B 130 -24.02 5.21 19.94
C GLU B 130 -23.13 4.16 20.57
N LEU B 131 -22.89 4.27 21.89
CA LEU B 131 -22.02 3.33 22.58
C LEU B 131 -22.60 1.91 22.52
N GLN B 132 -23.90 1.76 22.78
CA GLN B 132 -24.53 0.45 22.73
C GLN B 132 -24.40 -0.19 21.35
N GLN B 133 -24.48 0.62 20.29
CA GLN B 133 -24.47 0.07 18.95
C GLN B 133 -23.11 -0.51 18.58
N ILE B 134 -22.03 0.17 18.97
CA ILE B 134 -20.70 -0.36 18.70
C ILE B 134 -20.28 -1.42 19.72
N VAL B 135 -20.86 -1.42 20.92
CA VAL B 135 -20.72 -2.58 21.80
C VAL B 135 -21.36 -3.81 21.15
N ASP B 136 -22.61 -3.65 20.67
CA ASP B 136 -23.30 -4.75 19.99
C ASP B 136 -22.49 -5.32 18.83
N LYS B 137 -22.01 -4.45 17.93
CA LYS B 137 -21.31 -4.93 16.75
C LYS B 137 -19.96 -5.56 17.11
N THR B 138 -19.30 -5.06 18.16
CA THR B 138 -18.06 -5.68 18.59
C THR B 138 -18.29 -7.13 19.00
N LEU B 139 -19.29 -7.36 19.86
CA LEU B 139 -19.55 -8.72 20.33
C LEU B 139 -20.01 -9.62 19.20
N MET B 140 -20.83 -9.09 18.30
CA MET B 140 -21.26 -9.94 17.19
C MET B 140 -20.08 -10.31 16.29
N GLU B 141 -19.02 -9.49 16.25
CA GLU B 141 -17.85 -9.88 15.48
C GLU B 141 -16.97 -10.87 16.23
N ALA B 142 -16.91 -10.78 17.55
CA ALA B 142 -15.97 -11.58 18.31
C ALA B 142 -16.59 -12.84 18.93
N ASP B 143 -17.91 -13.02 18.81
CA ASP B 143 -18.64 -14.11 19.48
C ASP B 143 -18.78 -15.29 18.51
N LEU B 144 -17.87 -16.26 18.63
CA LEU B 144 -17.85 -17.36 17.66
C LEU B 144 -18.94 -18.39 17.96
N ASP B 145 -19.09 -18.80 19.23
CA ASP B 145 -20.02 -19.88 19.57
C ASP B 145 -21.48 -19.47 19.63
N GLY B 146 -21.79 -18.17 19.65
CA GLY B 146 -23.16 -17.70 19.47
C GLY B 146 -23.92 -17.32 20.72
N ASP B 147 -23.28 -17.35 21.89
CA ASP B 147 -24.00 -17.13 23.15
C ASP B 147 -24.25 -15.66 23.46
N GLY B 148 -23.57 -14.74 22.77
CA GLY B 148 -23.75 -13.32 23.02
C GLY B 148 -22.78 -12.73 24.02
N LYS B 149 -21.96 -13.52 24.70
CA LYS B 149 -20.87 -12.99 25.48
C LYS B 149 -19.55 -13.54 24.95
N LEU B 150 -18.44 -13.06 25.50
CA LEU B 150 -17.10 -13.43 25.03
C LEU B 150 -16.36 -14.19 26.12
N ASN B 151 -16.01 -15.45 25.84
CA ASN B 151 -15.11 -16.14 26.76
C ASN B 151 -13.69 -15.66 26.52
N PHE B 152 -12.75 -16.19 27.32
CA PHE B 152 -11.37 -15.73 27.19
C PHE B 152 -10.80 -16.07 25.83
N GLU B 153 -11.23 -17.20 25.25
CA GLU B 153 -10.72 -17.62 23.95
C GLU B 153 -11.11 -16.62 22.86
N GLU B 154 -12.40 -16.25 22.81
CA GLU B 154 -12.87 -15.29 21.82
C GLU B 154 -12.25 -13.90 22.04
N PHE B 155 -12.02 -13.52 23.31
CA PHE B 155 -11.33 -12.25 23.58
C PHE B 155 -9.90 -12.27 23.05
N LYS B 156 -9.18 -13.39 23.25
CA LYS B 156 -7.81 -13.44 22.80
C LYS B 156 -7.73 -13.41 21.28
N ASN B 157 -8.73 -13.99 20.62
CA ASN B 157 -8.76 -13.99 19.16
C ASN B 157 -9.05 -12.60 18.61
N ALA B 158 -9.82 -11.79 19.32
CA ALA B 158 -10.28 -10.49 18.83
C ALA B 158 -9.31 -9.35 19.09
N VAL B 159 -8.27 -9.55 19.91
CA VAL B 159 -7.37 -8.47 20.26
C VAL B 159 -5.97 -8.79 19.74
N ASN B 160 -5.10 -7.79 19.83
CA ASN B 160 -3.69 -7.98 19.49
C ASN B 160 -2.98 -8.51 20.72
N THR B 161 -2.68 -9.82 20.70
CA THR B 161 -1.97 -10.44 21.81
C THR B 161 -0.65 -9.75 22.09
N ASP B 162 0.02 -9.27 21.03
CA ASP B 162 1.33 -8.64 21.20
C ASP B 162 1.21 -7.21 21.72
N THR B 163 0.34 -6.41 21.11
CA THR B 163 0.19 -5.03 21.58
C THR B 163 -0.11 -4.96 23.07
N ILE B 164 -0.84 -5.96 23.59
CA ILE B 164 -1.28 -5.90 24.99
C ILE B 164 -0.12 -6.18 25.94
N ALA B 165 0.65 -7.25 25.68
CA ALA B 165 1.75 -7.62 26.56
C ALA B 165 2.86 -6.59 26.51
N ASN B 166 3.03 -5.90 25.37
CA ASN B 166 4.05 -4.86 25.27
C ASN B 166 3.70 -3.65 26.12
N THR B 167 2.42 -3.26 26.15
CA THR B 167 2.01 -2.09 26.92
C THR B 167 2.33 -2.26 28.40
N LEU B 168 2.17 -3.47 28.92
CA LEU B 168 2.32 -3.74 30.34
C LEU B 168 3.79 -4.04 30.65
N THR B 169 4.39 -3.20 31.49
CA THR B 169 5.80 -3.33 31.86
C THR B 169 6.10 -2.54 33.12
N GLU C 7 11.30 21.11 21.09
CA GLU C 7 10.36 20.71 20.04
C GLU C 7 8.96 21.26 20.36
N LEU C 8 8.37 21.96 19.41
CA LEU C 8 7.07 22.57 19.56
C LEU C 8 6.18 22.24 18.37
N PRO C 9 4.86 22.35 18.52
CA PRO C 9 3.96 22.22 17.37
C PRO C 9 3.80 23.53 16.62
N GLN C 10 3.51 23.40 15.34
CA GLN C 10 3.27 24.56 14.48
C GLN C 10 1.79 24.93 14.51
N ILE C 11 1.51 26.20 14.77
CA ILE C 11 0.15 26.72 14.85
C ILE C 11 -0.04 27.79 13.79
N GLU C 12 -1.04 27.60 12.92
CA GLU C 12 -1.38 28.55 11.88
C GLU C 12 -2.80 29.03 12.11
N ILE C 13 -2.98 30.34 12.34
CA ILE C 13 -4.28 30.91 12.68
C ILE C 13 -5.07 31.11 11.39
N VAL C 14 -6.16 30.35 11.24
CA VAL C 14 -6.99 30.46 10.03
C VAL C 14 -7.97 31.63 10.17
N GLN C 15 -8.78 31.62 11.22
CA GLN C 15 -9.57 32.78 11.64
C GLN C 15 -9.30 33.02 13.11
N GLU C 16 -9.48 34.25 13.56
CA GLU C 16 -9.20 34.55 14.95
C GLU C 16 -10.49 34.74 15.73
N GLY C 17 -10.36 34.64 17.05
CA GLY C 17 -11.48 34.84 17.93
C GLY C 17 -11.42 36.17 18.64
N ASP C 18 -11.62 36.16 19.96
CA ASP C 18 -11.75 37.38 20.75
C ASP C 18 -10.42 37.97 21.19
N ASN C 19 -9.31 37.25 21.01
CA ASN C 19 -7.98 37.69 21.42
C ASN C 19 -7.88 37.92 22.92
N THR C 20 -8.96 37.65 23.65
CA THR C 20 -9.05 37.91 25.09
C THR C 20 -9.05 36.64 25.91
N THR C 21 -9.83 35.63 25.52
CA THR C 21 -10.01 34.40 26.30
C THR C 21 -9.04 33.32 25.85
N PHE C 22 -7.92 33.22 26.57
CA PHE C 22 -6.89 32.23 26.32
C PHE C 22 -6.97 31.13 27.38
N ALA C 23 -6.85 29.88 26.94
CA ALA C 23 -6.89 28.75 27.86
C ALA C 23 -5.57 28.67 28.63
N LYS C 24 -5.68 28.35 29.91
CA LYS C 24 -4.54 28.18 30.81
C LYS C 24 -4.53 26.77 31.37
N PRO C 25 -3.37 26.27 31.79
CA PRO C 25 -3.28 24.89 32.31
C PRO C 25 -4.31 24.61 33.40
N GLY C 26 -4.96 23.45 33.30
CA GLY C 26 -6.00 23.07 34.23
C GLY C 26 -7.40 23.48 33.84
N ASP C 27 -7.55 24.38 32.86
CA ASP C 27 -8.85 24.72 32.31
C ASP C 27 -9.39 23.57 31.47
N THR C 28 -10.71 23.58 31.27
CA THR C 28 -11.32 22.72 30.27
C THR C 28 -11.60 23.56 29.03
N VAL C 29 -11.64 22.89 27.88
CA VAL C 29 -11.97 23.54 26.63
C VAL C 29 -13.00 22.68 25.92
N THR C 30 -13.60 23.28 24.91
CA THR C 30 -14.53 22.56 24.04
C THR C 30 -14.13 22.91 22.62
N ILE C 31 -13.94 21.88 21.79
CA ILE C 31 -13.29 22.02 20.50
C ILE C 31 -14.03 21.17 19.49
N HIS C 32 -14.15 21.69 18.28
CA HIS C 32 -14.48 20.89 17.10
C HIS C 32 -13.22 20.74 16.26
N TYR C 33 -12.78 19.51 16.06
CA TYR C 33 -11.54 19.27 15.35
C TYR C 33 -11.76 18.27 14.23
N ASP C 34 -11.05 18.49 13.13
CA ASP C 34 -10.82 17.48 12.11
C ASP C 34 -9.33 17.16 12.15
N GLY C 35 -8.99 15.87 12.23
CA GLY C 35 -7.61 15.43 12.21
C GLY C 35 -7.28 14.72 10.91
N LYS C 36 -6.13 15.08 10.33
CA LYS C 36 -5.67 14.37 9.15
C LYS C 36 -4.15 14.27 9.17
N LEU C 37 -3.65 13.33 8.36
CA LEU C 37 -2.23 13.12 8.14
C LEU C 37 -1.72 14.10 7.10
N THR C 38 -0.38 14.25 7.02
CA THR C 38 0.20 15.22 6.08
C THR C 38 -0.19 14.92 4.63
N ASN C 39 -0.46 13.64 4.28
CA ASN C 39 -0.95 13.34 2.93
C ASN C 39 -2.41 13.72 2.71
N GLY C 40 -3.11 14.19 3.74
CA GLY C 40 -4.49 14.60 3.60
C GLY C 40 -5.52 13.59 4.06
N LYS C 41 -5.15 12.32 4.18
CA LYS C 41 -6.10 11.32 4.66
C LYS C 41 -6.54 11.70 6.06
N GLU C 42 -7.85 11.87 6.23
CA GLU C 42 -8.44 12.19 7.53
C GLU C 42 -8.51 10.93 8.39
N PHE C 43 -8.19 11.07 9.68
CA PHE C 43 -8.35 9.94 10.60
C PHE C 43 -9.48 10.09 11.62
N ASP C 44 -10.00 11.31 11.83
CA ASP C 44 -11.08 11.52 12.78
C ASP C 44 -11.66 12.92 12.58
N SER C 45 -12.89 13.11 13.06
CA SER C 45 -13.52 14.43 13.09
C SER C 45 -14.57 14.45 14.19
N SER C 46 -14.45 15.38 15.13
CA SER C 46 -15.53 15.55 16.10
C SER C 46 -16.80 16.05 15.43
N ARG C 47 -16.67 16.90 14.41
CA ARG C 47 -17.86 17.51 13.80
C ARG C 47 -18.76 16.46 13.17
N LYS C 48 -18.16 15.41 12.62
CA LYS C 48 -18.95 14.33 12.05
C LYS C 48 -19.68 13.54 13.13
N ARG C 49 -19.11 13.42 14.32
CA ARG C 49 -19.64 12.67 15.45
CA ARG C 49 -19.72 12.63 15.37
C ARG C 49 -20.76 13.41 16.19
N GLY C 50 -20.94 14.69 15.92
CA GLY C 50 -21.99 15.49 16.52
C GLY C 50 -21.78 15.90 17.96
N LYS C 51 -20.71 15.47 18.60
CA LYS C 51 -20.44 15.83 19.99
C LYS C 51 -19.12 16.58 20.05
N PRO C 52 -19.11 17.86 20.41
CA PRO C 52 -17.84 18.58 20.52
C PRO C 52 -16.97 17.93 21.58
N PHE C 53 -15.67 17.96 21.35
CA PHE C 53 -14.74 17.37 22.30
C PHE C 53 -14.57 18.31 23.47
N THR C 54 -14.56 17.75 24.67
CA THR C 54 -14.29 18.49 25.89
C THR C 54 -13.22 17.74 26.66
N CYS C 55 -12.27 18.47 27.23
CA CYS C 55 -11.17 17.87 27.95
C CYS C 55 -10.63 18.88 28.95
N THR C 56 -9.63 18.47 29.72
CA THR C 56 -8.86 19.40 30.53
C THR C 56 -7.46 19.52 29.93
N VAL C 57 -7.07 20.73 29.58
CA VAL C 57 -5.83 20.97 28.88
C VAL C 57 -4.71 21.23 29.88
N GLY C 58 -3.48 20.88 29.49
CA GLY C 58 -2.30 21.16 30.28
C GLY C 58 -1.94 20.11 31.31
N VAL C 59 -2.74 19.06 31.48
CA VAL C 59 -2.54 18.07 32.53
C VAL C 59 -2.03 16.75 31.98
N GLY C 60 -1.88 16.62 30.67
CA GLY C 60 -1.51 15.35 30.11
C GLY C 60 -2.68 14.41 29.87
N GLN C 61 -3.91 14.91 29.90
CA GLN C 61 -5.08 14.13 29.53
C GLN C 61 -5.30 14.08 28.02
N VAL C 62 -4.41 14.69 27.25
CA VAL C 62 -4.37 14.62 25.79
C VAL C 62 -2.92 14.58 25.37
N ILE C 63 -2.70 14.35 24.08
CA ILE C 63 -1.34 14.35 23.55
C ILE C 63 -0.68 15.70 23.78
N LYS C 64 0.65 15.69 23.89
CA LYS C 64 1.39 16.87 24.31
C LYS C 64 1.22 18.03 23.35
N GLY C 65 1.05 17.75 22.06
CA GLY C 65 0.82 18.83 21.11
C GLY C 65 -0.42 19.64 21.44
N TRP C 66 -1.47 18.97 21.92
CA TRP C 66 -2.69 19.70 22.26
C TRP C 66 -2.49 20.58 23.49
N ASP C 67 -1.83 20.05 24.53
CA ASP C 67 -1.57 20.85 25.72
C ASP C 67 -0.75 22.09 25.37
N ILE C 68 0.35 21.89 24.65
CA ILE C 68 1.22 23.01 24.27
C ILE C 68 0.46 24.02 23.42
N SER C 69 -0.29 23.55 22.42
CA SER C 69 -1.03 24.47 21.55
C SER C 69 -2.07 25.27 22.32
N LEU C 70 -2.83 24.61 23.21
CA LEU C 70 -3.97 25.24 23.83
C LEU C 70 -3.63 26.08 25.05
N THR C 71 -2.47 25.86 25.67
CA THR C 71 -2.04 26.66 26.81
C THR C 71 -0.83 27.54 26.47
N ASN C 72 -0.54 27.73 25.18
CA ASN C 72 0.60 28.53 24.73
C ASN C 72 1.89 28.03 25.38
N ASN C 73 2.13 26.72 25.28
CA ASN C 73 3.28 26.07 25.90
C ASN C 73 3.38 26.45 27.38
N TYR C 74 2.23 26.56 28.04
CA TYR C 74 2.14 26.96 29.44
C TYR C 74 2.74 28.36 29.65
N GLY C 75 2.55 29.24 28.67
CA GLY C 75 3.03 30.62 28.78
C GLY C 75 4.37 30.91 28.14
N LYS C 76 5.01 29.93 27.48
CA LYS C 76 6.35 30.08 26.90
C LYS C 76 6.32 29.69 25.40
N GLY C 77 5.79 30.58 24.57
CA GLY C 77 5.67 30.35 23.14
C GLY C 77 6.99 30.31 22.38
N GLY C 78 6.93 30.62 21.07
CA GLY C 78 8.08 30.53 20.20
C GLY C 78 7.74 30.73 18.73
N PRO C 82 2.42 31.15 19.29
CA PRO C 82 1.15 31.76 18.86
C PRO C 82 -0.07 31.32 19.68
N LYS C 83 -0.60 32.24 20.49
CA LYS C 83 -1.72 31.94 21.38
C LYS C 83 -2.99 31.64 20.59
N ILE C 84 -3.92 30.92 21.22
CA ILE C 84 -5.21 30.57 20.63
C ILE C 84 -6.32 31.04 21.56
N SER C 85 -7.21 31.87 21.04
CA SER C 85 -8.29 32.46 21.83
C SER C 85 -9.62 31.81 21.47
N LYS C 86 -10.61 31.96 22.36
CA LYS C 86 -11.91 31.37 22.09
C LYS C 86 -12.48 31.92 20.78
N GLY C 87 -13.06 31.03 19.99
CA GLY C 87 -13.51 31.41 18.68
C GLY C 87 -12.47 31.36 17.59
N THR C 88 -11.21 31.11 17.92
CA THR C 88 -10.19 30.92 16.91
C THR C 88 -10.36 29.58 16.23
N LYS C 89 -10.34 29.57 14.90
CA LYS C 89 -10.23 28.36 14.11
C LYS C 89 -8.77 28.27 13.68
N ALA C 90 -8.12 27.14 13.98
CA ALA C 90 -6.68 27.04 13.81
C ALA C 90 -6.32 25.76 13.08
N ILE C 91 -5.03 25.60 12.81
CA ILE C 91 -4.46 24.36 12.31
C ILE C 91 -3.22 24.06 13.13
N LEU C 92 -3.22 22.91 13.81
CA LEU C 92 -2.08 22.46 14.59
C LEU C 92 -1.35 21.36 13.83
N THR C 93 -0.09 21.59 13.50
CA THR C 93 0.78 20.56 12.93
C THR C 93 1.66 20.02 14.04
N ILE C 94 1.48 18.74 14.39
CA ILE C 94 2.06 18.19 15.61
C ILE C 94 3.05 17.08 15.24
N PRO C 95 4.31 17.17 15.65
CA PRO C 95 5.30 16.16 15.26
C PRO C 95 5.10 14.88 16.06
N PRO C 96 5.61 13.74 15.57
CA PRO C 96 5.26 12.45 16.21
C PRO C 96 5.65 12.38 17.67
N ASN C 97 6.80 12.96 18.03
CA ASN C 97 7.25 12.94 19.43
C ASN C 97 6.28 13.66 20.36
N LEU C 98 5.48 14.60 19.84
CA LEU C 98 4.45 15.31 20.59
C LEU C 98 3.07 14.71 20.37
N ALA C 99 3.01 13.54 19.74
CA ALA C 99 1.74 12.88 19.44
C ALA C 99 1.79 11.41 19.86
N TYR C 100 1.91 10.50 18.90
CA TYR C 100 1.85 9.07 19.20
C TYR C 100 3.15 8.36 18.85
N GLY C 101 4.25 9.11 18.68
CA GLY C 101 5.58 8.57 18.52
C GLY C 101 5.72 7.47 17.49
N PRO C 102 6.79 6.66 17.63
CA PRO C 102 6.98 5.53 16.72
C PRO C 102 5.98 4.40 16.90
N ARG C 103 5.34 4.31 18.07
CA ARG C 103 4.34 3.27 18.29
C ARG C 103 3.08 3.57 17.48
N GLY C 104 2.54 4.79 17.61
CA GLY C 104 1.29 5.14 16.99
C GLY C 104 0.09 4.54 17.68
N ILE C 105 -1.12 4.94 17.29
CA ILE C 105 -2.34 4.27 17.75
C ILE C 105 -2.89 3.45 16.58
N PRO C 106 -2.51 2.18 16.45
CA PRO C 106 -3.04 1.39 15.33
C PRO C 106 -4.47 1.03 15.57
N PRO C 107 -5.30 0.88 14.50
CA PRO C 107 -4.88 1.03 13.10
C PRO C 107 -5.21 2.40 12.61
N ILE C 108 -5.48 3.33 13.53
CA ILE C 108 -5.96 4.64 13.14
C ILE C 108 -4.82 5.64 12.88
N ILE C 109 -3.66 5.47 13.53
CA ILE C 109 -2.49 6.32 13.33
C ILE C 109 -1.24 5.44 13.24
N GLY C 110 -0.51 5.55 12.13
CA GLY C 110 0.66 4.74 11.93
C GLY C 110 1.86 5.24 12.71
N PRO C 111 3.03 4.64 12.46
CA PRO C 111 4.24 5.06 13.16
C PRO C 111 4.81 6.36 12.62
N ASN C 112 5.49 7.09 13.51
CA ASN C 112 6.24 8.31 13.17
C ASN C 112 5.40 9.27 12.33
N GLU C 113 4.10 9.35 12.64
CA GLU C 113 3.19 10.19 11.88
C GLU C 113 3.09 11.58 12.48
N THR C 114 3.11 12.59 11.59
CA THR C 114 2.82 13.96 11.95
C THR C 114 1.33 14.24 11.77
N LEU C 115 0.71 14.82 12.78
CA LEU C 115 -0.74 15.01 12.81
C LEU C 115 -1.11 16.47 12.58
N VAL C 116 -2.12 16.70 11.74
CA VAL C 116 -2.60 18.05 11.45
C VAL C 116 -4.06 18.12 11.90
N PHE C 117 -4.30 18.92 12.93
CA PHE C 117 -5.63 19.12 13.49
C PHE C 117 -6.14 20.49 13.07
N GLU C 118 -7.36 20.52 12.54
CA GLU C 118 -8.05 21.76 12.23
C GLU C 118 -9.03 21.96 13.39
N VAL C 119 -8.68 22.83 14.32
CA VAL C 119 -9.45 22.99 15.54
C VAL C 119 -10.18 24.33 15.52
N GLU C 120 -11.38 24.32 16.07
CA GLU C 120 -12.13 25.54 16.38
C GLU C 120 -12.41 25.52 17.87
N LEU C 121 -11.87 26.51 18.59
CA LEU C 121 -12.08 26.59 20.04
C LEU C 121 -13.47 27.18 20.27
N LEU C 122 -14.45 26.30 20.53
CA LEU C 122 -15.83 26.72 20.71
C LEU C 122 -16.06 27.35 22.08
N GLY C 123 -15.35 26.86 23.10
CA GLY C 123 -15.60 27.35 24.44
C GLY C 123 -14.47 27.04 25.39
N VAL C 124 -14.39 27.85 26.43
CA VAL C 124 -13.49 27.64 27.56
C VAL C 124 -14.34 27.74 28.82
N ASN C 125 -14.30 26.70 29.65
CA ASN C 125 -15.15 26.60 30.84
C ASN C 125 -16.65 26.70 30.49
N ARG D 31 36.14 8.77 -16.32
CA ARG D 31 35.77 7.66 -15.45
C ARG D 31 36.94 6.68 -15.22
N ALA D 32 36.93 6.03 -14.05
CA ALA D 32 38.05 5.18 -13.65
C ALA D 32 38.13 3.91 -14.49
N VAL D 33 36.98 3.29 -14.76
CA VAL D 33 36.94 2.05 -15.53
C VAL D 33 36.35 2.34 -16.90
N LYS D 34 37.21 2.63 -17.88
CA LYS D 34 36.78 2.94 -19.24
C LYS D 34 36.52 1.70 -20.08
N SER D 35 36.88 0.50 -19.59
CA SER D 35 36.57 -0.75 -20.29
C SER D 35 35.06 -0.99 -20.46
N VAL D 36 34.20 -0.31 -19.70
CA VAL D 36 32.77 -0.54 -19.76
C VAL D 36 32.09 0.70 -20.35
N ASP D 37 31.13 0.46 -21.24
CA ASP D 37 30.49 1.58 -21.93
C ASP D 37 29.45 2.23 -21.01
N PRO D 38 29.40 3.56 -21.01
CA PRO D 38 28.36 4.27 -20.26
C PRO D 38 27.02 4.06 -20.92
N PRO D 39 25.92 4.36 -20.23
CA PRO D 39 24.61 4.13 -20.84
C PRO D 39 24.30 5.22 -21.87
N ALA D 40 23.42 4.87 -22.81
CA ALA D 40 22.90 5.82 -23.79
C ALA D 40 22.01 6.85 -23.11
N THR D 41 21.64 7.88 -23.87
CA THR D 41 20.79 8.95 -23.36
C THR D 41 19.47 8.42 -22.80
N PHE D 42 18.89 9.20 -21.87
CA PHE D 42 17.57 8.92 -21.33
C PHE D 42 16.48 9.75 -22.02
N LYS D 43 16.82 10.43 -23.11
CA LYS D 43 15.87 11.32 -23.78
C LYS D 43 16.12 11.33 -25.29
N PRO D 44 15.67 10.30 -26.01
CA PRO D 44 15.72 10.33 -27.46
C PRO D 44 14.53 11.08 -28.07
N LYS D 45 14.77 11.60 -29.28
CA LYS D 45 13.76 12.34 -29.99
C LYS D 45 12.66 11.41 -30.50
N ASP D 46 11.46 11.96 -30.64
CA ASP D 46 10.34 11.15 -31.12
C ASP D 46 10.65 10.51 -32.46
N GLU D 47 11.41 11.22 -33.32
CA GLU D 47 11.74 10.73 -34.65
C GLU D 47 12.64 9.50 -34.62
N GLN D 48 13.43 9.33 -33.57
CA GLN D 48 14.20 8.11 -33.44
C GLN D 48 13.36 6.95 -32.94
N VAL D 49 12.37 7.23 -32.08
CA VAL D 49 11.68 6.16 -31.37
C VAL D 49 10.49 5.60 -32.15
N PHE D 50 9.94 6.37 -33.09
CA PHE D 50 8.78 5.95 -33.88
C PHE D 50 9.06 6.06 -35.38
N TYR D 51 8.75 4.98 -36.10
CA TYR D 51 8.68 5.00 -37.56
C TYR D 51 7.75 6.12 -38.03
N PRO D 52 7.89 6.53 -39.30
CA PRO D 52 7.00 7.61 -39.79
C PRO D 52 5.53 7.27 -39.69
N ASN D 53 5.16 5.99 -39.63
CA ASN D 53 3.76 5.58 -39.47
C ASN D 53 3.24 5.70 -38.04
N GLY D 54 4.03 6.18 -37.08
CA GLY D 54 3.58 6.27 -35.70
C GLY D 54 3.84 5.03 -34.86
N LYS D 55 4.13 3.89 -35.48
CA LYS D 55 4.43 2.67 -34.75
C LYS D 55 5.84 2.73 -34.19
N PRO D 56 6.10 2.04 -33.09
CA PRO D 56 7.44 2.12 -32.49
C PRO D 56 8.47 1.49 -33.39
N ASN D 57 9.62 2.14 -33.48
CA ASN D 57 10.80 1.65 -34.21
C ASN D 57 11.51 0.61 -33.35
N HIS D 58 11.16 -0.66 -33.52
CA HIS D 58 11.75 -1.71 -32.70
C HIS D 58 13.25 -1.86 -32.96
N GLN D 59 13.68 -1.65 -34.20
CA GLN D 59 15.11 -1.67 -34.50
C GLN D 59 15.86 -0.68 -33.62
N PHE D 60 15.36 0.54 -33.50
CA PHE D 60 16.00 1.51 -32.62
C PHE D 60 15.94 1.07 -31.17
N LEU D 61 14.76 0.65 -30.71
CA LEU D 61 14.59 0.32 -29.30
C LEU D 61 15.53 -0.81 -28.88
N LYS D 62 15.75 -1.78 -29.76
CA LYS D 62 16.64 -2.90 -29.44
C LYS D 62 18.02 -2.42 -29.05
N GLN D 63 18.67 -1.64 -29.91
CA GLN D 63 20.00 -1.12 -29.60
C GLN D 63 19.97 -0.19 -28.39
N HIS D 64 18.99 0.71 -28.37
CA HIS D 64 18.95 1.70 -27.30
C HIS D 64 18.81 1.03 -25.93
N PHE D 65 17.95 0.01 -25.84
CA PHE D 65 17.83 -0.69 -24.58
C PHE D 65 19.08 -1.51 -24.26
N ILE D 66 19.76 -2.03 -25.29
CA ILE D 66 21.01 -2.77 -25.04
C ILE D 66 22.01 -1.87 -24.32
N HIS D 67 22.03 -0.59 -24.67
CA HIS D 67 22.94 0.35 -24.05
C HIS D 67 22.32 1.08 -22.86
N GLU D 68 21.33 0.45 -22.20
CA GLU D 68 20.70 0.93 -20.97
C GLU D 68 20.07 2.31 -21.10
N GLY D 69 19.81 2.76 -22.33
CA GLY D 69 19.11 4.01 -22.52
C GLY D 69 17.65 3.93 -22.07
N ARG D 70 17.07 5.08 -21.80
CA ARG D 70 15.66 5.15 -21.42
C ARG D 70 14.88 5.99 -22.41
N LEU D 71 13.57 5.87 -22.36
CA LEU D 71 12.69 6.68 -23.18
C LEU D 71 12.15 7.83 -22.36
N HIS D 72 11.72 8.88 -23.07
CA HIS D 72 10.77 9.82 -22.49
C HIS D 72 9.53 9.06 -22.04
N GLU D 73 8.95 9.49 -20.93
CA GLU D 73 7.80 8.78 -20.39
C GLU D 73 6.64 8.76 -21.38
N HIS D 74 6.40 9.85 -22.11
CA HIS D 74 5.27 9.87 -23.05
C HIS D 74 5.53 8.95 -24.23
N GLN D 75 6.80 8.75 -24.59
CA GLN D 75 7.13 7.72 -25.57
C GLN D 75 6.82 6.33 -25.03
N ALA D 76 7.29 6.00 -23.82
CA ALA D 76 7.02 4.68 -23.28
C ALA D 76 5.52 4.46 -23.16
N ILE D 77 4.79 5.46 -22.64
CA ILE D 77 3.36 5.34 -22.46
C ILE D 77 2.65 5.18 -23.79
N GLN D 78 3.17 5.83 -24.84
CA GLN D 78 2.56 5.66 -26.15
C GLN D 78 2.70 4.21 -26.64
N ILE D 79 3.83 3.55 -26.38
CA ILE D 79 3.98 2.16 -26.79
C ILE D 79 2.98 1.28 -26.03
N LEU D 80 2.79 1.56 -24.74
CA LEU D 80 1.88 0.77 -23.93
C LEU D 80 0.43 0.91 -24.41
N LYS D 81 0.06 2.10 -24.90
CA LYS D 81 -1.32 2.33 -25.32
C LYS D 81 -1.61 1.64 -26.64
N GLN D 82 -0.65 1.64 -27.56
CA GLN D 82 -0.79 0.89 -28.81
C GLN D 82 -0.87 -0.61 -28.54
N ALA D 83 -0.04 -1.11 -27.63
CA ALA D 83 -0.10 -2.53 -27.26
C ALA D 83 -1.45 -2.89 -26.64
N THR D 84 -1.87 -2.15 -25.60
CA THR D 84 -3.17 -2.39 -24.98
C THR D 84 -4.30 -2.39 -26.01
N HIS D 85 -4.26 -1.47 -26.96
CA HIS D 85 -5.31 -1.38 -27.97
C HIS D 85 -5.40 -2.67 -28.78
N LEU D 86 -4.26 -3.18 -29.26
CA LEU D 86 -4.28 -4.45 -29.99
C LEU D 86 -4.69 -5.61 -29.10
N LEU D 87 -4.13 -5.66 -27.88
CA LEU D 87 -4.35 -6.82 -27.02
C LEU D 87 -5.81 -6.91 -26.61
N SER D 88 -6.43 -5.77 -26.35
CA SER D 88 -7.81 -5.74 -25.86
C SER D 88 -8.79 -6.26 -26.90
N LYS D 89 -8.41 -6.27 -28.17
CA LYS D 89 -9.26 -6.79 -29.23
C LYS D 89 -9.06 -8.27 -29.47
N GLU D 90 -8.01 -8.89 -28.87
CA GLU D 90 -7.77 -10.30 -29.12
C GLU D 90 -8.63 -11.15 -28.20
N PRO D 91 -9.00 -12.35 -28.65
CA PRO D 91 -9.82 -13.22 -27.80
C PRO D 91 -9.02 -13.76 -26.61
N ASN D 92 -9.75 -14.24 -25.60
CA ASN D 92 -9.13 -14.92 -24.46
C ASN D 92 -8.24 -16.08 -24.90
N LEU D 93 -8.67 -16.81 -25.93
CA LEU D 93 -7.97 -17.99 -26.42
C LEU D 93 -7.59 -17.75 -27.88
N LEU D 94 -6.29 -17.59 -28.13
CA LEU D 94 -5.78 -17.28 -29.46
C LEU D 94 -5.76 -18.54 -30.32
N SER D 95 -5.80 -18.31 -31.63
CA SER D 95 -5.50 -19.33 -32.63
C SER D 95 -4.14 -19.03 -33.23
N VAL D 96 -3.14 -19.86 -32.92
CA VAL D 96 -1.78 -19.61 -33.39
C VAL D 96 -1.34 -20.70 -34.35
N PRO D 97 -1.21 -20.41 -35.64
CA PRO D 97 -0.88 -21.45 -36.62
C PRO D 97 0.61 -21.72 -36.69
N ALA D 98 0.93 -22.97 -37.12
CA ALA D 98 2.32 -23.36 -37.29
C ALA D 98 2.82 -22.91 -38.66
N PRO D 99 4.14 -22.67 -38.84
CA PRO D 99 5.24 -22.83 -37.87
C PRO D 99 5.34 -21.67 -36.90
N VAL D 100 5.84 -21.92 -35.69
CA VAL D 100 5.86 -20.92 -34.63
C VAL D 100 7.00 -21.25 -33.68
N THR D 101 7.55 -20.21 -33.06
CA THR D 101 8.55 -20.32 -31.99
C THR D 101 7.85 -19.96 -30.69
N ILE D 102 7.90 -20.88 -29.72
CA ILE D 102 7.20 -20.76 -28.44
C ILE D 102 8.25 -20.59 -27.34
N CYS D 103 8.02 -19.64 -26.45
CA CYS D 103 9.05 -19.23 -25.49
C CYS D 103 8.47 -19.18 -24.07
N GLY D 104 9.26 -19.64 -23.12
CA GLY D 104 8.87 -19.63 -21.71
C GLY D 104 9.26 -18.33 -21.05
N ASP D 105 9.52 -18.42 -19.75
CA ASP D 105 9.67 -17.21 -18.95
C ASP D 105 10.87 -16.38 -19.40
N VAL D 106 10.73 -15.06 -19.27
CA VAL D 106 11.82 -14.14 -19.53
C VAL D 106 12.27 -13.46 -18.24
N HIS D 107 11.32 -12.96 -17.42
CA HIS D 107 11.62 -12.31 -16.14
C HIS D 107 12.67 -11.21 -16.27
N GLY D 108 12.43 -10.29 -17.20
CA GLY D 108 13.28 -9.10 -17.28
C GLY D 108 14.74 -9.35 -17.61
N GLN D 109 15.10 -10.53 -18.12
CA GLN D 109 16.49 -10.76 -18.54
C GLN D 109 16.58 -10.31 -20.00
N TYR D 110 16.81 -9.01 -20.15
CA TYR D 110 16.77 -8.40 -21.47
C TYR D 110 17.91 -8.89 -22.36
N TYR D 111 19.09 -9.12 -21.78
CA TYR D 111 20.21 -9.51 -22.63
C TYR D 111 20.14 -10.99 -23.01
N ASP D 112 19.35 -11.76 -22.31
CA ASP D 112 19.11 -13.13 -22.76
C ASP D 112 17.99 -13.17 -23.80
N LEU D 113 17.03 -12.26 -23.67
CA LEU D 113 16.00 -12.10 -24.69
C LEU D 113 16.59 -11.73 -26.05
N MET D 114 17.68 -10.95 -26.06
CA MET D 114 18.43 -10.76 -27.31
C MET D 114 18.91 -12.08 -27.86
N LYS D 115 19.48 -12.93 -26.99
CA LYS D 115 19.93 -14.24 -27.45
C LYS D 115 18.76 -15.05 -27.98
N LEU D 116 17.61 -14.97 -27.31
CA LEU D 116 16.43 -15.74 -27.72
C LEU D 116 16.06 -15.46 -29.18
N PHE D 117 15.98 -14.17 -29.56
CA PHE D 117 15.59 -13.87 -30.94
C PHE D 117 16.66 -14.30 -31.93
N GLU D 118 17.92 -14.32 -31.50
CA GLU D 118 18.97 -14.84 -32.36
C GLU D 118 18.71 -16.31 -32.68
N VAL D 119 18.14 -17.04 -31.72
CA VAL D 119 17.93 -18.49 -31.82
C VAL D 119 16.58 -18.82 -32.45
N GLY D 120 15.50 -18.18 -31.98
CA GLY D 120 14.18 -18.55 -32.46
C GLY D 120 13.85 -18.03 -33.85
N GLY D 121 14.56 -17.02 -34.34
CA GLY D 121 14.36 -16.55 -35.69
C GLY D 121 13.87 -15.12 -35.79
N ASP D 122 14.24 -14.43 -36.87
CA ASP D 122 13.90 -13.02 -37.06
C ASP D 122 12.37 -12.84 -37.09
N PRO D 123 11.81 -11.99 -36.23
CA PRO D 123 10.34 -11.87 -36.17
C PRO D 123 9.71 -11.42 -37.48
N ALA D 124 10.44 -10.67 -38.31
CA ALA D 124 9.91 -10.28 -39.61
C ALA D 124 9.53 -11.48 -40.46
N SER D 125 10.06 -12.67 -40.15
CA SER D 125 9.74 -13.86 -40.93
C SER D 125 9.58 -15.10 -40.07
N THR D 126 9.54 -14.95 -38.74
CA THR D 126 9.26 -16.04 -37.81
C THR D 126 8.08 -15.66 -36.95
N LYS D 127 7.15 -16.59 -36.78
CA LYS D 127 6.08 -16.36 -35.82
C LYS D 127 6.58 -16.65 -34.40
N TYR D 128 6.02 -15.93 -33.42
CA TYR D 128 6.38 -16.11 -32.02
C TYR D 128 5.14 -16.29 -31.15
N LEU D 129 5.27 -17.08 -30.07
CA LEU D 129 4.25 -17.20 -29.04
C LEU D 129 4.93 -17.25 -27.68
N PHE D 130 4.82 -16.18 -26.89
CA PHE D 130 5.37 -16.15 -25.55
C PHE D 130 4.32 -16.58 -24.52
N LEU D 131 4.77 -17.18 -23.42
CA LEU D 131 3.87 -17.75 -22.43
C LEU D 131 3.76 -16.92 -21.16
N GLY D 132 4.28 -15.70 -21.16
CA GLY D 132 4.16 -14.81 -20.00
C GLY D 132 5.38 -14.77 -19.12
N ASP D 133 5.23 -14.07 -18.00
CA ASP D 133 6.30 -13.82 -17.03
C ASP D 133 7.47 -13.08 -17.67
N TYR D 134 7.13 -11.90 -18.19
CA TYR D 134 8.08 -11.01 -18.80
C TYR D 134 8.82 -10.19 -17.77
N VAL D 135 8.18 -9.91 -16.63
CA VAL D 135 8.65 -8.92 -15.68
C VAL D 135 9.02 -9.56 -14.35
N ASP D 136 9.56 -8.75 -13.42
CA ASP D 136 10.01 -9.14 -12.08
C ASP D 136 11.33 -9.91 -12.07
N ARG D 137 12.15 -9.67 -11.04
CA ARG D 137 13.35 -10.42 -10.69
C ARG D 137 14.58 -9.91 -11.43
N GLY D 138 14.57 -9.96 -12.76
CA GLY D 138 15.58 -9.27 -13.52
C GLY D 138 15.35 -7.77 -13.54
N SER D 139 16.44 -7.02 -13.74
CA SER D 139 16.43 -5.57 -13.64
C SER D 139 16.12 -4.87 -14.96
N PHE D 140 15.70 -5.60 -15.98
CA PHE D 140 15.34 -5.01 -17.26
C PHE D 140 13.93 -5.41 -17.66
N SER D 141 13.00 -5.39 -16.71
CA SER D 141 11.62 -5.76 -17.02
C SER D 141 10.98 -4.79 -18.02
N ILE D 142 11.04 -3.47 -17.74
CA ILE D 142 10.38 -2.51 -18.63
C ILE D 142 10.98 -2.57 -20.03
N GLU D 143 12.31 -2.75 -20.13
CA GLU D 143 12.96 -2.95 -21.43
C GLU D 143 12.40 -4.17 -22.16
N CYS D 144 12.23 -5.28 -21.44
CA CYS D 144 11.65 -6.48 -22.04
C CYS D 144 10.23 -6.24 -22.51
N LEU D 145 9.45 -5.53 -21.70
CA LEU D 145 8.04 -5.31 -22.00
C LEU D 145 7.87 -4.33 -23.14
N LEU D 146 8.57 -3.21 -23.10
CA LEU D 146 8.42 -2.24 -24.18
C LEU D 146 8.92 -2.80 -25.51
N TYR D 147 10.03 -3.53 -25.49
CA TYR D 147 10.52 -4.11 -26.73
C TYR D 147 9.60 -5.21 -27.27
N LEU D 148 9.15 -6.11 -26.40
CA LEU D 148 8.23 -7.14 -26.89
C LEU D 148 6.95 -6.51 -27.43
N TYR D 149 6.44 -5.51 -26.72
CA TYR D 149 5.23 -4.85 -27.19
C TYR D 149 5.46 -4.19 -28.55
N SER D 150 6.62 -3.56 -28.74
CA SER D 150 6.91 -2.93 -30.02
C SER D 150 7.01 -3.96 -31.15
N LEU D 151 7.43 -5.19 -30.85
CA LEU D 151 7.38 -6.24 -31.87
C LEU D 151 5.93 -6.66 -32.14
N LYS D 152 5.12 -6.79 -31.08
CA LYS D 152 3.71 -7.09 -31.26
C LYS D 152 3.02 -6.04 -32.12
N ILE D 153 3.30 -4.75 -31.86
CA ILE D 153 2.62 -3.68 -32.59
C ILE D 153 2.96 -3.75 -34.08
N ASN D 154 4.25 -4.01 -34.41
CA ASN D 154 4.72 -4.04 -35.79
C ASN D 154 4.41 -5.33 -36.52
N TYR D 155 4.11 -6.42 -35.80
CA TYR D 155 3.78 -7.69 -36.42
C TYR D 155 2.53 -8.29 -35.79
N PRO D 156 1.42 -7.55 -35.75
CA PRO D 156 0.25 -8.01 -34.97
C PRO D 156 -0.33 -9.34 -35.43
N ASP D 157 0.06 -9.85 -36.60
CA ASP D 157 -0.51 -11.07 -37.15
C ASP D 157 0.41 -12.27 -37.07
N THR D 158 1.66 -12.11 -36.62
CA THR D 158 2.57 -13.23 -36.47
C THR D 158 3.21 -13.32 -35.09
N PHE D 159 2.88 -12.39 -34.20
CA PHE D 159 3.53 -12.30 -32.89
C PHE D 159 2.43 -12.24 -31.83
N TRP D 160 2.58 -13.01 -30.74
CA TRP D 160 1.53 -13.14 -29.73
C TRP D 160 2.14 -13.37 -28.35
N MET D 161 1.52 -12.74 -27.33
CA MET D 161 2.00 -12.81 -25.96
C MET D 161 0.85 -13.22 -25.05
N LEU D 162 1.09 -14.21 -24.20
CA LEU D 162 0.13 -14.66 -23.21
C LEU D 162 0.42 -14.00 -21.87
N ARG D 163 -0.57 -14.02 -20.99
CA ARG D 163 -0.40 -13.51 -19.64
C ARG D 163 0.29 -14.55 -18.77
N GLY D 164 1.28 -14.11 -17.98
CA GLY D 164 1.90 -14.92 -16.95
C GLY D 164 1.38 -14.51 -15.59
N ASN D 165 1.81 -15.24 -14.55
CA ASN D 165 1.22 -14.91 -13.26
C ASN D 165 1.83 -13.64 -12.67
N HIS D 166 3.03 -13.25 -13.11
CA HIS D 166 3.65 -11.99 -12.70
C HIS D 166 3.05 -10.74 -13.37
N GLU D 167 2.28 -10.89 -14.46
CA GLU D 167 1.66 -9.75 -15.13
C GLU D 167 0.35 -9.36 -14.42
N CYS D 168 0.52 -8.80 -13.22
CA CYS D 168 -0.59 -8.39 -12.36
C CYS D 168 -0.04 -7.44 -11.31
N ARG D 169 -0.96 -6.72 -10.65
CA ARG D 169 -0.56 -5.73 -9.66
CA ARG D 169 -0.57 -5.73 -9.66
C ARG D 169 0.12 -6.38 -8.47
N HIS D 170 -0.48 -7.44 -7.94
CA HIS D 170 -0.02 -8.03 -6.69
C HIS D 170 1.42 -8.55 -6.77
N LEU D 171 1.77 -9.30 -7.81
CA LEU D 171 3.13 -9.83 -7.84
C LEU D 171 4.14 -8.75 -8.19
N THR D 172 3.75 -7.76 -8.99
CA THR D 172 4.70 -6.70 -9.34
C THR D 172 4.95 -5.76 -8.16
N GLU D 173 3.94 -5.54 -7.31
CA GLU D 173 4.17 -4.89 -6.03
C GLU D 173 5.13 -5.68 -5.16
N TYR D 174 4.92 -6.99 -5.06
CA TYR D 174 5.62 -7.85 -4.11
C TYR D 174 7.03 -8.16 -4.54
N PHE D 175 7.27 -8.26 -5.84
CA PHE D 175 8.62 -8.48 -6.32
C PHE D 175 9.20 -7.15 -6.73
N THR D 176 9.65 -7.06 -7.98
CA THR D 176 10.53 -5.96 -8.32
C THR D 176 9.94 -4.97 -9.33
N PHE D 177 8.96 -5.39 -10.15
CA PHE D 177 8.62 -4.59 -11.32
C PHE D 177 8.05 -3.22 -10.96
N LYS D 178 7.22 -3.15 -9.91
CA LYS D 178 6.67 -1.84 -9.57
C LYS D 178 7.79 -0.86 -9.20
N ASN D 179 8.77 -1.33 -8.42
CA ASN D 179 9.87 -0.45 -8.03
CA ASN D 179 9.84 -0.42 -8.04
C ASN D 179 10.69 -0.03 -9.25
N GLU D 180 10.82 -0.92 -10.24
CA GLU D 180 11.54 -0.55 -11.46
C GLU D 180 10.80 0.58 -12.20
N CYS D 181 9.49 0.43 -12.41
CA CYS D 181 8.72 1.48 -13.09
C CYS D 181 8.82 2.82 -12.35
N LEU D 182 8.74 2.80 -11.01
CA LEU D 182 8.80 4.06 -10.29
C LEU D 182 10.20 4.65 -10.32
N HIS D 183 11.23 3.80 -10.37
CA HIS D 183 12.59 4.33 -10.50
C HIS D 183 12.86 4.86 -11.91
N LYS D 184 12.59 4.05 -12.93
CA LYS D 184 12.90 4.45 -14.30
C LYS D 184 11.83 5.35 -14.90
N TYR D 185 10.56 5.22 -14.51
CA TYR D 185 9.52 6.10 -15.06
C TYR D 185 8.67 6.66 -13.92
N SER D 186 7.44 6.21 -13.78
CA SER D 186 6.59 6.82 -12.78
C SER D 186 5.49 5.84 -12.43
N GLU D 187 4.69 6.18 -11.41
CA GLU D 187 3.54 5.34 -11.08
C GLU D 187 2.48 5.39 -12.17
N GLU D 188 2.36 6.52 -12.86
CA GLU D 188 1.42 6.55 -13.97
C GLU D 188 1.80 5.54 -15.04
N LEU D 189 3.11 5.36 -15.27
CA LEU D 189 3.54 4.36 -16.23
C LEU D 189 3.25 2.95 -15.73
N TYR D 190 3.55 2.67 -14.45
CA TYR D 190 3.20 1.40 -13.81
C TYR D 190 1.75 1.05 -14.07
N GLU D 191 0.84 1.97 -13.72
CA GLU D 191 -0.59 1.69 -13.91
C GLU D 191 -0.91 1.39 -15.37
N GLU D 192 -0.24 2.04 -16.33
CA GLU D 192 -0.53 1.71 -17.73
C GLU D 192 -0.06 0.31 -18.08
N CYS D 193 1.03 -0.18 -17.46
CA CYS D 193 1.46 -1.57 -17.69
C CYS D 193 0.40 -2.56 -17.24
N LEU D 194 -0.11 -2.35 -16.02
CA LEU D 194 -1.23 -3.12 -15.49
C LEU D 194 -2.41 -3.18 -16.46
N VAL D 195 -2.74 -2.05 -17.11
CA VAL D 195 -3.85 -2.07 -18.08
C VAL D 195 -3.50 -3.01 -19.22
N SER D 196 -2.25 -2.94 -19.71
CA SER D 196 -1.81 -3.86 -20.77
C SER D 196 -1.75 -5.31 -20.29
N PHE D 197 -1.34 -5.54 -19.05
CA PHE D 197 -1.40 -6.89 -18.47
C PHE D 197 -2.83 -7.43 -18.46
N ASN D 198 -3.80 -6.60 -18.05
CA ASN D 198 -5.18 -7.07 -17.97
C ASN D 198 -5.73 -7.39 -19.37
N ALA D 199 -5.14 -6.79 -20.41
CA ALA D 199 -5.55 -7.04 -21.78
C ALA D 199 -4.85 -8.24 -22.41
N LEU D 200 -3.80 -8.77 -21.78
CA LEU D 200 -3.11 -9.92 -22.35
C LEU D 200 -4.05 -11.12 -22.39
N PRO D 201 -4.07 -11.86 -23.50
CA PRO D 201 -4.84 -13.12 -23.56
C PRO D 201 -4.27 -14.17 -22.61
N LEU D 202 -5.09 -15.18 -22.37
CA LEU D 202 -4.85 -16.18 -21.34
C LEU D 202 -4.25 -17.47 -21.87
N ALA D 203 -4.58 -17.84 -23.10
CA ALA D 203 -4.16 -19.14 -23.62
C ALA D 203 -4.28 -19.13 -25.13
N ALA D 204 -3.74 -20.19 -25.74
CA ALA D 204 -3.74 -20.31 -27.18
C ALA D 204 -3.88 -21.77 -27.58
N ILE D 205 -4.63 -22.02 -28.64
CA ILE D 205 -4.64 -23.31 -29.31
C ILE D 205 -3.70 -23.18 -30.50
N MET D 206 -2.55 -23.88 -30.45
CA MET D 206 -1.53 -23.77 -31.49
C MET D 206 -1.69 -24.92 -32.49
N ASN D 207 -1.89 -24.55 -33.76
CA ASN D 207 -2.01 -25.51 -34.86
C ASN D 207 -3.09 -26.56 -34.59
N GLU D 208 -4.09 -26.19 -33.79
CA GLU D 208 -5.20 -27.07 -33.46
C GLU D 208 -4.72 -28.39 -32.85
N GLN D 209 -3.57 -28.35 -32.19
CA GLN D 209 -2.99 -29.57 -31.64
C GLN D 209 -2.62 -29.40 -30.17
N PHE D 210 -2.18 -28.20 -29.80
CA PHE D 210 -1.69 -27.95 -28.44
C PHE D 210 -2.50 -26.86 -27.76
N PHE D 211 -2.76 -27.07 -26.46
CA PHE D 211 -3.26 -26.05 -25.57
C PHE D 211 -2.04 -25.39 -24.93
N CYS D 212 -1.94 -24.06 -25.03
CA CYS D 212 -0.76 -23.32 -24.60
C CYS D 212 -1.17 -22.31 -23.54
N VAL D 213 -0.46 -22.31 -22.41
CA VAL D 213 -0.80 -21.46 -21.27
C VAL D 213 0.42 -21.28 -20.38
N HIS D 214 0.40 -20.30 -19.47
CA HIS D 214 1.55 -20.12 -18.59
C HIS D 214 1.63 -21.19 -17.50
N GLY D 215 0.56 -21.35 -16.72
CA GLY D 215 0.57 -22.32 -15.64
C GLY D 215 0.13 -23.71 -16.08
N GLY D 216 -1.17 -23.91 -16.17
CA GLY D 216 -1.65 -25.19 -16.61
C GLY D 216 -3.16 -25.35 -16.53
N LEU D 217 -3.59 -26.53 -16.07
CA LEU D 217 -4.99 -26.89 -16.17
C LEU D 217 -5.73 -26.53 -14.88
N SER D 218 -7.04 -26.78 -14.90
CA SER D 218 -7.91 -26.31 -13.85
C SER D 218 -9.08 -27.25 -13.69
N PRO D 219 -9.44 -27.61 -12.46
CA PRO D 219 -10.71 -28.31 -12.23
C PRO D 219 -11.90 -27.60 -12.85
N GLN D 220 -11.80 -26.29 -13.02
CA GLN D 220 -12.88 -25.53 -13.61
C GLN D 220 -12.80 -25.46 -15.12
N LEU D 221 -11.73 -25.94 -15.72
CA LEU D 221 -11.60 -25.91 -17.18
C LEU D 221 -12.33 -27.13 -17.76
N THR D 222 -13.66 -27.06 -17.69
CA THR D 222 -14.46 -28.17 -18.18
C THR D 222 -14.35 -28.29 -19.69
N SER D 223 -14.52 -27.18 -20.40
CA SER D 223 -14.39 -27.13 -21.85
C SER D 223 -13.64 -25.87 -22.25
N LEU D 224 -13.31 -25.76 -23.54
CA LEU D 224 -12.64 -24.54 -24.00
C LEU D 224 -13.55 -23.32 -23.97
N ASP D 225 -14.88 -23.50 -23.95
CA ASP D 225 -15.76 -22.34 -23.89
C ASP D 225 -15.69 -21.69 -22.51
N SER D 226 -15.53 -22.51 -21.46
CA SER D 226 -15.27 -21.95 -20.13
C SER D 226 -14.21 -20.85 -20.19
N LEU D 227 -13.10 -21.14 -20.84
CA LEU D 227 -12.07 -20.13 -21.02
C LEU D 227 -12.54 -19.00 -21.92
N ARG D 228 -13.36 -19.32 -22.92
CA ARG D 228 -13.86 -18.29 -23.82
C ARG D 228 -14.78 -17.29 -23.10
N LYS D 229 -15.50 -17.73 -22.08
CA LYS D 229 -16.51 -16.88 -21.45
C LYS D 229 -15.93 -15.98 -20.39
N LEU D 230 -14.69 -16.19 -19.98
CA LEU D 230 -14.11 -15.38 -18.93
C LEU D 230 -14.09 -13.91 -19.32
N HIS D 231 -14.36 -13.05 -18.33
CA HIS D 231 -14.04 -11.63 -18.36
C HIS D 231 -12.59 -11.52 -17.93
N ARG D 232 -11.67 -11.31 -18.86
CA ARG D 232 -10.27 -11.40 -18.44
C ARG D 232 -9.68 -10.05 -18.03
N PHE D 233 -10.36 -8.93 -18.30
CA PHE D 233 -9.79 -7.58 -18.10
C PHE D 233 -9.87 -7.20 -16.63
N ARG D 234 -8.98 -7.81 -15.83
CA ARG D 234 -9.06 -7.78 -14.38
C ARG D 234 -7.79 -8.36 -13.79
N GLU D 235 -7.47 -7.92 -12.58
CA GLU D 235 -6.47 -8.63 -11.78
C GLU D 235 -6.92 -10.08 -11.57
N PRO D 236 -6.01 -11.05 -11.64
CA PRO D 236 -6.43 -12.43 -11.49
C PRO D 236 -7.15 -12.62 -10.15
N PRO D 237 -8.12 -13.51 -10.11
CA PRO D 237 -8.78 -13.81 -8.82
C PRO D 237 -7.89 -14.66 -7.91
N THR D 238 -8.34 -14.78 -6.66
CA THR D 238 -7.64 -15.55 -5.65
C THR D 238 -7.67 -17.05 -5.97
N LYS D 239 -8.72 -17.47 -6.70
CA LYS D 239 -9.03 -18.86 -6.99
C LYS D 239 -9.95 -18.89 -8.21
N GLY D 240 -10.19 -20.09 -8.72
CA GLY D 240 -11.01 -20.29 -9.91
C GLY D 240 -10.18 -20.37 -11.17
N LEU D 241 -10.91 -20.54 -12.29
CA LEU D 241 -10.31 -20.80 -13.59
C LEU D 241 -9.15 -19.86 -13.95
N MET D 242 -9.37 -18.54 -13.86
CA MET D 242 -8.33 -17.61 -14.32
C MET D 242 -7.11 -17.65 -13.42
N CYS D 243 -7.28 -17.99 -12.14
CA CYS D 243 -6.11 -18.17 -11.30
C CYS D 243 -5.33 -19.41 -11.72
N ASP D 244 -6.05 -20.53 -11.93
CA ASP D 244 -5.39 -21.81 -12.22
C ASP D 244 -4.58 -21.76 -13.51
N LEU D 245 -5.14 -21.14 -14.55
CA LEU D 245 -4.43 -21.03 -15.83
C LEU D 245 -3.05 -20.40 -15.65
N LEU D 246 -2.97 -19.41 -14.75
CA LEU D 246 -1.74 -18.66 -14.56
C LEU D 246 -0.81 -19.28 -13.52
N TRP D 247 -1.31 -20.23 -12.70
CA TRP D 247 -0.59 -20.70 -11.52
C TRP D 247 -0.39 -22.20 -11.41
N ALA D 248 -1.20 -23.03 -12.04
CA ALA D 248 -1.11 -24.47 -11.83
C ALA D 248 0.26 -25.02 -12.22
N ASP D 249 0.69 -26.05 -11.49
CA ASP D 249 1.87 -26.85 -11.82
C ASP D 249 1.46 -28.31 -11.90
N PRO D 250 2.20 -29.12 -12.66
CA PRO D 250 2.11 -30.58 -12.47
C PRO D 250 2.63 -30.98 -11.10
N ILE D 251 2.01 -32.01 -10.52
CA ILE D 251 2.52 -32.58 -9.28
C ILE D 251 3.96 -33.05 -9.49
N GLU D 252 4.75 -32.97 -8.42
CA GLU D 252 6.18 -33.32 -8.49
C GLU D 252 6.39 -34.75 -8.99
N GLU D 253 5.46 -35.67 -8.72
CA GLU D 253 5.58 -37.05 -9.14
C GLU D 253 4.75 -37.33 -10.38
N TYR D 254 4.53 -36.30 -11.21
CA TYR D 254 3.64 -36.41 -12.36
C TYR D 254 3.95 -37.64 -13.20
N ASP D 255 5.24 -37.94 -13.41
CA ASP D 255 5.63 -39.03 -14.28
C ASP D 255 5.50 -40.40 -13.63
N ASP D 256 5.53 -40.46 -12.30
CA ASP D 256 5.21 -41.71 -11.61
C ASP D 256 3.77 -42.14 -11.85
N ASP D 257 2.84 -41.19 -11.99
CA ASP D 257 1.43 -41.49 -12.20
C ASP D 257 0.88 -42.45 -11.16
N ASN D 258 1.25 -42.22 -9.90
CA ASN D 258 0.73 -42.99 -8.78
C ASN D 258 -0.51 -42.35 -8.14
N LEU D 259 -0.97 -41.21 -8.67
CA LEU D 259 -2.13 -40.52 -8.11
C LEU D 259 -3.37 -40.77 -8.98
N ASP D 260 -4.49 -41.08 -8.31
CA ASP D 260 -5.77 -41.29 -8.98
C ASP D 260 -6.59 -40.02 -9.08
N GLN D 261 -6.36 -39.07 -8.19
CA GLN D 261 -7.06 -37.79 -8.29
C GLN D 261 -6.57 -37.00 -9.50
N GLU D 262 -7.38 -36.01 -9.86
CA GLU D 262 -6.99 -35.12 -10.93
C GLU D 262 -6.28 -33.89 -10.38
N TYR D 263 -6.85 -33.26 -9.35
CA TYR D 263 -6.35 -31.99 -8.87
C TYR D 263 -6.12 -32.01 -7.36
N VAL D 264 -5.01 -31.43 -6.94
CA VAL D 264 -4.55 -31.40 -5.55
C VAL D 264 -4.12 -29.97 -5.20
N THR D 265 -4.34 -29.62 -3.94
CA THR D 265 -4.01 -28.31 -3.39
C THR D 265 -2.54 -27.97 -3.56
N ASN D 266 -2.23 -26.98 -4.40
CA ASN D 266 -0.86 -26.60 -4.67
C ASN D 266 -0.30 -25.89 -3.44
N VAL D 267 0.22 -26.69 -2.49
CA VAL D 267 0.79 -26.14 -1.27
C VAL D 267 2.02 -25.30 -1.59
N VAL D 268 2.83 -25.74 -2.55
CA VAL D 268 4.06 -25.01 -2.89
C VAL D 268 3.74 -23.62 -3.42
N ARG D 269 2.71 -23.51 -4.28
CA ARG D 269 2.32 -22.18 -4.71
C ARG D 269 1.48 -21.44 -3.69
N GLY D 270 0.95 -22.13 -2.67
CA GLY D 270 0.12 -21.42 -1.71
C GLY D 270 -1.20 -20.95 -2.28
N CYS D 271 -1.48 -21.25 -3.53
CA CYS D 271 -2.78 -21.04 -4.15
C CYS D 271 -2.93 -22.10 -5.22
N SER D 272 -4.15 -22.23 -5.73
CA SER D 272 -4.42 -22.96 -6.96
C SER D 272 -4.19 -24.45 -6.75
N PHE D 273 -3.88 -25.19 -7.82
CA PHE D 273 -3.85 -26.64 -7.75
C PHE D 273 -2.59 -27.19 -8.42
N ALA D 274 -2.16 -28.37 -7.97
CA ALA D 274 -1.23 -29.20 -8.73
C ALA D 274 -2.06 -30.28 -9.42
N PHE D 275 -1.80 -30.50 -10.70
CA PHE D 275 -2.56 -31.47 -11.47
C PHE D 275 -1.69 -32.68 -11.79
N THR D 276 -2.36 -33.81 -11.98
CA THR D 276 -1.70 -35.09 -12.21
C THR D 276 -1.75 -35.47 -13.68
N TYR D 277 -1.05 -36.58 -13.99
CA TYR D 277 -1.07 -37.16 -15.33
C TYR D 277 -2.48 -37.53 -15.77
N LYS D 278 -3.30 -38.07 -14.85
CA LYS D 278 -4.69 -38.39 -15.19
C LYS D 278 -5.45 -37.15 -15.66
N ALA D 279 -5.35 -36.05 -14.91
CA ALA D 279 -5.99 -34.79 -15.29
C ALA D 279 -5.56 -34.34 -16.69
N ALA D 280 -4.25 -34.34 -16.97
CA ALA D 280 -3.77 -33.89 -18.27
C ALA D 280 -4.35 -34.74 -19.40
N CYS D 281 -4.25 -36.07 -19.27
CA CYS D 281 -4.77 -36.97 -20.29
C CYS D 281 -6.27 -36.82 -20.47
N LYS D 282 -7.02 -36.77 -19.36
CA LYS D 282 -8.45 -36.56 -19.49
C LYS D 282 -8.74 -35.25 -20.20
N PHE D 283 -7.99 -34.20 -19.88
CA PHE D 283 -8.13 -32.93 -20.61
C PHE D 283 -7.80 -33.10 -22.08
N LEU D 284 -6.67 -33.74 -22.37
CA LEU D 284 -6.22 -33.85 -23.75
C LEU D 284 -7.24 -34.60 -24.62
N ASP D 285 -7.84 -35.68 -24.09
CA ASP D 285 -8.85 -36.40 -24.83
CA ASP D 285 -8.84 -36.39 -24.86
C ASP D 285 -10.14 -35.60 -24.93
N ARG D 286 -10.55 -34.98 -23.83
CA ARG D 286 -11.78 -34.21 -23.81
C ARG D 286 -11.76 -33.09 -24.84
N THR D 287 -10.61 -32.45 -25.06
CA THR D 287 -10.47 -31.35 -26.01
C THR D 287 -9.95 -31.78 -27.37
N LYS D 288 -9.61 -33.07 -27.55
CA LYS D 288 -9.12 -33.59 -28.82
C LYS D 288 -7.81 -32.93 -29.25
N LEU D 289 -6.95 -32.68 -28.27
CA LEU D 289 -5.68 -32.00 -28.45
C LEU D 289 -4.55 -32.93 -28.02
N LEU D 290 -3.36 -32.67 -28.55
CA LEU D 290 -2.24 -33.58 -28.41
C LEU D 290 -1.42 -33.33 -27.16
N SER D 291 -1.16 -32.08 -26.80
CA SER D 291 -0.31 -31.82 -25.65
C SER D 291 -0.62 -30.45 -25.04
N VAL D 292 -0.11 -30.25 -23.84
CA VAL D 292 -0.18 -28.99 -23.11
C VAL D 292 1.23 -28.44 -23.05
N ILE D 293 1.41 -27.21 -23.55
CA ILE D 293 2.68 -26.51 -23.53
C ILE D 293 2.55 -25.35 -22.55
N ARG D 294 3.47 -25.29 -21.59
CA ARG D 294 3.39 -24.29 -20.53
C ARG D 294 4.81 -23.96 -20.08
N ALA D 295 4.91 -23.19 -18.99
CA ALA D 295 6.17 -22.64 -18.54
C ALA D 295 6.19 -22.62 -17.01
N HIS D 296 6.36 -21.45 -16.40
CA HIS D 296 6.00 -21.25 -14.98
C HIS D 296 7.00 -21.93 -14.04
N GLU D 297 7.73 -22.92 -14.55
CA GLU D 297 8.65 -23.73 -13.74
C GLU D 297 10.02 -23.80 -14.40
N ALA D 298 11.04 -23.27 -13.69
CA ALA D 298 12.41 -23.28 -14.18
C ALA D 298 12.89 -24.70 -14.47
N GLN D 299 13.65 -24.85 -15.56
CA GLN D 299 14.24 -26.12 -15.94
C GLN D 299 15.74 -25.95 -16.14
N ASN D 300 16.52 -26.86 -15.53
CA ASN D 300 17.97 -26.85 -15.74
C ASN D 300 18.30 -26.83 -17.24
N ALA D 301 17.48 -27.48 -18.06
CA ALA D 301 17.69 -27.58 -19.50
C ALA D 301 16.84 -26.61 -20.30
N GLY D 302 16.11 -25.71 -19.66
CA GLY D 302 15.18 -24.89 -20.42
C GLY D 302 13.98 -25.61 -20.99
N TYR D 303 13.80 -26.90 -20.69
CA TYR D 303 12.69 -27.66 -21.25
C TYR D 303 12.51 -28.92 -20.42
N ARG D 304 11.28 -29.42 -20.35
CA ARG D 304 11.04 -30.75 -19.80
C ARG D 304 9.82 -31.38 -20.46
N MET D 305 9.98 -32.61 -20.95
CA MET D 305 8.87 -33.37 -21.48
C MET D 305 8.46 -34.46 -20.49
N TYR D 306 7.16 -34.62 -20.32
CA TYR D 306 6.60 -35.52 -19.32
C TYR D 306 5.98 -36.72 -20.03
N LYS D 307 5.44 -37.64 -19.25
CA LYS D 307 5.00 -38.95 -19.76
C LYS D 307 4.16 -38.81 -21.04
N ARG D 308 4.28 -39.81 -21.90
CA ARG D 308 3.66 -39.77 -23.22
C ARG D 308 2.16 -40.00 -23.14
N THR D 309 1.47 -39.61 -24.21
CA THR D 309 0.03 -39.79 -24.38
C THR D 309 -0.27 -41.15 -25.02
N LYS D 310 -1.27 -41.84 -24.48
CA LYS D 310 -1.69 -43.14 -25.03
C LYS D 310 -2.50 -42.96 -26.31
N PHE D 314 2.64 -37.29 -29.03
CA PHE D 314 3.60 -36.44 -28.33
C PHE D 314 3.48 -36.65 -26.81
N PRO D 315 4.39 -36.08 -26.03
CA PRO D 315 4.20 -36.08 -24.57
C PRO D 315 2.93 -35.35 -24.19
N SER D 316 2.43 -35.66 -23.00
CA SER D 316 1.21 -35.05 -22.51
C SER D 316 1.43 -33.61 -22.08
N LEU D 317 2.60 -33.31 -21.52
CA LEU D 317 2.91 -32.02 -20.93
C LEU D 317 4.33 -31.62 -21.31
N LEU D 318 4.53 -30.32 -21.59
CA LEU D 318 5.84 -29.79 -21.95
C LEU D 318 6.01 -28.40 -21.32
N THR D 319 7.13 -28.21 -20.64
CA THR D 319 7.45 -26.97 -19.95
C THR D 319 8.63 -26.30 -20.65
N MET D 320 8.43 -25.07 -21.14
CA MET D 320 9.51 -24.26 -21.70
C MET D 320 9.93 -23.19 -20.69
N PHE D 321 11.22 -22.93 -20.63
CA PHE D 321 11.73 -21.90 -19.74
C PHE D 321 12.86 -21.17 -20.46
N SER D 322 12.71 -19.85 -20.62
CA SER D 322 13.57 -19.12 -21.52
C SER D 322 14.45 -18.10 -20.79
N ALA D 323 14.73 -18.32 -19.51
CA ALA D 323 15.50 -17.37 -18.71
C ALA D 323 16.77 -18.07 -18.24
N PRO D 324 17.84 -18.04 -19.04
CA PRO D 324 19.05 -18.77 -18.66
C PRO D 324 19.74 -18.12 -17.48
N ASN D 325 20.42 -18.95 -16.69
CA ASN D 325 21.11 -18.54 -15.47
C ASN D 325 20.17 -17.71 -14.62
N TYR D 326 19.06 -18.34 -14.27
CA TYR D 326 17.95 -17.66 -13.63
C TYR D 326 18.41 -17.06 -12.32
N LEU D 327 18.08 -15.77 -12.12
CA LEU D 327 18.47 -15.02 -10.93
C LEU D 327 19.98 -15.00 -10.77
N ASP D 328 20.70 -15.06 -11.91
CA ASP D 328 22.14 -14.95 -11.98
C ASP D 328 22.86 -16.00 -11.12
N SER D 329 22.15 -17.07 -10.75
CA SER D 329 22.67 -18.11 -9.86
C SER D 329 22.26 -19.53 -10.24
N TYR D 330 21.27 -19.73 -11.10
CA TYR D 330 20.74 -21.07 -11.35
C TYR D 330 21.62 -21.91 -12.26
N ASN D 331 22.54 -21.28 -13.01
CA ASN D 331 23.44 -21.94 -13.93
C ASN D 331 22.71 -22.93 -14.85
N ASN D 332 21.44 -22.64 -15.13
CA ASN D 332 20.61 -23.50 -15.98
C ASN D 332 20.62 -23.00 -17.41
N LYS D 333 20.22 -23.86 -18.33
CA LYS D 333 20.08 -23.45 -19.72
C LYS D 333 18.63 -23.05 -20.01
N ALA D 334 18.46 -22.20 -21.02
CA ALA D 334 17.15 -21.80 -21.50
C ALA D 334 16.89 -22.42 -22.87
N ALA D 335 15.62 -22.56 -23.22
CA ALA D 335 15.26 -23.17 -24.48
C ALA D 335 14.06 -22.44 -25.07
N VAL D 336 13.96 -22.49 -26.39
CA VAL D 336 12.70 -22.17 -27.06
C VAL D 336 12.28 -23.42 -27.81
N LEU D 337 11.11 -23.37 -28.42
CA LEU D 337 10.52 -24.51 -29.11
C LEU D 337 10.19 -24.09 -30.53
N LYS D 338 10.85 -24.71 -31.51
CA LYS D 338 10.61 -24.40 -32.92
C LYS D 338 9.77 -25.53 -33.50
N TYR D 339 8.53 -25.23 -33.89
CA TYR D 339 7.58 -26.26 -34.28
C TYR D 339 7.15 -26.05 -35.72
N GLU D 340 7.31 -27.09 -36.55
CA GLU D 340 7.01 -27.04 -37.97
C GLU D 340 7.02 -28.46 -38.54
N ASN D 341 6.11 -28.72 -39.48
CA ASN D 341 5.95 -30.05 -40.08
C ASN D 341 5.72 -31.12 -39.01
N ASN D 342 4.94 -30.77 -37.99
CA ASN D 342 4.63 -31.65 -36.86
C ASN D 342 5.88 -32.14 -36.14
N VAL D 343 6.96 -31.35 -36.14
CA VAL D 343 8.20 -31.69 -35.48
C VAL D 343 8.43 -30.74 -34.30
N MET D 344 8.90 -31.29 -33.19
CA MET D 344 9.17 -30.56 -31.95
C MET D 344 10.68 -30.31 -31.85
N ASN D 345 11.14 -29.17 -32.36
CA ASN D 345 12.57 -28.87 -32.39
C ASN D 345 12.89 -27.96 -31.21
N ILE D 346 13.48 -28.54 -30.16
CA ILE D 346 13.92 -27.74 -29.02
C ILE D 346 15.26 -27.10 -29.34
N ARG D 347 15.32 -25.77 -29.29
CA ARG D 347 16.54 -25.01 -29.47
C ARG D 347 16.90 -24.37 -28.13
N GLN D 348 18.05 -24.75 -27.58
CA GLN D 348 18.56 -24.21 -26.33
C GLN D 348 19.61 -23.14 -26.56
N PHE D 349 19.81 -22.31 -25.53
CA PHE D 349 20.82 -21.26 -25.53
C PHE D 349 21.29 -21.00 -24.10
N ASN D 350 22.43 -20.34 -23.98
CA ASN D 350 23.06 -20.06 -22.70
C ASN D 350 22.89 -18.59 -22.32
N ALA D 351 23.29 -18.26 -21.09
CA ALA D 351 23.12 -16.91 -20.57
C ALA D 351 24.13 -15.95 -21.20
N SER D 352 23.76 -14.68 -21.25
CA SER D 352 24.64 -13.64 -21.74
C SER D 352 24.98 -12.69 -20.59
N PRO D 353 26.02 -11.88 -20.72
CA PRO D 353 26.31 -10.89 -19.68
C PRO D 353 25.34 -9.73 -19.75
N HIS D 354 25.09 -9.14 -18.60
CA HIS D 354 24.21 -7.98 -18.49
C HIS D 354 24.82 -6.98 -17.51
N PRO D 355 24.50 -5.69 -17.67
CA PRO D 355 25.03 -4.71 -16.71
C PRO D 355 24.49 -4.94 -15.32
N TYR D 356 25.13 -4.29 -14.34
CA TYR D 356 24.82 -4.50 -12.93
C TYR D 356 23.85 -3.43 -12.42
N TRP D 357 22.89 -3.86 -11.61
CA TRP D 357 21.95 -3.01 -10.91
C TRP D 357 21.94 -3.39 -9.43
N LEU D 358 22.02 -2.40 -8.56
CA LEU D 358 21.80 -2.63 -7.15
C LEU D 358 20.40 -3.18 -6.90
N PRO D 359 20.20 -3.83 -5.76
CA PRO D 359 18.83 -4.14 -5.34
C PRO D 359 18.03 -2.85 -5.17
N HIS D 360 16.74 -2.94 -5.47
CA HIS D 360 15.79 -1.83 -5.35
C HIS D 360 16.11 -0.68 -6.30
N PHE D 361 17.08 -0.88 -7.19
CA PHE D 361 17.47 0.12 -8.19
C PHE D 361 18.04 1.38 -7.54
N MET D 362 18.56 1.23 -6.32
CA MET D 362 19.22 2.33 -5.63
C MET D 362 20.36 2.92 -6.46
N ASP D 363 20.39 4.25 -6.53
CA ASP D 363 21.63 4.91 -6.90
C ASP D 363 22.64 4.81 -5.74
N VAL D 364 23.90 5.13 -6.04
CA VAL D 364 24.96 4.93 -5.05
C VAL D 364 24.89 5.92 -3.91
N PHE D 365 24.15 7.02 -4.06
CA PHE D 365 23.94 7.90 -2.93
C PHE D 365 22.95 7.30 -1.94
N THR D 366 21.79 6.85 -2.43
CA THR D 366 20.84 6.19 -1.54
C THR D 366 21.45 4.96 -0.87
N TRP D 367 22.39 4.33 -1.56
CA TRP D 367 23.00 3.09 -1.08
C TRP D 367 24.08 3.37 -0.05
N SER D 368 24.88 4.41 -0.27
CA SER D 368 26.04 4.65 0.60
C SER D 368 25.76 5.63 1.73
N LEU D 369 24.78 6.52 1.55
CA LEU D 369 24.57 7.57 2.53
C LEU D 369 24.28 7.07 3.93
N PRO D 370 23.49 6.02 4.15
CA PRO D 370 23.38 5.49 5.53
C PRO D 370 24.73 5.09 6.10
N PHE D 371 25.52 4.32 5.35
CA PHE D 371 26.83 3.95 5.83
C PHE D 371 27.73 5.16 6.01
N VAL D 372 27.58 6.19 5.15
CA VAL D 372 28.32 7.43 5.33
C VAL D 372 27.91 8.10 6.63
N GLY D 373 26.65 7.97 7.02
CA GLY D 373 26.21 8.54 8.29
C GLY D 373 26.81 7.81 9.47
N GLU D 374 26.77 6.48 9.46
CA GLU D 374 27.29 5.68 10.56
C GLU D 374 28.76 6.00 10.82
N LYS D 375 29.61 5.85 9.79
CA LYS D 375 31.05 5.96 10.01
C LYS D 375 31.47 7.39 10.41
N VAL D 376 30.83 8.41 9.84
CA VAL D 376 31.17 9.78 10.20
C VAL D 376 30.72 10.09 11.63
N THR D 377 29.53 9.61 12.01
CA THR D 377 29.02 9.87 13.36
C THR D 377 29.86 9.18 14.43
N ASP D 378 30.32 7.95 14.15
CA ASP D 378 31.23 7.29 15.09
C ASP D 378 32.50 8.10 15.31
N MET D 379 33.07 8.63 14.23
CA MET D 379 34.28 9.44 14.37
C MET D 379 33.98 10.75 15.09
N LEU D 380 32.80 11.33 14.86
CA LEU D 380 32.43 12.54 15.58
C LEU D 380 32.15 12.26 17.05
N VAL D 381 31.61 11.07 17.38
CA VAL D 381 31.38 10.72 18.78
C VAL D 381 32.71 10.50 19.50
N SER D 382 33.59 9.69 18.92
CA SER D 382 34.88 9.44 19.55
C SER D 382 35.68 10.73 19.74
N ILE D 383 35.53 11.69 18.82
CA ILE D 383 36.16 13.00 19.01
C ILE D 383 35.61 13.71 20.24
N LEU D 384 34.30 13.61 20.47
CA LEU D 384 33.73 14.29 21.62
C LEU D 384 34.18 13.69 22.95
N ASN D 385 34.57 12.41 22.96
CA ASN D 385 34.95 11.73 24.21
C ASN D 385 36.32 12.19 24.73
N ILE E 19 28.31 29.07 24.28
CA ILE E 19 29.32 29.79 25.05
C ILE E 19 30.05 28.82 25.95
N GLU E 20 29.38 28.44 27.05
CA GLU E 20 29.93 27.40 27.90
C GLU E 20 30.14 26.11 27.11
N GLU E 21 29.30 25.86 26.10
CA GLU E 21 29.50 24.68 25.26
C GLU E 21 30.72 24.85 24.35
N ILE E 22 30.99 26.06 23.87
CA ILE E 22 32.18 26.28 23.05
C ILE E 22 33.45 26.15 23.88
N ASP E 23 33.38 26.51 25.17
CA ASP E 23 34.55 26.35 26.04
C ASP E 23 34.89 24.88 26.24
N ARG E 24 33.90 23.99 26.18
CA ARG E 24 34.18 22.56 26.24
C ARG E 24 34.76 22.02 24.94
N LEU E 25 34.32 22.56 23.79
CA LEU E 25 34.92 22.14 22.54
C LEU E 25 36.36 22.61 22.43
N ARG E 26 36.66 23.80 22.96
CA ARG E 26 38.05 24.25 23.06
C ARG E 26 38.86 23.31 23.95
N LYS E 27 38.28 22.85 25.06
CA LYS E 27 39.00 21.99 25.97
C LYS E 27 39.29 20.63 25.34
N ARG E 28 38.37 20.12 24.53
CA ARG E 28 38.62 18.88 23.81
C ARG E 28 39.69 19.06 22.74
N PHE E 29 39.78 20.25 22.13
CA PHE E 29 40.76 20.49 21.09
C PHE E 29 42.19 20.36 21.63
N MET E 30 42.43 20.84 22.86
CA MET E 30 43.76 20.71 23.44
C MET E 30 44.18 19.24 23.56
N LYS E 31 43.28 18.40 24.06
CA LYS E 31 43.59 16.99 24.23
C LYS E 31 43.54 16.24 22.88
N ASP E 35 50.80 17.70 21.14
CA ASP E 35 52.09 18.40 21.17
C ASP E 35 51.94 19.89 21.46
N GLY E 36 50.71 20.39 21.36
CA GLY E 36 50.42 21.79 21.62
C GLY E 36 50.66 22.72 20.45
N SER E 37 50.96 22.19 19.27
CA SER E 37 51.23 23.02 18.10
C SER E 37 50.02 23.81 17.61
N GLY E 38 48.85 23.67 18.23
CA GLY E 38 47.69 24.46 17.86
C GLY E 38 46.91 23.97 16.66
N GLN E 39 47.39 22.94 15.96
CA GLN E 39 46.63 22.29 14.91
C GLN E 39 46.61 20.78 15.17
N ILE E 40 45.55 20.11 14.71
CA ILE E 40 45.33 18.73 15.11
C ILE E 40 46.23 17.78 14.32
N ASP E 41 46.38 18.00 13.01
CA ASP E 41 47.31 17.21 12.21
C ASP E 41 46.80 15.80 11.97
N LYS E 42 47.23 15.17 10.89
CA LYS E 42 46.80 13.81 10.59
C LYS E 42 47.28 12.84 11.65
N GLN E 43 48.49 13.02 12.16
CA GLN E 43 49.05 12.09 13.13
C GLN E 43 48.18 11.99 14.37
N GLU E 44 47.84 13.14 14.95
CA GLU E 44 47.00 13.15 16.14
C GLU E 44 45.54 12.82 15.82
N PHE E 45 45.13 12.89 14.55
CA PHE E 45 43.75 12.60 14.17
C PHE E 45 43.50 11.09 14.05
N LEU E 46 44.41 10.37 13.39
CA LEU E 46 44.30 8.92 13.31
C LEU E 46 44.54 8.28 14.67
N SER E 47 45.29 8.96 15.56
CA SER E 47 45.51 8.49 16.92
C SER E 47 44.23 8.46 17.73
N ILE E 48 43.15 9.07 17.25
CA ILE E 48 41.85 9.03 17.94
C ILE E 48 41.32 7.60 17.90
N PRO E 49 40.64 7.13 18.96
CA PRO E 49 40.08 5.78 18.98
C PRO E 49 39.18 5.47 17.78
N GLY E 50 39.46 4.33 17.13
CA GLY E 50 38.68 3.85 16.01
C GLY E 50 39.00 4.46 14.66
N ILE E 51 39.59 5.66 14.62
CA ILE E 51 39.69 6.37 13.35
C ILE E 51 40.69 5.69 12.41
N SER E 52 41.70 5.01 12.97
CA SER E 52 42.73 4.39 12.13
C SER E 52 42.13 3.36 11.16
N SER E 53 41.09 2.63 11.58
CA SER E 53 40.47 1.60 10.77
C SER E 53 39.13 2.04 10.17
N ASN E 54 38.76 3.31 10.29
CA ASN E 54 37.51 3.78 9.71
C ASN E 54 37.73 4.10 8.23
N PRO E 55 36.84 3.65 7.34
CA PRO E 55 37.07 3.83 5.90
C PRO E 55 36.95 5.28 5.42
N LEU E 56 36.30 6.17 6.17
CA LEU E 56 36.16 7.57 5.80
C LEU E 56 37.01 8.49 6.67
N ALA E 57 37.97 7.93 7.40
CA ALA E 57 38.87 8.73 8.22
C ALA E 57 39.48 9.88 7.42
N THR E 58 40.04 9.58 6.24
CA THR E 58 40.69 10.59 5.44
C THR E 58 39.72 11.50 4.70
N ARG E 59 38.50 11.05 4.43
CA ARG E 59 37.49 11.95 3.86
C ARG E 59 37.00 12.95 4.91
N LEU E 60 36.63 12.45 6.09
CA LEU E 60 36.31 13.36 7.19
C LEU E 60 37.48 14.29 7.50
N MET E 61 38.70 13.74 7.58
CA MET E 61 39.86 14.59 7.86
C MET E 61 39.95 15.74 6.85
N ASP E 62 39.86 15.43 5.56
CA ASP E 62 40.04 16.46 4.53
C ASP E 62 38.87 17.45 4.49
N VAL E 63 37.65 17.00 4.78
CA VAL E 63 36.53 17.94 4.79
C VAL E 63 36.69 18.94 5.93
N PHE E 64 37.13 18.48 7.10
CA PHE E 64 37.41 19.42 8.19
C PHE E 64 38.54 20.38 7.81
N ASP E 65 39.54 19.89 7.06
CA ASP E 65 40.67 20.73 6.68
C ASP E 65 40.25 21.59 5.50
N LYS E 66 39.55 22.69 5.82
CA LYS E 66 38.97 23.53 4.79
C LYS E 66 40.04 24.09 3.85
N ASP E 67 41.18 24.51 4.40
CA ASP E 67 42.23 25.16 3.61
C ASP E 67 43.30 24.21 3.12
N GLY E 68 43.09 22.90 3.22
CA GLY E 68 43.98 21.92 2.61
C GLY E 68 45.43 21.96 3.06
N ASP E 69 45.72 22.54 4.21
CA ASP E 69 47.11 22.55 4.68
C ASP E 69 47.51 21.26 5.38
N GLY E 70 46.58 20.33 5.60
CA GLY E 70 46.91 19.03 6.15
C GLY E 70 46.68 18.87 7.63
N SER E 71 46.23 19.92 8.32
CA SER E 71 45.94 19.84 9.73
C SER E 71 44.63 20.57 10.02
N ILE E 72 44.01 20.22 11.13
CA ILE E 72 42.71 20.76 11.49
C ILE E 72 42.94 21.89 12.51
N ASP E 73 42.52 23.10 12.13
CA ASP E 73 42.64 24.29 12.95
C ASP E 73 41.52 24.35 14.00
N PHE E 74 41.73 25.18 15.04
CA PHE E 74 40.68 25.41 16.01
C PHE E 74 39.48 26.10 15.38
N GLU E 75 39.71 26.96 14.39
CA GLU E 75 38.59 27.49 13.62
C GLU E 75 37.89 26.38 12.86
N GLU E 76 38.64 25.63 12.06
CA GLU E 76 38.07 24.55 11.27
C GLU E 76 37.41 23.49 12.15
N PHE E 77 37.87 23.34 13.39
CA PHE E 77 37.33 22.34 14.31
C PHE E 77 35.91 22.71 14.75
N ILE E 78 35.77 23.82 15.47
CA ILE E 78 34.45 24.23 15.94
C ILE E 78 33.51 24.48 14.76
N THR E 79 34.00 25.19 13.74
CA THR E 79 33.18 25.46 12.55
C THR E 79 32.60 24.18 11.96
N GLY E 80 33.46 23.20 11.70
CA GLY E 80 33.00 21.98 11.04
C GLY E 80 32.00 21.21 11.88
N LEU E 81 32.19 21.19 13.20
CA LEU E 81 31.27 20.47 14.06
C LEU E 81 29.88 21.12 14.10
N SER E 82 29.77 22.42 13.79
CA SER E 82 28.53 23.16 14.03
C SER E 82 27.36 22.65 13.22
N ALA E 83 27.62 21.97 12.09
CA ALA E 83 26.53 21.48 11.27
C ALA E 83 25.86 20.22 11.82
N PHE E 84 26.36 19.69 12.94
CA PHE E 84 25.84 18.43 13.48
C PHE E 84 25.03 18.67 14.75
N LYS E 87 20.95 21.77 15.99
CA LYS E 87 20.19 23.01 15.86
C LYS E 87 20.48 23.68 14.53
N SER E 88 21.63 23.33 13.94
CA SER E 88 22.06 23.95 12.69
C SER E 88 21.06 23.70 11.57
N ASP E 89 20.87 24.70 10.72
CA ASP E 89 19.94 24.57 9.59
C ASP E 89 20.37 23.41 8.70
N ASN E 90 19.41 22.56 8.35
CA ASN E 90 19.70 21.34 7.58
C ASN E 90 20.54 21.60 6.33
N LEU E 91 20.63 22.85 5.86
CA LEU E 91 21.37 23.13 4.64
C LEU E 91 22.88 22.90 4.82
N ASN E 92 23.38 22.99 6.05
CA ASN E 92 24.81 22.77 6.27
C ASN E 92 25.16 21.29 6.31
N LYS E 93 24.28 20.46 6.87
CA LYS E 93 24.52 19.02 6.85
C LYS E 93 24.55 18.48 5.42
N LEU E 94 23.73 19.04 4.53
CA LEU E 94 23.78 18.66 3.12
C LEU E 94 25.12 19.05 2.49
N ARG E 95 25.59 20.29 2.73
CA ARG E 95 26.88 20.71 2.22
C ARG E 95 27.99 19.78 2.70
N PHE E 96 27.89 19.29 3.93
CA PHE E 96 28.87 18.33 4.42
C PHE E 96 28.80 17.04 3.62
N ALA E 97 27.61 16.44 3.57
CA ALA E 97 27.42 15.23 2.75
C ALA E 97 27.93 15.43 1.34
N PHE E 98 27.74 16.62 0.77
CA PHE E 98 28.22 16.88 -0.58
C PHE E 98 29.74 16.90 -0.62
N ASN E 99 30.38 17.47 0.41
CA ASN E 99 31.83 17.58 0.41
C ASN E 99 32.52 16.24 0.66
N ILE E 100 31.82 15.28 1.24
CA ILE E 100 32.44 13.98 1.44
C ILE E 100 32.75 13.33 0.10
N TYR E 101 31.93 13.59 -0.91
CA TYR E 101 32.19 13.07 -2.25
C TYR E 101 33.02 14.00 -3.11
N ASP E 102 32.96 15.31 -2.88
CA ASP E 102 33.65 16.32 -3.71
C ASP E 102 35.09 16.46 -3.20
N ILE E 103 35.95 15.57 -3.70
CA ILE E 103 37.30 15.43 -3.15
C ILE E 103 38.10 16.71 -3.33
N ASP E 104 38.12 17.25 -4.56
CA ASP E 104 38.92 18.43 -4.88
C ASP E 104 38.23 19.73 -4.55
N ARG E 105 37.08 19.67 -3.87
CA ARG E 105 36.42 20.86 -3.33
C ARG E 105 36.00 21.85 -4.41
N ASP E 106 35.86 21.41 -5.67
CA ASP E 106 35.49 22.30 -6.76
C ASP E 106 33.99 22.58 -6.86
N GLY E 107 33.17 22.00 -5.98
CA GLY E 107 31.74 22.21 -6.06
C GLY E 107 31.00 21.29 -7.01
N TYR E 108 31.70 20.42 -7.73
CA TYR E 108 31.08 19.41 -8.58
C TYR E 108 31.48 18.03 -8.11
N ILE E 109 30.53 17.10 -8.10
CA ILE E 109 30.82 15.69 -7.88
C ILE E 109 31.01 15.05 -9.25
N GLY E 110 32.25 14.71 -9.57
CA GLY E 110 32.54 14.07 -10.83
C GLY E 110 32.45 12.57 -10.74
N ASN E 111 32.34 11.94 -11.91
CA ASN E 111 32.21 10.48 -11.98
C ASN E 111 33.37 9.79 -11.25
N GLY E 112 34.60 10.14 -11.61
CA GLY E 112 35.75 9.49 -10.99
C GLY E 112 35.83 9.76 -9.50
N GLU E 113 35.52 10.99 -9.07
CA GLU E 113 35.43 11.27 -7.65
C GLU E 113 34.52 10.26 -6.95
N LEU E 114 33.33 10.04 -7.52
CA LEU E 114 32.33 9.16 -6.91
C LEU E 114 32.83 7.72 -6.87
N PHE E 115 33.41 7.25 -7.99
CA PHE E 115 33.95 5.89 -8.01
C PHE E 115 35.00 5.70 -6.93
N ILE E 116 35.83 6.71 -6.70
CA ILE E 116 36.89 6.60 -5.69
C ILE E 116 36.30 6.60 -4.29
N VAL E 117 35.43 7.56 -3.97
CA VAL E 117 34.86 7.59 -2.62
C VAL E 117 34.04 6.33 -2.36
N MET E 118 33.35 5.83 -3.39
CA MET E 118 32.58 4.60 -3.19
C MET E 118 33.50 3.41 -2.96
N LYS E 119 34.57 3.30 -3.75
CA LYS E 119 35.53 2.21 -3.62
C LYS E 119 36.14 2.14 -2.22
N MET E 120 36.08 3.24 -1.47
CA MET E 120 36.49 3.25 -0.06
C MET E 120 35.60 2.37 0.80
N MET E 121 34.32 2.24 0.46
CA MET E 121 33.38 1.54 1.33
C MET E 121 32.89 0.21 0.76
N VAL E 122 32.93 0.03 -0.56
CA VAL E 122 32.37 -1.17 -1.19
C VAL E 122 33.15 -2.40 -0.80
N GLY E 123 34.44 -2.26 -0.52
CA GLY E 123 35.23 -3.43 -0.23
C GLY E 123 35.43 -4.23 -1.50
N LYS E 124 35.26 -5.55 -1.38
CA LYS E 124 35.33 -6.44 -2.53
C LYS E 124 33.97 -7.03 -2.89
N ASN E 125 32.89 -6.34 -2.52
CA ASN E 125 31.52 -6.78 -2.79
C ASN E 125 31.03 -6.42 -4.18
N LEU E 126 31.87 -5.79 -4.98
CA LEU E 126 31.53 -5.37 -6.34
C LEU E 126 32.77 -5.46 -7.21
N LYS E 127 32.60 -5.99 -8.41
CA LYS E 127 33.60 -5.75 -9.44
C LYS E 127 33.65 -4.27 -9.77
N ASP E 128 34.85 -3.79 -10.11
CA ASP E 128 35.03 -2.42 -10.57
C ASP E 128 34.10 -2.10 -11.74
N GLU E 129 33.91 -3.07 -12.65
CA GLU E 129 32.97 -2.89 -13.75
C GLU E 129 31.56 -2.66 -13.23
N GLU E 130 31.16 -3.38 -12.18
CA GLU E 130 29.82 -3.20 -11.65
C GLU E 130 29.69 -1.87 -10.92
N LEU E 131 30.75 -1.46 -10.23
CA LEU E 131 30.69 -0.19 -9.52
C LEU E 131 30.64 0.99 -10.50
N GLN E 132 31.46 0.94 -11.55
CA GLN E 132 31.43 1.99 -12.56
C GLN E 132 30.06 2.11 -13.21
N GLN E 133 29.44 0.96 -13.52
CA GLN E 133 28.15 0.98 -14.19
C GLN E 133 27.06 1.61 -13.32
N ILE E 134 27.09 1.37 -12.01
CA ILE E 134 26.07 2.01 -11.18
C ILE E 134 26.46 3.45 -10.88
N VAL E 135 27.75 3.75 -10.73
CA VAL E 135 28.17 5.14 -10.68
C VAL E 135 27.65 5.88 -11.91
N ASP E 136 27.94 5.35 -13.09
CA ASP E 136 27.40 5.92 -14.34
C ASP E 136 25.91 6.22 -14.22
N LYS E 137 25.09 5.20 -13.95
CA LYS E 137 23.65 5.42 -13.94
C LYS E 137 23.23 6.39 -12.85
N THR E 138 23.93 6.41 -11.71
CA THR E 138 23.60 7.37 -10.66
C THR E 138 23.68 8.81 -11.19
N LEU E 139 24.80 9.14 -11.82
CA LEU E 139 25.00 10.49 -12.34
C LEU E 139 24.07 10.77 -13.52
N MET E 140 23.92 9.79 -14.41
CA MET E 140 23.06 10.00 -15.56
C MET E 140 21.63 10.28 -15.14
N GLU E 141 21.22 9.82 -13.96
CA GLU E 141 19.88 10.06 -13.42
C GLU E 141 19.75 11.35 -12.65
N ALA E 142 20.85 11.90 -12.13
CA ALA E 142 20.79 13.11 -11.32
C ALA E 142 21.32 14.34 -12.03
N ASP E 143 22.03 14.17 -13.15
CA ASP E 143 22.65 15.27 -13.91
C ASP E 143 21.59 15.96 -14.74
N LEU E 144 21.02 17.03 -14.21
CA LEU E 144 19.95 17.71 -14.92
C LEU E 144 20.49 18.51 -16.11
N ASP E 145 21.59 19.23 -15.93
CA ASP E 145 22.13 20.08 -16.99
C ASP E 145 23.03 19.34 -17.96
N GLY E 146 23.09 18.02 -17.89
CA GLY E 146 23.80 17.24 -18.90
C GLY E 146 25.26 17.56 -19.08
N ASP E 147 25.96 17.99 -18.03
CA ASP E 147 27.39 18.29 -18.10
C ASP E 147 28.28 17.14 -17.67
N GLY E 148 27.71 16.06 -17.12
CA GLY E 148 28.47 14.91 -16.69
C GLY E 148 28.79 14.87 -15.21
N LYS E 149 28.74 16.01 -14.52
CA LYS E 149 29.00 16.10 -13.08
C LYS E 149 27.74 16.54 -12.34
N LEU E 150 27.80 16.49 -11.01
CA LEU E 150 26.70 16.90 -10.14
C LEU E 150 27.11 18.11 -9.32
N ASN E 151 26.41 19.23 -9.52
CA ASN E 151 26.59 20.41 -8.69
C ASN E 151 25.72 20.27 -7.44
N PHE E 152 25.82 21.25 -6.54
CA PHE E 152 25.12 21.13 -5.25
C PHE E 152 23.60 21.09 -5.42
N GLU E 153 23.05 21.82 -6.39
CA GLU E 153 21.61 21.77 -6.58
C GLU E 153 21.18 20.39 -7.05
N GLU E 154 21.88 19.82 -8.03
CA GLU E 154 21.52 18.48 -8.51
C GLU E 154 21.67 17.43 -7.43
N PHE E 155 22.64 17.61 -6.53
CA PHE E 155 22.81 16.70 -5.40
C PHE E 155 21.69 16.86 -4.39
N LYS E 156 21.37 18.11 -4.04
CA LYS E 156 20.27 18.33 -3.11
C LYS E 156 19.00 17.69 -3.63
N ASN E 157 18.75 17.79 -4.93
CA ASN E 157 17.55 17.23 -5.52
C ASN E 157 17.56 15.71 -5.50
N ALA E 158 18.74 15.08 -5.57
CA ALA E 158 18.80 13.62 -5.72
C ALA E 158 18.74 12.87 -4.40
N VAL E 159 19.05 13.52 -3.28
CA VAL E 159 19.11 12.85 -2.00
C VAL E 159 17.87 13.21 -1.18
N ASN E 160 17.59 12.39 -0.17
CA ASN E 160 16.46 12.60 0.72
C ASN E 160 16.92 13.49 1.86
N THR E 161 16.41 14.73 1.89
CA THR E 161 16.84 15.68 2.91
C THR E 161 16.58 15.17 4.32
N ASP E 162 15.54 14.35 4.52
CA ASP E 162 15.25 13.81 5.85
C ASP E 162 16.31 12.79 6.26
N THR E 163 16.69 11.86 5.37
CA THR E 163 17.69 10.86 5.69
C THR E 163 19.02 11.50 6.11
N ILE E 164 19.37 12.63 5.51
CA ILE E 164 20.65 13.25 5.78
C ILE E 164 20.62 14.03 7.09
N ALA E 165 19.54 14.76 7.33
CA ALA E 165 19.46 15.54 8.56
C ALA E 165 19.34 14.64 9.78
N ASN E 166 18.64 13.51 9.65
CA ASN E 166 18.56 12.58 10.76
C ASN E 166 19.91 11.90 11.00
N THR E 167 20.66 11.60 9.94
CA THR E 167 21.94 10.93 10.11
C THR E 167 22.94 11.84 10.83
N LEU E 168 23.15 13.06 10.31
CA LEU E 168 24.17 13.97 10.81
C LEU E 168 23.65 14.72 12.04
N THR E 169 23.58 14.00 13.15
CA THR E 169 23.16 14.57 14.44
C THR E 169 23.75 13.80 15.63
N GLU F 7 17.43 -9.83 24.96
CA GLU F 7 17.00 -9.94 23.58
C GLU F 7 18.07 -10.62 22.72
N LEU F 8 17.62 -11.47 21.81
CA LEU F 8 18.50 -12.24 20.94
C LEU F 8 17.73 -12.58 19.67
N PRO F 9 18.43 -12.95 18.60
CA PRO F 9 17.73 -13.42 17.40
C PRO F 9 17.51 -14.92 17.44
N GLN F 10 16.36 -15.35 16.94
CA GLN F 10 16.06 -16.76 16.82
C GLN F 10 16.85 -17.36 15.65
N ILE F 11 17.61 -18.41 15.94
CA ILE F 11 18.41 -19.11 14.93
C ILE F 11 17.81 -20.48 14.72
N GLU F 12 17.52 -20.82 13.46
CA GLU F 12 17.01 -22.13 13.10
C GLU F 12 18.03 -22.80 12.18
N ILE F 13 18.55 -23.93 12.61
CA ILE F 13 19.58 -24.66 11.86
C ILE F 13 18.90 -25.53 10.82
N VAL F 14 19.14 -25.23 9.55
CA VAL F 14 18.60 -26.00 8.43
C VAL F 14 19.50 -27.19 8.09
N GLN F 15 20.80 -26.95 7.94
CA GLN F 15 21.77 -28.00 7.69
C GLN F 15 22.99 -27.77 8.57
N GLU F 16 23.38 -28.79 9.33
CA GLU F 16 24.51 -28.64 10.23
C GLU F 16 25.83 -28.63 9.46
N GLY F 17 26.77 -27.85 9.96
CA GLY F 17 28.10 -27.79 9.40
C GLY F 17 29.02 -28.80 10.04
N ASP F 18 30.31 -28.45 10.08
CA ASP F 18 31.31 -29.36 10.63
C ASP F 18 31.26 -29.43 12.15
N ASN F 19 30.44 -28.61 12.79
CA ASN F 19 30.26 -28.60 14.25
C ASN F 19 31.59 -28.44 14.98
N THR F 20 32.61 -27.89 14.30
CA THR F 20 33.92 -27.66 14.91
C THR F 20 34.36 -26.22 14.71
N THR F 21 34.33 -25.74 13.47
CA THR F 21 34.80 -24.39 13.17
C THR F 21 33.70 -23.40 13.52
N PHE F 22 33.76 -22.90 14.76
CA PHE F 22 32.92 -21.81 15.21
C PHE F 22 33.73 -20.52 15.18
N ALA F 23 33.11 -19.43 14.74
CA ALA F 23 33.79 -18.15 14.64
C ALA F 23 33.68 -17.38 15.95
N LYS F 24 34.77 -16.71 16.32
CA LYS F 24 34.87 -15.87 17.50
C LYS F 24 34.92 -14.40 17.11
N PRO F 25 34.70 -13.49 18.05
CA PRO F 25 34.82 -12.05 17.73
C PRO F 25 36.19 -11.73 17.16
N GLY F 26 36.20 -10.97 16.06
CA GLY F 26 37.42 -10.60 15.37
C GLY F 26 37.72 -11.41 14.13
N ASP F 27 37.13 -12.60 14.01
CA ASP F 27 37.34 -13.44 12.83
C ASP F 27 36.64 -12.85 11.61
N THR F 28 37.20 -13.15 10.44
CA THR F 28 36.55 -12.88 9.17
C THR F 28 35.71 -14.09 8.77
N VAL F 29 34.68 -13.83 7.98
CA VAL F 29 33.70 -14.83 7.64
C VAL F 29 33.32 -14.66 6.19
N THR F 30 32.97 -15.76 5.52
CA THR F 30 32.45 -15.70 4.17
C THR F 30 31.08 -16.37 4.15
N ILE F 31 30.07 -15.63 3.68
CA ILE F 31 28.67 -16.03 3.78
C ILE F 31 27.96 -15.71 2.47
N HIS F 32 27.19 -16.67 1.96
CA HIS F 32 26.15 -16.40 0.99
C HIS F 32 24.83 -16.24 1.73
N TYR F 33 24.14 -15.13 1.49
CA TYR F 33 22.89 -14.86 2.19
C TYR F 33 21.85 -14.33 1.24
N ASP F 34 20.59 -14.50 1.65
CA ASP F 34 19.48 -13.71 1.13
C ASP F 34 18.67 -13.18 2.30
N GLY F 35 18.05 -12.02 2.09
CA GLY F 35 17.34 -11.33 3.14
C GLY F 35 15.90 -11.01 2.81
N LYS F 36 14.97 -11.49 3.64
CA LYS F 36 13.54 -11.30 3.42
C LYS F 36 12.89 -10.68 4.65
N LEU F 37 11.85 -9.87 4.41
CA LEU F 37 10.96 -9.47 5.49
C LEU F 37 10.15 -10.67 5.97
N THR F 38 9.38 -10.48 7.05
CA THR F 38 8.61 -11.59 7.58
C THR F 38 7.54 -12.07 6.62
N ASN F 39 7.12 -11.22 5.68
CA ASN F 39 6.16 -11.58 4.65
C ASN F 39 6.81 -12.24 3.44
N GLY F 40 8.12 -12.46 3.47
CA GLY F 40 8.83 -13.15 2.42
C GLY F 40 9.37 -12.27 1.32
N LYS F 41 9.01 -10.99 1.31
CA LYS F 41 9.45 -10.04 0.29
C LYS F 41 10.97 -9.86 0.37
N GLU F 42 11.66 -10.10 -0.74
CA GLU F 42 13.12 -10.13 -0.71
C GLU F 42 13.71 -8.74 -0.90
N PHE F 43 14.72 -8.44 -0.10
CA PHE F 43 15.42 -7.17 -0.26
C PHE F 43 16.89 -7.32 -0.65
N ASP F 44 17.53 -8.46 -0.40
CA ASP F 44 18.91 -8.67 -0.86
C ASP F 44 19.19 -10.15 -0.96
N SER F 45 20.08 -10.50 -1.89
CA SER F 45 20.60 -11.86 -2.01
C SER F 45 22.03 -11.77 -2.54
N SER F 46 22.99 -12.32 -1.79
CA SER F 46 24.36 -12.29 -2.26
C SER F 46 24.57 -13.27 -3.42
N ARG F 47 23.82 -14.37 -3.45
CA ARG F 47 23.95 -15.30 -4.57
C ARG F 47 23.45 -14.68 -5.85
N LYS F 48 22.44 -13.81 -5.77
CA LYS F 48 21.94 -13.13 -6.96
C LYS F 48 23.00 -12.17 -7.51
N ARG F 49 23.85 -11.62 -6.65
CA ARG F 49 24.89 -10.69 -7.08
CA ARG F 49 24.88 -10.70 -7.11
C ARG F 49 26.15 -11.40 -7.53
N GLY F 50 26.40 -12.61 -7.01
CA GLY F 50 27.56 -13.38 -7.42
C GLY F 50 28.64 -13.53 -6.37
N LYS F 51 29.09 -12.42 -5.80
CA LYS F 51 30.20 -12.47 -4.87
C LYS F 51 29.70 -12.82 -3.47
N PRO F 52 30.25 -13.84 -2.82
CA PRO F 52 29.93 -14.07 -1.41
C PRO F 52 30.36 -12.89 -0.56
N PHE F 53 29.67 -12.73 0.57
CA PHE F 53 29.87 -11.59 1.44
C PHE F 53 30.90 -11.92 2.52
N THR F 54 31.86 -11.03 2.73
CA THR F 54 32.91 -11.24 3.71
C THR F 54 32.92 -10.06 4.67
N CYS F 55 32.99 -10.36 5.97
CA CYS F 55 32.97 -9.32 6.98
C CYS F 55 33.70 -9.80 8.22
N THR F 56 34.07 -8.84 9.06
CA THR F 56 34.64 -9.14 10.36
C THR F 56 33.52 -9.17 11.39
N VAL F 57 33.35 -10.32 12.04
CA VAL F 57 32.18 -10.56 12.89
C VAL F 57 32.54 -10.25 14.34
N GLY F 58 31.54 -9.79 15.09
CA GLY F 58 31.71 -9.55 16.51
C GLY F 58 32.27 -8.19 16.87
N VAL F 59 32.50 -7.32 15.89
CA VAL F 59 33.07 -6.01 16.13
C VAL F 59 32.03 -4.89 16.03
N GLY F 60 30.92 -5.11 15.33
CA GLY F 60 29.95 -4.05 15.11
C GLY F 60 29.89 -3.55 13.69
N GLN F 61 30.72 -4.08 12.78
CA GLN F 61 30.70 -3.67 11.39
C GLN F 61 29.51 -4.25 10.63
N VAL F 62 28.75 -5.13 11.27
CA VAL F 62 27.44 -5.56 10.79
C VAL F 62 26.43 -5.36 11.91
N ILE F 63 25.15 -5.49 11.57
CA ILE F 63 24.09 -5.31 12.55
C ILE F 63 24.21 -6.34 13.67
N LYS F 64 23.58 -6.04 14.80
CA LYS F 64 23.80 -6.86 15.99
C LYS F 64 23.34 -8.29 15.78
N GLY F 65 22.22 -8.50 15.09
CA GLY F 65 21.73 -9.85 14.86
C GLY F 65 22.76 -10.76 14.22
N TRP F 66 23.61 -10.20 13.35
CA TRP F 66 24.64 -11.00 12.71
C TRP F 66 25.82 -11.27 13.65
N ASP F 67 26.27 -10.24 14.36
CA ASP F 67 27.33 -10.44 15.35
C ASP F 67 26.94 -11.49 16.38
N ILE F 68 25.69 -11.44 16.86
CA ILE F 68 25.23 -12.41 17.84
C ILE F 68 25.13 -13.79 17.22
N SER F 69 24.52 -13.88 16.04
CA SER F 69 24.28 -15.18 15.41
C SER F 69 25.58 -15.91 15.12
N LEU F 70 26.62 -15.20 14.69
CA LEU F 70 27.82 -15.86 14.20
C LEU F 70 28.87 -16.10 15.28
N THR F 71 29.03 -15.16 16.22
CA THR F 71 29.96 -15.39 17.33
C THR F 71 29.29 -16.04 18.53
N ASN F 72 28.06 -16.55 18.38
CA ASN F 72 27.32 -17.19 19.45
C ASN F 72 27.22 -16.28 20.69
N ASN F 73 26.72 -15.06 20.47
CA ASN F 73 26.59 -14.05 21.53
C ASN F 73 27.91 -13.84 22.29
N TYR F 74 29.00 -13.73 21.53
CA TYR F 74 30.34 -13.44 22.07
C TYR F 74 30.75 -14.42 23.16
N PRO F 82 22.16 -20.93 20.04
CA PRO F 82 22.60 -22.06 19.19
C PRO F 82 23.78 -21.69 18.28
N LYS F 83 24.82 -22.53 18.30
CA LYS F 83 26.07 -22.24 17.60
C LYS F 83 25.93 -22.49 16.10
N ILE F 84 26.74 -21.76 15.32
CA ILE F 84 26.80 -21.91 13.86
C ILE F 84 28.24 -22.22 13.49
N SER F 85 28.43 -23.29 12.72
CA SER F 85 29.73 -23.79 12.31
C SER F 85 29.94 -23.59 10.82
N LYS F 86 31.17 -23.79 10.36
CA LYS F 86 31.45 -23.69 8.94
C LYS F 86 30.65 -24.75 8.18
N GLY F 87 30.02 -24.35 7.09
CA GLY F 87 29.19 -25.25 6.32
C GLY F 87 27.73 -25.25 6.71
N THR F 88 27.37 -24.53 7.76
CA THR F 88 26.00 -24.50 8.27
C THR F 88 25.11 -23.65 7.36
N LYS F 89 24.02 -24.23 6.87
CA LYS F 89 22.93 -23.46 6.29
C LYS F 89 21.92 -23.18 7.40
N ALA F 90 21.69 -21.90 7.70
CA ALA F 90 20.85 -21.54 8.85
C ALA F 90 19.82 -20.49 8.42
N ILE F 91 18.96 -20.11 9.37
CA ILE F 91 18.02 -19.02 9.19
C ILE F 91 18.05 -18.13 10.42
N LEU F 92 18.11 -16.82 10.19
CA LEU F 92 18.26 -15.83 11.26
C LEU F 92 17.01 -14.96 11.28
N THR F 93 16.26 -15.01 12.38
CA THR F 93 15.13 -14.12 12.59
C THR F 93 15.57 -13.05 13.59
N ILE F 94 15.67 -11.81 13.12
CA ILE F 94 16.32 -10.73 13.85
C ILE F 94 15.29 -9.63 14.08
N PRO F 95 15.06 -9.20 15.32
CA PRO F 95 14.00 -8.22 15.59
C PRO F 95 14.49 -6.80 15.30
N PRO F 96 13.57 -5.83 15.23
CA PRO F 96 13.99 -4.46 14.86
C PRO F 96 15.04 -3.85 15.78
N ASN F 97 14.96 -4.10 17.09
CA ASN F 97 15.97 -3.57 17.99
C ASN F 97 17.37 -4.08 17.64
N LEU F 98 17.47 -5.29 17.10
CA LEU F 98 18.75 -5.88 16.70
C LEU F 98 19.00 -5.78 15.20
N ALA F 99 18.26 -4.92 14.51
CA ALA F 99 18.48 -4.64 13.09
C ALA F 99 18.54 -3.13 12.89
N TYR F 100 17.51 -2.53 12.28
CA TYR F 100 17.52 -1.11 11.94
C TYR F 100 16.47 -0.29 12.69
N GLY F 101 15.99 -0.79 13.84
CA GLY F 101 15.14 -0.06 14.73
C GLY F 101 13.97 0.64 14.06
N PRO F 102 13.49 1.72 14.67
CA PRO F 102 12.34 2.44 14.12
C PRO F 102 12.66 3.31 12.93
N ARG F 103 13.94 3.50 12.61
CA ARG F 103 14.30 4.32 11.46
C ARG F 103 14.17 3.52 10.17
N GLY F 104 14.93 2.44 10.05
CA GLY F 104 14.96 1.65 8.84
C GLY F 104 15.94 2.19 7.81
N ILE F 105 16.10 1.43 6.74
CA ILE F 105 17.03 1.80 5.68
C ILE F 105 16.25 2.04 4.39
N PRO F 106 15.72 3.24 4.19
CA PRO F 106 14.91 3.50 3.00
C PRO F 106 15.77 3.42 1.75
N PRO F 107 15.22 2.92 0.64
CA PRO F 107 13.88 2.32 0.55
C PRO F 107 13.92 0.80 0.69
N ILE F 108 15.03 0.28 1.20
CA ILE F 108 15.21 -1.16 1.31
C ILE F 108 14.41 -1.72 2.48
N ILE F 109 14.63 -1.20 3.68
CA ILE F 109 14.03 -1.71 4.91
C ILE F 109 13.36 -0.57 5.67
N GLY F 110 12.12 -0.81 6.11
CA GLY F 110 11.30 0.23 6.70
C GLY F 110 11.38 0.26 8.21
N PRO F 111 10.53 1.06 8.84
CA PRO F 111 10.58 1.19 10.30
C PRO F 111 10.12 -0.08 11.00
N ASN F 112 10.89 -0.48 12.02
CA ASN F 112 10.52 -1.57 12.92
C ASN F 112 10.22 -2.87 12.16
N GLU F 113 11.13 -3.25 11.26
CA GLU F 113 11.05 -4.48 10.50
C GLU F 113 11.82 -5.60 11.19
N THR F 114 11.23 -6.79 11.21
CA THR F 114 11.90 -8.01 11.62
C THR F 114 12.49 -8.68 10.39
N LEU F 115 13.77 -9.00 10.43
CA LEU F 115 14.47 -9.46 9.24
C LEU F 115 14.70 -10.96 9.31
N VAL F 116 14.60 -11.63 8.17
CA VAL F 116 14.85 -13.06 8.07
C VAL F 116 15.97 -13.28 7.07
N PHE F 117 17.10 -13.82 7.56
CA PHE F 117 18.30 -14.05 6.77
C PHE F 117 18.55 -15.55 6.64
N GLU F 118 18.63 -16.02 5.41
CA GLU F 118 19.02 -17.40 5.11
C GLU F 118 20.51 -17.40 4.80
N VAL F 119 21.31 -17.91 5.73
CA VAL F 119 22.76 -17.80 5.64
C VAL F 119 23.37 -19.18 5.49
N GLU F 120 24.50 -19.24 4.77
CA GLU F 120 25.33 -20.43 4.67
C GLU F 120 26.75 -20.00 4.99
N LEU F 121 27.24 -20.38 6.16
CA LEU F 121 28.61 -20.02 6.54
C LEU F 121 29.57 -20.79 5.65
N LEU F 122 30.25 -20.08 4.75
CA LEU F 122 31.12 -20.72 3.78
C LEU F 122 32.56 -20.81 4.24
N GLY F 123 33.00 -19.94 5.15
CA GLY F 123 34.39 -19.95 5.56
C GLY F 123 34.65 -19.03 6.73
N VAL F 124 35.75 -19.31 7.44
CA VAL F 124 36.16 -18.53 8.59
C VAL F 124 37.66 -18.29 8.48
N ASN F 125 38.06 -17.02 8.45
CA ASN F 125 39.46 -16.64 8.28
C ASN F 125 40.09 -17.33 7.07
N GLY F 126 39.36 -17.28 5.95
CA GLY F 126 39.82 -17.86 4.71
C GLY F 126 39.59 -19.35 4.55
N GLN F 127 39.04 -20.03 5.55
CA GLN F 127 38.90 -21.48 5.51
C GLN F 127 37.94 -21.97 6.57
P PO4 G . -15.86 13.48 -4.47
O1 PO4 G . -14.56 12.93 -3.90
O2 PO4 G . -15.95 15.00 -4.39
O3 PO4 G . -16.98 12.86 -3.63
O4 PO4 G . -16.06 13.12 -5.92
ZN ZN H . -17.45 12.49 -7.47
FE FE I . -18.95 12.57 -4.40
C1 EDO J . -38.90 -9.45 -6.86
O1 EDO J . -39.48 -10.60 -6.25
C2 EDO J . -37.69 -9.88 -7.68
O2 EDO J . -37.25 -8.75 -8.44
CA CA K . -19.05 -11.47 33.18
CA CA L . -19.16 -16.58 23.16
CA CA M . -8.78 -9.05 48.74
C1 FK5 N . -5.93 12.71 22.06
C2 FK5 N . -5.98 13.48 20.76
C3 FK5 N . -6.10 14.98 21.02
C4 FK5 N . -7.51 15.40 21.44
C5 FK5 N . -8.61 14.79 20.57
C6 FK5 N . -8.47 13.27 20.37
C8 FK5 N . -6.82 12.43 18.76
C9 FK5 N . -7.79 12.01 17.85
C10 FK5 N . -8.33 10.58 17.87
C11 FK5 N . -7.22 9.58 18.22
C12 FK5 N . -7.78 8.20 18.60
C13 FK5 N . -8.93 8.37 19.58
C14 FK5 N . -9.95 9.28 18.94
C15 FK5 N . -11.21 9.48 19.77
C16 FK5 N . -10.86 9.79 21.23
C17 FK5 N . -12.01 10.38 22.07
C18 FK5 N . -12.85 9.22 22.61
C19 FK5 N . -12.23 8.67 23.87
C20 FK5 N . -11.38 7.48 23.80
C21 FK5 N . -10.58 6.97 24.95
C22 FK5 N . -9.23 7.62 24.88
C23 FK5 N . -9.01 8.94 25.60
C24 FK5 N . -7.69 9.61 25.24
C25 FK5 N . -7.82 10.50 24.02
C26 FK5 N . -6.49 11.02 23.50
C27 FK5 N . -5.60 9.83 23.30
C28 FK5 N . -4.44 9.68 24.19
C29 FK5 N . -3.55 8.49 24.08
C30 FK5 N . -2.13 8.87 24.44
C31 FK5 N . -1.21 7.67 24.24
C32 FK5 N . -1.69 6.48 25.06
C33 FK5 N . -3.17 6.18 24.86
C34 FK5 N . -4.03 7.42 25.05
C35 FK5 N . -6.19 9.49 17.09
C36 FK5 N . -12.89 11.39 21.33
C37 FK5 N . -12.53 9.34 25.17
C38 FK5 N . -10.39 5.47 24.82
C39 FK5 N . -11.71 4.80 24.54
C40 FK5 N . -12.56 4.31 25.63
C41 FK5 N . -8.74 11.67 24.35
C42 FK5 N . -5.88 8.83 22.23
C43 FK5 N . -8.82 6.37 20.88
C44 FK5 N . -13.06 8.58 18.71
C45 FK5 N . 0.85 8.69 23.70
N7 FK5 N . -7.09 13.02 19.91
O1 FK5 N . -6.65 11.70 22.26
O2 FK5 N . -5.06 13.15 23.04
O3 FK5 N . -5.47 12.19 18.49
O4 FK5 N . -8.28 12.92 16.91
O5 FK5 N . -9.37 10.54 18.81
O6 FK5 N . -8.86 10.24 16.58
O7 FK5 N . -9.51 7.12 19.89
O8 FK5 N . -12.01 8.33 19.64
O9 FK5 N . -8.24 6.95 24.16
O10 FK5 N . -7.32 10.47 26.30
O11 FK5 N . 0.08 8.02 24.68
O12 FK5 N . -0.93 5.35 24.69
P PO4 O . 7.07 -17.69 -10.65
O1 PO4 O . 6.82 -16.87 -9.40
O2 PO4 O . 7.61 -19.04 -10.18
O3 PO4 O . 8.08 -16.90 -11.46
O4 PO4 O . 5.87 -17.91 -11.54
ZN ZN P . 5.17 -18.15 -13.33
FE FE Q . 8.28 -17.45 -13.51
P PO4 R . 2.49 -13.77 -3.99
O1 PO4 R . 2.63 -13.32 -2.55
O2 PO4 R . 2.78 -12.60 -4.90
O3 PO4 R . 1.10 -14.31 -4.22
O4 PO4 R . 3.51 -14.85 -4.31
C1 EDO S . -5.56 5.46 -22.92
O1 EDO S . -5.71 6.11 -21.64
C2 EDO S . -6.65 5.95 -23.89
O2 EDO S . -6.11 6.90 -24.82
CA CA T . 35.04 17.55 -8.12
CA CA U . 25.40 18.64 -13.71
CA CA V . 43.85 23.76 8.29
CA CA W . 49.40 19.44 16.87
C1 FK5 X . 24.47 -5.36 7.41
C2 FK5 X . 23.66 -6.59 7.09
C3 FK5 X . 24.40 -7.84 7.55
C4 FK5 X . 25.51 -8.21 6.58
C5 FK5 X . 24.99 -8.36 5.15
C6 FK5 X . 24.34 -7.07 4.67
C8 FK5 X . 22.04 -6.42 5.26
C9 FK5 X . 21.65 -6.53 3.92
C10 FK5 X . 21.66 -5.35 2.95
C11 FK5 X . 21.29 -4.07 3.67
C12 FK5 X . 21.74 -2.81 2.93
C13 FK5 X . 23.14 -2.93 2.35
C14 FK5 X . 23.18 -4.19 1.51
C15 FK5 X . 24.51 -4.47 0.83
C16 FK5 X . 25.68 -4.33 1.82
C17 FK5 X . 27.03 -4.88 1.33
C18 FK5 X . 27.72 -3.85 0.44
C19 FK5 X . 28.26 -2.69 1.27
C20 FK5 X . 27.44 -1.51 1.53
C21 FK5 X . 27.92 -0.41 2.41
C22 FK5 X . 27.44 -0.63 3.81
C23 FK5 X . 28.20 -1.52 4.77
C24 FK5 X . 27.39 -1.83 6.02
C25 FK5 X . 26.59 -3.11 5.81
C26 FK5 X . 25.58 -3.42 6.91
C27 FK5 X . 24.73 -2.20 7.12
C28 FK5 X . 24.78 -1.51 8.40
C29 FK5 X . 23.95 -0.28 8.63
C30 FK5 X . 23.64 -0.22 10.12
C31 FK5 X . 22.91 1.09 10.47
C32 FK5 X . 23.68 2.31 10.03
C33 FK5 X . 23.96 2.24 8.53
C34 FK5 X . 24.73 0.96 8.20
C35 FK5 X . 19.79 -4.03 3.97
C36 FK5 X . 26.92 -6.23 0.62
C37 FK5 X . 29.64 -2.79 1.82
C38 FK5 X . 27.25 0.86 1.93
C39 FK5 X . 28.08 1.56 0.88
C40 FK5 X . 28.25 1.00 -0.48
C41 FK5 X . 27.55 -4.27 5.57
C42 FK5 X . 23.86 -1.66 6.02
C43 FK5 X . 23.51 -0.63 2.42
C44 FK5 X . 24.31 -4.41 -1.47
C45 FK5 X . 21.73 0.28 12.28
N7 FK5 X . 23.31 -6.68 5.65
O1 FK5 X . 24.81 -4.55 6.51
O2 FK5 X . 24.83 -5.13 8.75
O3 FK5 X . 21.11 -6.05 6.25
O4 FK5 X . 21.23 -7.77 3.39
O5 FK5 X . 22.96 -5.26 2.39
O6 FK5 X . 20.73 -5.64 1.88
O7 FK5 X . 23.43 -1.78 1.60
O8 FK5 X . 24.61 -3.66 -0.31
O9 FK5 X . 26.26 0.03 4.23
O10 FK5 X . 28.24 -1.99 7.14
O11 FK5 X . 22.74 1.17 11.86
O12 FK5 X . 22.89 3.42 10.35
#